data_3OIQ
# 
_entry.id   3OIQ 
# 
_audit_conform.dict_name       mmcif_pdbx.dic 
_audit_conform.dict_version    5.379 
_audit_conform.dict_location   http://mmcif.pdb.org/dictionaries/ascii/mmcif_pdbx.dic 
# 
loop_
_database_2.database_id 
_database_2.database_code 
_database_2.pdbx_database_accession 
_database_2.pdbx_DOI 
PDB   3OIQ         pdb_00003oiq 10.2210/pdb3oiq/pdb 
RCSB  RCSB061166   ?            ?                   
WWPDB D_1000061166 ?            ?                   
# 
_pdbx_database_related.db_name        PDB 
_pdbx_database_related.db_id          3OIP 
_pdbx_database_related.details        . 
_pdbx_database_related.content_type   unspecified 
# 
_pdbx_database_status.status_code                     REL 
_pdbx_database_status.entry_id                        3OIQ 
_pdbx_database_status.recvd_initial_deposition_date   2010-08-19 
_pdbx_database_status.deposit_site                    RCSB 
_pdbx_database_status.process_site                    RCSB 
_pdbx_database_status.status_code_sf                  REL 
_pdbx_database_status.status_code_mr                  ? 
_pdbx_database_status.SG_entry                        ? 
_pdbx_database_status.pdb_format_compatible           Y 
_pdbx_database_status.status_code_cs                  ? 
_pdbx_database_status.methods_development_category    ? 
_pdbx_database_status.status_code_nmr_data            ? 
# 
loop_
_audit_author.name 
_audit_author.pdbx_ordinal 
'Sun, J.'       1  
'Yang, Y.'      2  
'Wan, K.'       3  
'Mao, N.'       4  
'Yu, T.Y.'      5  
'Lin, Y.C.'     6  
'DeZwaan, D.C.' 7  
'Freeman, B.C.' 8  
'Lin, J.J.'     9  
'Lue, N.F.'     10 
'Lei, M.'       11 
# 
_citation.id                        primary 
_citation.title                     
;Structural bases of dimerization of yeast telomere protein Cdc13 and its interaction with the catalytic subunit of DNA polymerase alpha.
;
_citation.journal_abbrev            'Cell Res.' 
_citation.journal_volume            21 
_citation.page_first                258 
_citation.page_last                 274 
_citation.year                      2011 
_citation.journal_id_ASTM           ? 
_citation.country                   CN 
_citation.journal_id_ISSN           1001-0602 
_citation.journal_id_CSD            ? 
_citation.book_publisher            ? 
_citation.pdbx_database_id_PubMed   20877309 
_citation.pdbx_database_id_DOI      10.1038/cr.2010.138 
# 
loop_
_citation_author.citation_id 
_citation_author.name 
_citation_author.ordinal 
_citation_author.identifier_ORCID 
primary 'Sun, J.'       1  ? 
primary 'Yang, Y.'      2  ? 
primary 'Wan, K.'       3  ? 
primary 'Mao, N.'       4  ? 
primary 'Yu, T.Y.'      5  ? 
primary 'Lin, Y.C.'     6  ? 
primary 'DeZwaan, D.C.' 7  ? 
primary 'Freeman, B.C.' 8  ? 
primary 'Lin, J.J.'     9  ? 
primary 'Lue, N.F.'     10 ? 
primary 'Lei, M.'       11 ? 
# 
_cell.entry_id           3OIQ 
_cell.length_a           58.698 
_cell.length_b           72.169 
_cell.length_c           57.046 
_cell.angle_alpha        90.00 
_cell.angle_beta         90.00 
_cell.angle_gamma        90.00 
_cell.Z_PDB              4 
_cell.pdbx_unique_axis   ? 
_cell.length_a_esd       ? 
_cell.length_b_esd       ? 
_cell.length_c_esd       ? 
_cell.angle_alpha_esd    ? 
_cell.angle_beta_esd     ? 
_cell.angle_gamma_esd    ? 
# 
_symmetry.entry_id                         3OIQ 
_symmetry.space_group_name_H-M             'P 21 21 2' 
_symmetry.pdbx_full_space_group_name_H-M   ? 
_symmetry.cell_setting                     ? 
_symmetry.Int_Tables_number                18 
_symmetry.space_group_name_Hall            ? 
# 
loop_
_entity.id 
_entity.type 
_entity.src_method 
_entity.pdbx_description 
_entity.formula_weight 
_entity.pdbx_number_of_molecules 
_entity.pdbx_ec 
_entity.pdbx_mutation 
_entity.pdbx_fragment 
_entity.details 
1 polymer man 'Cell division control protein 13'         26596.436 1  ? ? ? ? 
2 polymer man 'DNA polymerase alpha catalytic subunit A' 4116.635  1  ? ? ? ? 
3 water   nat water                                      18.015    34 ? ? ? ? 
# 
loop_
_entity_poly.entity_id 
_entity_poly.type 
_entity_poly.nstd_linkage 
_entity_poly.nstd_monomer 
_entity_poly.pdbx_seq_one_letter_code 
_entity_poly.pdbx_seq_one_letter_code_can 
_entity_poly.pdbx_strand_id 
_entity_poly.pdbx_target_identifier 
1 'polypeptide(L)' no no 
;AHKNRIFVSSSKDFEGYPSKAIVPVQFVALLTSIHLTETKCLLGFSNFERRGDQSQEDQYLIKLKFKDRGSERLARITIS
LLCQYFDIELPDLDSDSGASPTVILRDIHLERLCFSSCKALYVSKHGNYTLFLEDIKPLDLVSVISTISTKSTNSSKHSS
SELISECDLNNSLVDIFNNLIEMNRDEKNRFKFVKLIHYDIELKKFVQDQQKVLSQKSKAAAINPFFVPNRLG
;
;AHKNRIFVSSSKDFEGYPSKAIVPVQFVALLTSIHLTETKCLLGFSNFERRGDQSQEDQYLIKLKFKDRGSERLARITIS
LLCQYFDIELPDLDSDSGASPTVILRDIHLERLCFSSCKALYVSKHGNYTLFLEDIKPLDLVSVISTISTKSTNSSKHSS
SELISECDLNNSLVDIFNNLIEMNRDEKNRFKFVKLIHYDIELKKFVQDQQKVLSQKSKAAAINPFFVPNRLG
;
A ? 
2 'polypeptide(L)' no no SPLKLQSRKLRYANDVQDLLDDVENSPVVATKRQNV SPLKLQSRKLRYANDVQDLLDDVENSPVVATKRQNV B ? 
# 
loop_
_entity_poly_seq.entity_id 
_entity_poly_seq.num 
_entity_poly_seq.mon_id 
_entity_poly_seq.hetero 
1 1   ALA n 
1 2   HIS n 
1 3   LYS n 
1 4   ASN n 
1 5   ARG n 
1 6   ILE n 
1 7   PHE n 
1 8   VAL n 
1 9   SER n 
1 10  SER n 
1 11  SER n 
1 12  LYS n 
1 13  ASP n 
1 14  PHE n 
1 15  GLU n 
1 16  GLY n 
1 17  TYR n 
1 18  PRO n 
1 19  SER n 
1 20  LYS n 
1 21  ALA n 
1 22  ILE n 
1 23  VAL n 
1 24  PRO n 
1 25  VAL n 
1 26  GLN n 
1 27  PHE n 
1 28  VAL n 
1 29  ALA n 
1 30  LEU n 
1 31  LEU n 
1 32  THR n 
1 33  SER n 
1 34  ILE n 
1 35  HIS n 
1 36  LEU n 
1 37  THR n 
1 38  GLU n 
1 39  THR n 
1 40  LYS n 
1 41  CYS n 
1 42  LEU n 
1 43  LEU n 
1 44  GLY n 
1 45  PHE n 
1 46  SER n 
1 47  ASN n 
1 48  PHE n 
1 49  GLU n 
1 50  ARG n 
1 51  ARG n 
1 52  GLY n 
1 53  ASP n 
1 54  GLN n 
1 55  SER n 
1 56  GLN n 
1 57  GLU n 
1 58  ASP n 
1 59  GLN n 
1 60  TYR n 
1 61  LEU n 
1 62  ILE n 
1 63  LYS n 
1 64  LEU n 
1 65  LYS n 
1 66  PHE n 
1 67  LYS n 
1 68  ASP n 
1 69  ARG n 
1 70  GLY n 
1 71  SER n 
1 72  GLU n 
1 73  ARG n 
1 74  LEU n 
1 75  ALA n 
1 76  ARG n 
1 77  ILE n 
1 78  THR n 
1 79  ILE n 
1 80  SER n 
1 81  LEU n 
1 82  LEU n 
1 83  CYS n 
1 84  GLN n 
1 85  TYR n 
1 86  PHE n 
1 87  ASP n 
1 88  ILE n 
1 89  GLU n 
1 90  LEU n 
1 91  PRO n 
1 92  ASP n 
1 93  LEU n 
1 94  ASP n 
1 95  SER n 
1 96  ASP n 
1 97  SER n 
1 98  GLY n 
1 99  ALA n 
1 100 SER n 
1 101 PRO n 
1 102 THR n 
1 103 VAL n 
1 104 ILE n 
1 105 LEU n 
1 106 ARG n 
1 107 ASP n 
1 108 ILE n 
1 109 HIS n 
1 110 LEU n 
1 111 GLU n 
1 112 ARG n 
1 113 LEU n 
1 114 CYS n 
1 115 PHE n 
1 116 SER n 
1 117 SER n 
1 118 CYS n 
1 119 LYS n 
1 120 ALA n 
1 121 LEU n 
1 122 TYR n 
1 123 VAL n 
1 124 SER n 
1 125 LYS n 
1 126 HIS n 
1 127 GLY n 
1 128 ASN n 
1 129 TYR n 
1 130 THR n 
1 131 LEU n 
1 132 PHE n 
1 133 LEU n 
1 134 GLU n 
1 135 ASP n 
1 136 ILE n 
1 137 LYS n 
1 138 PRO n 
1 139 LEU n 
1 140 ASP n 
1 141 LEU n 
1 142 VAL n 
1 143 SER n 
1 144 VAL n 
1 145 ILE n 
1 146 SER n 
1 147 THR n 
1 148 ILE n 
1 149 SER n 
1 150 THR n 
1 151 LYS n 
1 152 SER n 
1 153 THR n 
1 154 ASN n 
1 155 SER n 
1 156 SER n 
1 157 LYS n 
1 158 HIS n 
1 159 SER n 
1 160 SER n 
1 161 SER n 
1 162 GLU n 
1 163 LEU n 
1 164 ILE n 
1 165 SER n 
1 166 GLU n 
1 167 CYS n 
1 168 ASP n 
1 169 LEU n 
1 170 ASN n 
1 171 ASN n 
1 172 SER n 
1 173 LEU n 
1 174 VAL n 
1 175 ASP n 
1 176 ILE n 
1 177 PHE n 
1 178 ASN n 
1 179 ASN n 
1 180 LEU n 
1 181 ILE n 
1 182 GLU n 
1 183 MET n 
1 184 ASN n 
1 185 ARG n 
1 186 ASP n 
1 187 GLU n 
1 188 LYS n 
1 189 ASN n 
1 190 ARG n 
1 191 PHE n 
1 192 LYS n 
1 193 PHE n 
1 194 VAL n 
1 195 LYS n 
1 196 LEU n 
1 197 ILE n 
1 198 HIS n 
1 199 TYR n 
1 200 ASP n 
1 201 ILE n 
1 202 GLU n 
1 203 LEU n 
1 204 LYS n 
1 205 LYS n 
1 206 PHE n 
1 207 VAL n 
1 208 GLN n 
1 209 ASP n 
1 210 GLN n 
1 211 GLN n 
1 212 LYS n 
1 213 VAL n 
1 214 LEU n 
1 215 SER n 
1 216 GLN n 
1 217 LYS n 
1 218 SER n 
1 219 LYS n 
1 220 ALA n 
1 221 ALA n 
1 222 ALA n 
1 223 ILE n 
1 224 ASN n 
1 225 PRO n 
1 226 PHE n 
1 227 PHE n 
1 228 VAL n 
1 229 PRO n 
1 230 ASN n 
1 231 ARG n 
1 232 LEU n 
1 233 GLY n 
2 1   SER n 
2 2   PRO n 
2 3   LEU n 
2 4   LYS n 
2 5   LEU n 
2 6   GLN n 
2 7   SER n 
2 8   ARG n 
2 9   LYS n 
2 10  LEU n 
2 11  ARG n 
2 12  TYR n 
2 13  ALA n 
2 14  ASN n 
2 15  ASP n 
2 16  VAL n 
2 17  GLN n 
2 18  ASP n 
2 19  LEU n 
2 20  LEU n 
2 21  ASP n 
2 22  ASP n 
2 23  VAL n 
2 24  GLU n 
2 25  ASN n 
2 26  SER n 
2 27  PRO n 
2 28  VAL n 
2 29  VAL n 
2 30  ALA n 
2 31  THR n 
2 32  LYS n 
2 33  ARG n 
2 34  GLN n 
2 35  ASN n 
2 36  VAL n 
# 
loop_
_entity_src_gen.entity_id 
_entity_src_gen.pdbx_src_id 
_entity_src_gen.pdbx_alt_source_flag 
_entity_src_gen.pdbx_seq_type 
_entity_src_gen.pdbx_beg_seq_num 
_entity_src_gen.pdbx_end_seq_num 
_entity_src_gen.gene_src_common_name 
_entity_src_gen.gene_src_genus 
_entity_src_gen.pdbx_gene_src_gene 
_entity_src_gen.gene_src_species 
_entity_src_gen.gene_src_strain 
_entity_src_gen.gene_src_tissue 
_entity_src_gen.gene_src_tissue_fraction 
_entity_src_gen.gene_src_details 
_entity_src_gen.pdbx_gene_src_fragment 
_entity_src_gen.pdbx_gene_src_scientific_name 
_entity_src_gen.pdbx_gene_src_ncbi_taxonomy_id 
_entity_src_gen.pdbx_gene_src_variant 
_entity_src_gen.pdbx_gene_src_cell_line 
_entity_src_gen.pdbx_gene_src_atcc 
_entity_src_gen.pdbx_gene_src_organ 
_entity_src_gen.pdbx_gene_src_organelle 
_entity_src_gen.pdbx_gene_src_cell 
_entity_src_gen.pdbx_gene_src_cellular_location 
_entity_src_gen.host_org_common_name 
_entity_src_gen.pdbx_host_org_scientific_name 
_entity_src_gen.pdbx_host_org_ncbi_taxonomy_id 
_entity_src_gen.host_org_genus 
_entity_src_gen.pdbx_host_org_gene 
_entity_src_gen.pdbx_host_org_organ 
_entity_src_gen.host_org_species 
_entity_src_gen.pdbx_host_org_tissue 
_entity_src_gen.pdbx_host_org_tissue_fraction 
_entity_src_gen.pdbx_host_org_strain 
_entity_src_gen.pdbx_host_org_variant 
_entity_src_gen.pdbx_host_org_cell_line 
_entity_src_gen.pdbx_host_org_atcc 
_entity_src_gen.pdbx_host_org_culture_collection 
_entity_src_gen.pdbx_host_org_cell 
_entity_src_gen.pdbx_host_org_organelle 
_entity_src_gen.pdbx_host_org_cellular_location 
_entity_src_gen.pdbx_host_org_vector_type 
_entity_src_gen.pdbx_host_org_vector 
_entity_src_gen.host_org_details 
_entity_src_gen.expression_system_id 
_entity_src_gen.plasmid_name 
_entity_src_gen.plasmid_details 
_entity_src_gen.pdbx_description 
1 1 sample ? ? ? 
;brewer's yeast,lager beer yeast,yeast
;
? 'CDC13, YDL220C' ? ? ? ? ? ? 'Saccharomyces cerevisiae' 4932 ? ? ? ? ? ? ? ? 'Escherichia coli' 562 ? ? ? ? ? ? ? ? ? ? ? ? ? ? 
? ? ? ? ? ? ? 
2 1 sample ? ? ? 
;brewer's yeast,lager beer yeast,yeast
;
? ?                ? ? ? ? ? ? 'Saccharomyces cerevisiae' 4932 ? ? ? ? ? ? ? ? 'Escherichia coli' 562 ? ? ? ? ? ? ? ? ? ? ? ? ? ? 
? ? ? ? ? ? ? 
# 
loop_
_struct_ref.id 
_struct_ref.db_name 
_struct_ref.db_code 
_struct_ref.pdbx_db_accession 
_struct_ref.entity_id 
_struct_ref.pdbx_seq_one_letter_code 
_struct_ref.pdbx_align_begin 
_struct_ref.pdbx_db_isoform 
1 UNP CDC13_YEAST P32797 1 
;HKNRIFVSSSKDFEGYPSKAIVPVQFVALLTSIHLTETKCLLGFSNFERRGDQSQEDQYLIKLKFKDRGSERLARITISL
LCQYFDIELPDLDSDSGASPTVILRDIHLERLCFSSCKALYVSKHGNYTLFLEDIKPLDLVSVISTISTKSTNSSKHSSS
ELISECDLNNSLVDIFNNLIEMNRDEKNRFKFVKLIHYDIELKKFVQDQQKVLSQKSKAAAINPFFVPNRLG
;
12  ? 
2 UNP DPOA_YEAST  P13382 2 SPLKLQSRKLRYANDVQDLLDDVENSPVVATKRQNV 215 ? 
# 
loop_
_struct_ref_seq.align_id 
_struct_ref_seq.ref_id 
_struct_ref_seq.pdbx_PDB_id_code 
_struct_ref_seq.pdbx_strand_id 
_struct_ref_seq.seq_align_beg 
_struct_ref_seq.pdbx_seq_align_beg_ins_code 
_struct_ref_seq.seq_align_end 
_struct_ref_seq.pdbx_seq_align_end_ins_code 
_struct_ref_seq.pdbx_db_accession 
_struct_ref_seq.db_align_beg 
_struct_ref_seq.pdbx_db_align_beg_ins_code 
_struct_ref_seq.db_align_end 
_struct_ref_seq.pdbx_db_align_end_ins_code 
_struct_ref_seq.pdbx_auth_seq_align_beg 
_struct_ref_seq.pdbx_auth_seq_align_end 
1 1 3OIQ A 2 ? 233 ? P32797 12  ? 243 ? 12  243 
2 2 3OIQ B 1 ? 36  ? P13382 215 ? 250 ? 215 250 
# 
_struct_ref_seq_dif.align_id                     1 
_struct_ref_seq_dif.pdbx_pdb_id_code             3OIQ 
_struct_ref_seq_dif.mon_id                       ALA 
_struct_ref_seq_dif.pdbx_pdb_strand_id           A 
_struct_ref_seq_dif.seq_num                      1 
_struct_ref_seq_dif.pdbx_pdb_ins_code            ? 
_struct_ref_seq_dif.pdbx_seq_db_name             UNP 
_struct_ref_seq_dif.pdbx_seq_db_accession_code   P32797 
_struct_ref_seq_dif.db_mon_id                    ? 
_struct_ref_seq_dif.pdbx_seq_db_seq_num          ? 
_struct_ref_seq_dif.details                      'expression tag' 
_struct_ref_seq_dif.pdbx_auth_seq_num            11 
_struct_ref_seq_dif.pdbx_ordinal                 1 
# 
loop_
_chem_comp.id 
_chem_comp.type 
_chem_comp.mon_nstd_flag 
_chem_comp.name 
_chem_comp.pdbx_synonyms 
_chem_comp.formula 
_chem_comp.formula_weight 
ALA 'L-peptide linking' y ALANINE         ? 'C3 H7 N O2'     89.093  
ARG 'L-peptide linking' y ARGININE        ? 'C6 H15 N4 O2 1' 175.209 
ASN 'L-peptide linking' y ASPARAGINE      ? 'C4 H8 N2 O3'    132.118 
ASP 'L-peptide linking' y 'ASPARTIC ACID' ? 'C4 H7 N O4'     133.103 
CYS 'L-peptide linking' y CYSTEINE        ? 'C3 H7 N O2 S'   121.158 
GLN 'L-peptide linking' y GLUTAMINE       ? 'C5 H10 N2 O3'   146.144 
GLU 'L-peptide linking' y 'GLUTAMIC ACID' ? 'C5 H9 N O4'     147.129 
GLY 'peptide linking'   y GLYCINE         ? 'C2 H5 N O2'     75.067  
HIS 'L-peptide linking' y HISTIDINE       ? 'C6 H10 N3 O2 1' 156.162 
HOH non-polymer         . WATER           ? 'H2 O'           18.015  
ILE 'L-peptide linking' y ISOLEUCINE      ? 'C6 H13 N O2'    131.173 
LEU 'L-peptide linking' y LEUCINE         ? 'C6 H13 N O2'    131.173 
LYS 'L-peptide linking' y LYSINE          ? 'C6 H15 N2 O2 1' 147.195 
MET 'L-peptide linking' y METHIONINE      ? 'C5 H11 N O2 S'  149.211 
PHE 'L-peptide linking' y PHENYLALANINE   ? 'C9 H11 N O2'    165.189 
PRO 'L-peptide linking' y PROLINE         ? 'C5 H9 N O2'     115.130 
SER 'L-peptide linking' y SERINE          ? 'C3 H7 N O3'     105.093 
THR 'L-peptide linking' y THREONINE       ? 'C4 H9 N O3'     119.119 
TYR 'L-peptide linking' y TYROSINE        ? 'C9 H11 N O3'    181.189 
VAL 'L-peptide linking' y VALINE          ? 'C5 H11 N O2'    117.146 
# 
_exptl.entry_id          3OIQ 
_exptl.method            'X-RAY DIFFRACTION' 
_exptl.crystals_number   1 
# 
_exptl_crystal.id                    1 
_exptl_crystal.density_meas          ? 
_exptl_crystal.density_Matthews      1.97 
_exptl_crystal.density_percent_sol   37.47 
_exptl_crystal.description           ? 
_exptl_crystal.F_000                 ? 
_exptl_crystal.preparation           ? 
# 
_exptl_crystal_grow.crystal_id      1 
_exptl_crystal_grow.method          'VAPOR DIFFUSION, SITTING DROP' 
_exptl_crystal_grow.temp            277 
_exptl_crystal_grow.temp_details    ? 
_exptl_crystal_grow.pH              8.0 
_exptl_crystal_grow.pdbx_details    
'23% PEG3350, 0.2M Magnisium formate, 0.1M Tris-HCl, 5mM DTT, pH 8.0, VAPOR DIFFUSION, SITTING DROP, temperature 277K' 
_exptl_crystal_grow.pdbx_pH_range   ? 
# 
_diffrn.id                     1 
_diffrn.ambient_temp           100 
_diffrn.ambient_temp_details   ? 
_diffrn.crystal_id             1 
# 
_diffrn_detector.diffrn_id              1 
_diffrn_detector.detector               'IMAGE PLATE' 
_diffrn_detector.type                   'MAR scanner 300 mm plate' 
_diffrn_detector.pdbx_collection_date   2010-04-22 
_diffrn_detector.details                ? 
# 
_diffrn_radiation.diffrn_id                        1 
_diffrn_radiation.wavelength_id                    1 
_diffrn_radiation.pdbx_monochromatic_or_laue_m_l   M 
_diffrn_radiation.monochromator                    GRAPHITE 
_diffrn_radiation.pdbx_diffrn_protocol             'SINGLE WAVELENGTH' 
_diffrn_radiation.pdbx_scattering_type             x-ray 
# 
_diffrn_radiation_wavelength.id           1 
_diffrn_radiation_wavelength.wavelength   1.07820 
_diffrn_radiation_wavelength.wt           1.0 
# 
_diffrn_source.diffrn_id                   1 
_diffrn_source.source                      SYNCHROTRON 
_diffrn_source.type                        'APS BEAMLINE 23-ID-D' 
_diffrn_source.pdbx_synchrotron_site       APS 
_diffrn_source.pdbx_synchrotron_beamline   23-ID-D 
_diffrn_source.pdbx_wavelength             1.07820 
_diffrn_source.pdbx_wavelength_list        ? 
# 
_reflns.entry_id                     3OIQ 
_reflns.observed_criterion_sigma_I   0 
_reflns.observed_criterion_sigma_F   0 
_reflns.d_resolution_low             100 
_reflns.d_resolution_high            2.4 
_reflns.number_obs                   9731 
_reflns.number_all                   9997 
_reflns.percent_possible_obs         97.3 
_reflns.pdbx_Rmerge_I_obs            ? 
_reflns.pdbx_Rsym_value              ? 
_reflns.pdbx_netI_over_sigmaI        ? 
_reflns.B_iso_Wilson_estimate        ? 
_reflns.pdbx_redundancy              ? 
_reflns.R_free_details               ? 
_reflns.limit_h_max                  ? 
_reflns.limit_h_min                  ? 
_reflns.limit_k_max                  ? 
_reflns.limit_k_min                  ? 
_reflns.limit_l_max                  ? 
_reflns.limit_l_min                  ? 
_reflns.observed_criterion_F_max     ? 
_reflns.observed_criterion_F_min     ? 
_reflns.pdbx_chi_squared             ? 
_reflns.pdbx_scaling_rejects         ? 
_reflns.pdbx_diffrn_id               1 
_reflns.pdbx_ordinal                 1 
# 
_refine.entry_id                                 3OIQ 
_refine.ls_number_reflns_obs                     9689 
_refine.ls_number_reflns_all                     9946 
_refine.pdbx_ls_sigma_I                          ? 
_refine.pdbx_ls_sigma_F                          0 
_refine.pdbx_data_cutoff_high_absF               ? 
_refine.pdbx_data_cutoff_low_absF                ? 
_refine.pdbx_data_cutoff_high_rms_absF           ? 
_refine.ls_d_res_low                             50 
_refine.ls_d_res_high                            2.4 
_refine.ls_percent_reflns_obs                    ? 
_refine.ls_R_factor_obs                          ? 
_refine.ls_R_factor_all                          ? 
_refine.ls_R_factor_R_work                       0.2267 
_refine.ls_R_factor_R_free                       0.2725 
_refine.ls_R_factor_R_free_error                 ? 
_refine.ls_R_factor_R_free_error_details         ? 
_refine.ls_percent_reflns_R_free                 ? 
_refine.ls_number_reflns_R_free                  1000 
_refine.ls_number_parameters                     ? 
_refine.ls_number_restraints                     ? 
_refine.occupancy_min                            ? 
_refine.occupancy_max                            ? 
_refine.correlation_coeff_Fo_to_Fc               ? 
_refine.correlation_coeff_Fo_to_Fc_free          ? 
_refine.B_iso_mean                               ? 
_refine.aniso_B[1][1]                            ? 
_refine.aniso_B[2][2]                            ? 
_refine.aniso_B[3][3]                            ? 
_refine.aniso_B[1][2]                            ? 
_refine.aniso_B[1][3]                            ? 
_refine.aniso_B[2][3]                            ? 
_refine.solvent_model_details                    ? 
_refine.solvent_model_param_ksol                 ? 
_refine.solvent_model_param_bsol                 ? 
_refine.pdbx_solvent_vdw_probe_radii             ? 
_refine.pdbx_solvent_ion_probe_radii             ? 
_refine.pdbx_solvent_shrinkage_radii             ? 
_refine.pdbx_ls_cross_valid_method               ? 
_refine.details                                  ? 
_refine.pdbx_starting_model                      'PDB ENTRY 3OIP' 
_refine.pdbx_method_to_determine_struct          'MOLECULAR REPLACEMENT' 
_refine.pdbx_isotropic_thermal_model             ? 
_refine.pdbx_stereochemistry_target_values       'Engh & Huber' 
_refine.pdbx_stereochem_target_val_spec_case     ? 
_refine.pdbx_R_Free_selection_details            RANDOM 
_refine.pdbx_overall_ESU_R_Free                  ? 
_refine.overall_SU_ML                            ? 
_refine.overall_SU_B                             ? 
_refine.overall_SU_R_Cruickshank_DPI             ? 
_refine.ls_redundancy_reflns_obs                 ? 
_refine.B_iso_min                                ? 
_refine.B_iso_max                                ? 
_refine.overall_SU_R_free                        ? 
_refine.ls_wR_factor_R_free                      ? 
_refine.ls_wR_factor_R_work                      ? 
_refine.overall_FOM_free_R_set                   ? 
_refine.overall_FOM_work_R_set                   ? 
_refine.pdbx_overall_phase_error                 ? 
_refine.pdbx_refine_id                           'X-RAY DIFFRACTION' 
_refine.pdbx_overall_ESU_R                       ? 
_refine.pdbx_diffrn_id                           1 
_refine.pdbx_TLS_residual_ADP_flag               ? 
_refine.pdbx_overall_SU_R_free_Cruickshank_DPI   ? 
_refine.pdbx_overall_SU_R_Blow_DPI               ? 
_refine.pdbx_overall_SU_R_free_Blow_DPI          ? 
# 
_refine_hist.pdbx_refine_id                   'X-RAY DIFFRACTION' 
_refine_hist.cycle_id                         LAST 
_refine_hist.pdbx_number_atoms_protein        1739 
_refine_hist.pdbx_number_atoms_nucleic_acid   0 
_refine_hist.pdbx_number_atoms_ligand         0 
_refine_hist.number_atoms_solvent             34 
_refine_hist.number_atoms_total               1773 
_refine_hist.d_res_high                       2.4 
_refine_hist.d_res_low                        50 
# 
loop_
_refine_ls_restr.type 
_refine_ls_restr.dev_ideal 
_refine_ls_restr.dev_ideal_target 
_refine_ls_restr.weight 
_refine_ls_restr.number 
_refine_ls_restr.pdbx_refine_id 
_refine_ls_restr.pdbx_restraint_function 
c_bond_d    0.004950 ? ? ? 'X-RAY DIFFRACTION' ? 
c_angle_deg 1.00164  ? ? ? 'X-RAY DIFFRACTION' ? 
# 
_struct.entry_id                  3OIQ 
_struct.title                     
'Crystal structure of yeast telomere protein Cdc13 OB1 and the catalytic subunit of DNA polymerase alpha Pol1' 
_struct.pdbx_model_details        ? 
_struct.pdbx_CASP_flag            ? 
_struct.pdbx_model_type_details   ? 
# 
_struct_keywords.entry_id        3OIQ 
_struct_keywords.pdbx_keywords   'PROTEIN BINDING' 
_struct_keywords.text            'OB fold, dimer, dimeric complex, PROTEIN BINDING' 
# 
loop_
_struct_asym.id 
_struct_asym.pdbx_blank_PDB_chainid_flag 
_struct_asym.pdbx_modified 
_struct_asym.entity_id 
_struct_asym.details 
A N N 1 ? 
B N N 2 ? 
C N N 3 ? 
D N N 3 ? 
# 
_struct_biol.id        1 
_struct_biol.details   ? 
# 
loop_
_struct_conf.conf_type_id 
_struct_conf.id 
_struct_conf.pdbx_PDB_helix_id 
_struct_conf.beg_label_comp_id 
_struct_conf.beg_label_asym_id 
_struct_conf.beg_label_seq_id 
_struct_conf.pdbx_beg_PDB_ins_code 
_struct_conf.end_label_comp_id 
_struct_conf.end_label_asym_id 
_struct_conf.end_label_seq_id 
_struct_conf.pdbx_end_PDB_ins_code 
_struct_conf.beg_auth_comp_id 
_struct_conf.beg_auth_asym_id 
_struct_conf.beg_auth_seq_id 
_struct_conf.end_auth_comp_id 
_struct_conf.end_auth_asym_id 
_struct_conf.end_auth_seq_id 
_struct_conf.pdbx_PDB_helix_class 
_struct_conf.details 
_struct_conf.pdbx_PDB_helix_length 
HELX_P HELX_P1 1 SER A 10  ? GLY A 16  ? SER A 20  GLY A 26  5 ? 7  
HELX_P HELX_P2 2 ASP A 68  ? PHE A 86  ? ASP A 78  PHE A 96  1 ? 19 
HELX_P HELX_P3 3 ASP A 107 ? GLU A 111 ? ASP A 117 GLU A 121 5 ? 5  
HELX_P HELX_P4 4 ASP A 140 ? LYS A 151 ? ASP A 150 LYS A 161 1 ? 12 
HELX_P HELX_P5 5 CYS A 167 ? ASP A 186 ? CYS A 177 ASP A 196 1 ? 20 
HELX_P HELX_P6 6 LYS A 192 ? LEU A 196 ? LYS A 202 LEU A 206 5 ? 5  
HELX_P HELX_P7 7 ASP A 200 ? LYS A 212 ? ASP A 210 LYS A 222 1 ? 13 
HELX_P HELX_P8 8 PRO B 2   ? SER B 26  ? PRO B 216 SER B 240 1 ? 25 
# 
_struct_conf_type.id          HELX_P 
_struct_conf_type.criteria    ? 
_struct_conf_type.reference   ? 
# 
_struct_sheet.id               A 
_struct_sheet.type             ? 
_struct_sheet.number_strands   8 
_struct_sheet.details          ? 
# 
loop_
_struct_sheet_order.sheet_id 
_struct_sheet_order.range_id_1 
_struct_sheet_order.range_id_2 
_struct_sheet_order.offset 
_struct_sheet_order.sense 
A 3 4 ? anti-parallel 
A 4 5 ? parallel      
A 5 6 ? anti-parallel 
A 6 7 ? anti-parallel 
A 7 8 ? anti-parallel 
# 
loop_
_struct_sheet_range.sheet_id 
_struct_sheet_range.id 
_struct_sheet_range.beg_label_comp_id 
_struct_sheet_range.beg_label_asym_id 
_struct_sheet_range.beg_label_seq_id 
_struct_sheet_range.pdbx_beg_PDB_ins_code 
_struct_sheet_range.end_label_comp_id 
_struct_sheet_range.end_label_asym_id 
_struct_sheet_range.end_label_seq_id 
_struct_sheet_range.pdbx_end_PDB_ins_code 
_struct_sheet_range.beg_auth_comp_id 
_struct_sheet_range.beg_auth_asym_id 
_struct_sheet_range.beg_auth_seq_id 
_struct_sheet_range.end_auth_comp_id 
_struct_sheet_range.end_auth_asym_id 
_struct_sheet_range.end_auth_seq_id 
A 1 ILE A 6   ? PHE A 7   ? ILE A 16  PHE A 17  
A 2 VAL A 103 ? LEU A 105 ? VAL A 113 LEU A 115 
A 3 LYS A 40  ? SER A 46  ? LYS A 50  SER A 56  
A 4 TYR A 60  ? LYS A 65  ? TYR A 70  LYS A 75  
A 5 ASN A 128 ? PRO A 138 ? ASN A 138 PRO A 148 
A 6 PHE A 115 ? LYS A 125 ? PHE A 125 LYS A 135 
A 7 ILE A 22  ? LEU A 36  ? ILE A 32  LEU A 46  
A 8 VAL A 103 ? LEU A 105 ? VAL A 113 LEU A 115 
# 
loop_
_pdbx_struct_sheet_hbond.sheet_id 
_pdbx_struct_sheet_hbond.range_id_1 
_pdbx_struct_sheet_hbond.range_id_2 
_pdbx_struct_sheet_hbond.range_1_label_atom_id 
_pdbx_struct_sheet_hbond.range_1_label_comp_id 
_pdbx_struct_sheet_hbond.range_1_label_asym_id 
_pdbx_struct_sheet_hbond.range_1_label_seq_id 
_pdbx_struct_sheet_hbond.range_1_PDB_ins_code 
_pdbx_struct_sheet_hbond.range_1_auth_atom_id 
_pdbx_struct_sheet_hbond.range_1_auth_comp_id 
_pdbx_struct_sheet_hbond.range_1_auth_asym_id 
_pdbx_struct_sheet_hbond.range_1_auth_seq_id 
_pdbx_struct_sheet_hbond.range_2_label_atom_id 
_pdbx_struct_sheet_hbond.range_2_label_comp_id 
_pdbx_struct_sheet_hbond.range_2_label_asym_id 
_pdbx_struct_sheet_hbond.range_2_label_seq_id 
_pdbx_struct_sheet_hbond.range_2_PDB_ins_code 
_pdbx_struct_sheet_hbond.range_2_auth_atom_id 
_pdbx_struct_sheet_hbond.range_2_auth_comp_id 
_pdbx_struct_sheet_hbond.range_2_auth_asym_id 
_pdbx_struct_sheet_hbond.range_2_auth_seq_id 
A 3 4 N LEU A 43  ? N LEU A 53  O ILE A 62  ? O ILE A 72  
A 4 5 N LYS A 63  ? N LYS A 73  O LEU A 131 ? O LEU A 141 
A 5 6 O LYS A 137 ? O LYS A 147 N SER A 117 ? N SER A 127 
A 6 7 O ALA A 120 ? O ALA A 130 N VAL A 25  ? N VAL A 35  
A 7 8 N LEU A 36  ? N LEU A 46  O VAL A 103 ? O VAL A 113 
# 
_atom_sites.entry_id                    3OIQ 
_atom_sites.fract_transf_matrix[1][1]   0.01107707 
_atom_sites.fract_transf_matrix[1][2]   0.00232422 
_atom_sites.fract_transf_matrix[1][3]   -0.01273271 
_atom_sites.fract_transf_matrix[2][1]   -0.00553045 
_atom_sites.fract_transf_matrix[2][2]   -0.01074827 
_atom_sites.fract_transf_matrix[2][3]   -0.00677330 
_atom_sites.fract_transf_matrix[3][1]   -0.01133243 
_atom_sites.fract_transf_matrix[3][2]   0.01080135 
_atom_sites.fract_transf_matrix[3][3]   -0.00788720 
_atom_sites.fract_transf_vector[1]      -0.013765 
_atom_sites.fract_transf_vector[2]      -0.193755 
_atom_sites.fract_transf_vector[3]      0.110707 
# 
loop_
_atom_type.symbol 
C 
N 
O 
S 
# 
loop_
_atom_site.group_PDB 
_atom_site.id 
_atom_site.type_symbol 
_atom_site.label_atom_id 
_atom_site.label_alt_id 
_atom_site.label_comp_id 
_atom_site.label_asym_id 
_atom_site.label_entity_id 
_atom_site.label_seq_id 
_atom_site.pdbx_PDB_ins_code 
_atom_site.Cartn_x 
_atom_site.Cartn_y 
_atom_site.Cartn_z 
_atom_site.occupancy 
_atom_site.B_iso_or_equiv 
_atom_site.pdbx_formal_charge 
_atom_site.auth_seq_id 
_atom_site.auth_comp_id 
_atom_site.auth_asym_id 
_atom_site.auth_atom_id 
_atom_site.pdbx_PDB_model_num 
ATOM   1    N N   . LYS A 1 3   ? -10.076 -9.497  16.492  1.00 94.50  ? 13  LYS A N   1 
ATOM   2    C CA  . LYS A 1 3   ? -8.606  -9.272  16.606  1.00 89.22  ? 13  LYS A CA  1 
ATOM   3    C C   . LYS A 1 3   ? -8.363  -7.889  17.204  1.00 83.67  ? 13  LYS A C   1 
ATOM   4    O O   . LYS A 1 3   ? -9.218  -7.355  17.914  1.00 90.96  ? 13  LYS A O   1 
ATOM   5    C CB  . LYS A 1 3   ? -7.958  -9.375  15.221  1.00 93.12  ? 13  LYS A CB  1 
ATOM   6    C CG  . LYS A 1 3   ? -6.460  -9.627  15.236  1.00 100.04 ? 13  LYS A CG  1 
ATOM   7    C CD  . LYS A 1 3   ? -5.951  -9.941  13.835  1.00 101.22 ? 13  LYS A CD  1 
ATOM   8    C CE  . LYS A 1 3   ? -4.503  -10.404 13.858  1.00 108.90 ? 13  LYS A CE  1 
ATOM   9    N NZ  . LYS A 1 3   ? -4.013  -10.795 12.505  1.00 111.33 ? 13  LYS A NZ  1 
ATOM   10   N N   . ASN A 1 4   ? -7.202  -7.308  16.921  1.00 68.71  ? 14  ASN A N   1 
ATOM   11   C CA  . ASN A 1 4   ? -6.878  -5.987  17.442  1.00 58.81  ? 14  ASN A CA  1 
ATOM   12   C C   . ASN A 1 4   ? -5.976  -5.263  16.449  1.00 53.36  ? 14  ASN A C   1 
ATOM   13   O O   . ASN A 1 4   ? -4.928  -4.721  16.815  1.00 35.81  ? 14  ASN A O   1 
ATOM   14   C CB  . ASN A 1 4   ? -6.179  -6.116  18.801  1.00 65.41  ? 14  ASN A CB  1 
ATOM   15   C CG  . ASN A 1 4   ? -5.969  -4.775  19.489  1.00 70.01  ? 14  ASN A CG  1 
ATOM   16   O OD1 . ASN A 1 4   ? -5.314  -4.697  20.531  1.00 59.61  ? 14  ASN A OD1 1 
ATOM   17   N ND2 . ASN A 1 4   ? -6.530  -3.714  18.915  1.00 64.31  ? 14  ASN A ND2 1 
ATOM   18   N N   . ARG A 1 5   ? -6.388  -5.258  15.187  1.00 44.67  ? 15  ARG A N   1 
ATOM   19   C CA  . ARG A 1 5   ? -5.610  -4.600  14.148  1.00 45.85  ? 15  ARG A CA  1 
ATOM   20   C C   . ARG A 1 5   ? -5.581  -3.103  14.409  1.00 44.97  ? 15  ARG A C   1 
ATOM   21   O O   . ARG A 1 5   ? -6.619  -2.480  14.610  1.00 50.05  ? 15  ARG A O   1 
ATOM   22   C CB  . ARG A 1 5   ? -6.217  -4.880  12.774  1.00 44.46  ? 15  ARG A CB  1 
ATOM   23   C CG  . ARG A 1 5   ? -5.411  -4.326  11.606  1.00 36.74  ? 15  ARG A CG  1 
ATOM   24   C CD  . ARG A 1 5   ? -5.987  -4.834  10.297  1.00 44.73  ? 15  ARG A CD  1 
ATOM   25   N NE  . ARG A 1 5   ? -5.975  -6.293  10.244  1.00 29.57  ? 15  ARG A NE  1 
ATOM   26   C CZ  . ARG A 1 5   ? -4.889  -7.024  10.013  1.00 36.46  ? 15  ARG A CZ  1 
ATOM   27   N NH1 . ARG A 1 5   ? -3.724  -6.430  9.803   1.00 31.13  ? 15  ARG A NH1 1 
ATOM   28   N NH2 . ARG A 1 5   ? -4.961  -8.350  10.009  1.00 20.20  ? 15  ARG A NH2 1 
ATOM   29   N N   . ILE A 1 6   ? -4.384  -2.533  14.406  1.00 42.77  ? 16  ILE A N   1 
ATOM   30   C CA  . ILE A 1 6   ? -4.225  -1.110  14.649  1.00 39.81  ? 16  ILE A CA  1 
ATOM   31   C C   . ILE A 1 6   ? -4.171  -0.338  13.338  1.00 44.14  ? 16  ILE A C   1 
ATOM   32   O O   . ILE A 1 6   ? -3.406  -0.680  12.438  1.00 45.23  ? 16  ILE A O   1 
ATOM   33   C CB  . ILE A 1 6   ? -2.943  -0.834  15.461  1.00 39.07  ? 16  ILE A CB  1 
ATOM   34   C CG1 . ILE A 1 6   ? -3.072  -1.483  16.842  1.00 49.17  ? 16  ILE A CG1 1 
ATOM   35   C CG2 . ILE A 1 6   ? -2.705  0.664   15.589  1.00 34.49  ? 16  ILE A CG2 1 
ATOM   36   C CD1 . ILE A 1 6   ? -1.866  -1.301  17.727  1.00 75.85  ? 16  ILE A CD1 1 
ATOM   37   N N   . PHE A 1 7   ? -4.996  0.700   13.239  1.00 37.93  ? 17  PHE A N   1 
ATOM   38   C CA  . PHE A 1 7   ? -5.048  1.537   12.049  1.00 35.26  ? 17  PHE A CA  1 
ATOM   39   C C   . PHE A 1 7   ? -3.943  2.587   12.127  1.00 40.26  ? 17  PHE A C   1 
ATOM   40   O O   . PHE A 1 7   ? -3.794  3.247   13.154  1.00 43.82  ? 17  PHE A O   1 
ATOM   41   C CB  . PHE A 1 7   ? -6.405  2.240   11.968  1.00 32.40  ? 17  PHE A CB  1 
ATOM   42   C CG  . PHE A 1 7   ? -6.636  2.974   10.679  1.00 36.80  ? 17  PHE A CG  1 
ATOM   43   C CD1 . PHE A 1 7   ? -7.197  2.323   9.582   1.00 35.46  ? 17  PHE A CD1 1 
ATOM   44   C CD2 . PHE A 1 7   ? -6.285  4.312   10.554  1.00 26.12  ? 17  PHE A CD2 1 
ATOM   45   C CE1 . PHE A 1 7   ? -7.407  2.996   8.377   1.00 39.02  ? 17  PHE A CE1 1 
ATOM   46   C CE2 . PHE A 1 7   ? -6.487  4.993   9.356   1.00 33.79  ? 17  PHE A CE2 1 
ATOM   47   C CZ  . PHE A 1 7   ? -7.052  4.333   8.263   1.00 37.66  ? 17  PHE A CZ  1 
ATOM   48   N N   . VAL A 1 8   ? -3.159  2.732   11.061  1.00 40.47  ? 18  VAL A N   1 
ATOM   49   C CA  . VAL A 1 8   ? -2.098  3.742   11.049  1.00 38.11  ? 18  VAL A CA  1 
ATOM   50   C C   . VAL A 1 8   ? -2.495  4.803   10.035  1.00 39.19  ? 18  VAL A C   1 
ATOM   51   O O   . VAL A 1 8   ? -2.958  4.482   8.944   1.00 45.66  ? 18  VAL A O   1 
ATOM   52   C CB  . VAL A 1 8   ? -0.695  3.161   10.648  1.00 38.10  ? 18  VAL A CB  1 
ATOM   53   C CG1 . VAL A 1 8   ? -0.491  1.780   11.256  1.00 23.83  ? 18  VAL A CG1 1 
ATOM   54   C CG2 . VAL A 1 8   ? -0.544  3.122   9.145   1.00 51.72  ? 18  VAL A CG2 1 
ATOM   55   N N   . SER A 1 9   ? -2.322  6.070   10.392  1.00 52.33  ? 19  SER A N   1 
ATOM   56   C CA  . SER A 1 9   ? -2.685  7.148   9.480   1.00 54.84  ? 19  SER A CA  1 
ATOM   57   C C   . SER A 1 9   ? -1.453  7.744   8.817   1.00 42.72  ? 19  SER A C   1 
ATOM   58   O O   . SER A 1 9   ? -1.568  8.534   7.882   1.00 46.24  ? 19  SER A O   1 
ATOM   59   C CB  . SER A 1 9   ? -3.443  8.245   10.230  1.00 51.31  ? 19  SER A CB  1 
ATOM   60   O OG  . SER A 1 9   ? -2.603  8.892   11.168  1.00 75.01  ? 19  SER A OG  1 
ATOM   61   N N   . SER A 1 10  ? -0.278  7.348   9.303   1.00 45.14  ? 20  SER A N   1 
ATOM   62   C CA  . SER A 1 10  ? 0.996   7.846   8.785   1.00 49.21  ? 20  SER A CA  1 
ATOM   63   C C   . SER A 1 10  ? 2.145   6.897   9.120   1.00 49.51  ? 20  SER A C   1 
ATOM   64   O O   . SER A 1 10  ? 2.133   6.237   10.161  1.00 51.38  ? 20  SER A O   1 
ATOM   65   C CB  . SER A 1 10  ? 1.292   9.228   9.382   1.00 57.51  ? 20  SER A CB  1 
ATOM   66   O OG  . SER A 1 10  ? 2.642   9.602   9.178   1.00 61.46  ? 20  SER A OG  1 
ATOM   67   N N   . SER A 1 11  ? 3.145   6.843   8.248   1.00 49.06  ? 21  SER A N   1 
ATOM   68   C CA  . SER A 1 11  ? 4.294   5.964   8.467   1.00 54.20  ? 21  SER A CA  1 
ATOM   69   C C   . SER A 1 11  ? 5.070   6.346   9.725   1.00 50.07  ? 21  SER A C   1 
ATOM   70   O O   . SER A 1 11  ? 5.811   5.537   10.276  1.00 48.01  ? 21  SER A O   1 
ATOM   71   C CB  . SER A 1 11  ? 5.230   6.011   7.261   1.00 55.67  ? 21  SER A CB  1 
ATOM   72   O OG  . SER A 1 11  ? 5.789   7.302   7.106   1.00 61.46  ? 21  SER A OG  1 
ATOM   73   N N   . LYS A 1 12  ? 4.896   7.583   10.176  1.00 57.86  ? 22  LYS A N   1 
ATOM   74   C CA  . LYS A 1 12  ? 5.583   8.067   11.367  1.00 61.31  ? 22  LYS A CA  1 
ATOM   75   C C   . LYS A 1 12  ? 5.067   7.393   12.640  1.00 62.79  ? 22  LYS A C   1 
ATOM   76   O O   . LYS A 1 12  ? 5.750   7.381   13.665  1.00 62.91  ? 22  LYS A O   1 
ATOM   77   C CB  . LYS A 1 12  ? 5.425   9.585   11.471  1.00 75.71  ? 22  LYS A CB  1 
ATOM   78   C CG  . LYS A 1 12  ? 5.976   10.328  10.264  1.00 82.22  ? 22  LYS A CG  1 
ATOM   79   C CD  . LYS A 1 12  ? 5.769   11.827  10.378  1.00 93.00  ? 22  LYS A CD  1 
ATOM   80   C CE  . LYS A 1 12  ? 6.341   12.546  9.165   1.00 100.90 ? 22  LYS A CE  1 
ATOM   81   N NZ  . LYS A 1 12  ? 6.151   14.022  9.242   1.00 104.04 ? 22  LYS A NZ  1 
ATOM   82   N N   . ASP A 1 13  ? 3.862   6.834   12.570  1.00 55.92  ? 23  ASP A N   1 
ATOM   83   C CA  . ASP A 1 13  ? 3.264   6.148   13.713  1.00 54.68  ? 23  ASP A CA  1 
ATOM   84   C C   . ASP A 1 13  ? 4.186   5.030   14.187  1.00 56.32  ? 23  ASP A C   1 
ATOM   85   O O   . ASP A 1 13  ? 4.257   4.721   15.378  1.00 63.66  ? 23  ASP A O   1 
ATOM   86   C CB  . ASP A 1 13  ? 1.917   5.537   13.320  1.00 56.17  ? 23  ASP A CB  1 
ATOM   87   C CG  . ASP A 1 13  ? 0.871   6.582   12.975  1.00 55.69  ? 23  ASP A CG  1 
ATOM   88   O OD1 . ASP A 1 13  ? 1.242   7.709   12.589  1.00 60.71  ? 23  ASP A OD1 1 
ATOM   89   O OD2 . ASP A 1 13  ? -0.332  6.264   13.073  1.00 52.74  ? 23  ASP A OD2 1 
ATOM   90   N N   . PHE A 1 14  ? 4.893   4.429   13.236  1.00 57.67  ? 24  PHE A N   1 
ATOM   91   C CA  . PHE A 1 14  ? 5.796   3.319   13.512  1.00 54.64  ? 24  PHE A CA  1 
ATOM   92   C C   . PHE A 1 14  ? 6.962   3.644   14.440  1.00 55.16  ? 24  PHE A C   1 
ATOM   93   O O   . PHE A 1 14  ? 7.840   2.813   14.658  1.00 54.61  ? 24  PHE A O   1 
ATOM   94   C CB  . PHE A 1 14  ? 6.308   2.758   12.185  1.00 49.95  ? 24  PHE A CB  1 
ATOM   95   C CG  . PHE A 1 14  ? 5.214   2.225   11.301  1.00 44.57  ? 24  PHE A CG  1 
ATOM   96   C CD1 . PHE A 1 14  ? 5.151   2.581   9.959   1.00 25.25  ? 24  PHE A CD1 1 
ATOM   97   C CD2 . PHE A 1 14  ? 4.235   1.374   11.819  1.00 45.22  ? 24  PHE A CD2 1 
ATOM   98   C CE1 . PHE A 1 14  ? 4.124   2.100   9.141   1.00 46.01  ? 24  PHE A CE1 1 
ATOM   99   C CE2 . PHE A 1 14  ? 3.205   0.886   11.010  1.00 38.03  ? 24  PHE A CE2 1 
ATOM   100  C CZ  . PHE A 1 14  ? 3.150   1.250   9.669   1.00 40.28  ? 24  PHE A CZ  1 
ATOM   101  N N   . GLU A 1 15  ? 6.966   4.852   14.994  1.00 65.31  ? 25  GLU A N   1 
ATOM   102  C CA  . GLU A 1 15  ? 8.027   5.257   15.908  1.00 60.47  ? 25  GLU A CA  1 
ATOM   103  C C   . GLU A 1 15  ? 7.680   4.861   17.342  1.00 58.06  ? 25  GLU A C   1 
ATOM   104  O O   . GLU A 1 15  ? 8.559   4.759   18.197  1.00 52.89  ? 25  GLU A O   1 
ATOM   105  C CB  . GLU A 1 15  ? 8.260   6.767   15.814  1.00 54.48  ? 25  GLU A CB  1 
ATOM   106  C CG  . GLU A 1 15  ? 8.813   7.208   14.469  1.00 65.83  ? 25  GLU A CG  1 
ATOM   107  C CD  . GLU A 1 15  ? 9.075   8.699   14.398  1.00 86.61  ? 25  GLU A CD  1 
ATOM   108  O OE1 . GLU A 1 15  ? 8.117   9.484   14.573  1.00 86.31  ? 25  GLU A OE1 1 
ATOM   109  O OE2 . GLU A 1 15  ? 10.239  9.088   14.164  1.00 93.79  ? 25  GLU A OE2 1 
ATOM   110  N N   . GLY A 1 16  ? 6.396   4.628   17.594  1.00 55.06  ? 26  GLY A N   1 
ATOM   111  C CA  . GLY A 1 16  ? 5.966   4.237   18.923  1.00 42.90  ? 26  GLY A CA  1 
ATOM   112  C C   . GLY A 1 16  ? 5.794   2.736   19.062  1.00 49.17  ? 26  GLY A C   1 
ATOM   113  O O   . GLY A 1 16  ? 5.428   2.241   20.134  1.00 43.36  ? 26  GLY A O   1 
ATOM   114  N N   . TYR A 1 17  ? 6.062   2.009   17.977  1.00 36.96  ? 27  TYR A N   1 
ATOM   115  C CA  . TYR A 1 17  ? 5.931   0.554   17.969  1.00 39.47  ? 27  TYR A CA  1 
ATOM   116  C C   . TYR A 1 17  ? 7.124   -0.145  18.624  1.00 46.60  ? 27  TYR A C   1 
ATOM   117  O O   . TYR A 1 17  ? 8.235   0.386   18.642  1.00 46.01  ? 27  TYR A O   1 
ATOM   118  C CB  . TYR A 1 17  ? 5.768   0.046   16.533  1.00 46.97  ? 27  TYR A CB  1 
ATOM   119  C CG  . TYR A 1 17  ? 4.403   0.294   15.923  1.00 51.25  ? 27  TYR A CG  1 
ATOM   120  C CD1 . TYR A 1 17  ? 3.620   -0.774  15.472  1.00 40.27  ? 27  TYR A CD1 1 
ATOM   121  C CD2 . TYR A 1 17  ? 3.898   1.592   15.780  1.00 46.80  ? 27  TYR A CD2 1 
ATOM   122  C CE1 . TYR A 1 17  ? 2.370   -0.560  14.895  1.00 35.21  ? 27  TYR A CE1 1 
ATOM   123  C CE2 . TYR A 1 17  ? 2.648   1.817   15.202  1.00 30.38  ? 27  TYR A CE2 1 
ATOM   124  C CZ  . TYR A 1 17  ? 1.893   0.734   14.763  1.00 42.09  ? 27  TYR A CZ  1 
ATOM   125  O OH  . TYR A 1 17  ? 0.657   0.938   14.203  1.00 39.24  ? 27  TYR A OH  1 
ATOM   126  N N   . PRO A 1 18  ? 6.903   -1.354  19.164  1.00 41.69  ? 28  PRO A N   1 
ATOM   127  C CA  . PRO A 1 18  ? 7.936   -2.159  19.834  1.00 48.89  ? 28  PRO A CA  1 
ATOM   128  C C   . PRO A 1 18  ? 9.187   -2.413  18.982  1.00 52.43  ? 28  PRO A C   1 
ATOM   129  O O   . PRO A 1 18  ? 9.114   -2.442  17.754  1.00 47.18  ? 28  PRO A O   1 
ATOM   130  C CB  . PRO A 1 18  ? 7.199   -3.457  20.168  1.00 43.59  ? 28  PRO A CB  1 
ATOM   131  C CG  . PRO A 1 18  ? 5.766   -3.011  20.319  1.00 42.85  ? 28  PRO A CG  1 
ATOM   132  C CD  . PRO A 1 18  ? 5.607   -2.057  19.166  1.00 38.88  ? 28  PRO A CD  1 
ATOM   133  N N   . SER A 1 19  ? 10.331  -2.595  19.642  1.00 57.80  ? 29  SER A N   1 
ATOM   134  C CA  . SER A 1 19  ? 11.586  -2.860  18.944  1.00 50.56  ? 29  SER A CA  1 
ATOM   135  C C   . SER A 1 19  ? 11.589  -4.280  18.404  1.00 46.01  ? 29  SER A C   1 
ATOM   136  O O   . SER A 1 19  ? 12.376  -4.615  17.523  1.00 38.69  ? 29  SER A O   1 
ATOM   137  C CB  . SER A 1 19  ? 12.784  -2.672  19.877  1.00 54.18  ? 29  SER A CB  1 
ATOM   138  O OG  . SER A 1 19  ? 13.009  -1.299  20.148  1.00 76.22  ? 29  SER A OG  1 
ATOM   139  N N   . LYS A 1 20  ? 10.711  -5.113  18.952  1.00 38.34  ? 30  LYS A N   1 
ATOM   140  C CA  . LYS A 1 20  ? 10.584  -6.496  18.516  1.00 48.19  ? 30  LYS A CA  1 
ATOM   141  C C   . LYS A 1 20  ? 9.178   -7.012  18.800  1.00 49.00  ? 30  LYS A C   1 
ATOM   142  O O   . LYS A 1 20  ? 8.889   -7.486  19.900  1.00 54.92  ? 30  LYS A O   1 
ATOM   143  C CB  . LYS A 1 20  ? 11.602  -7.393  19.218  1.00 46.86  ? 30  LYS A CB  1 
ATOM   144  C CG  . LYS A 1 20  ? 11.514  -8.844  18.767  1.00 58.06  ? 30  LYS A CG  1 
ATOM   145  C CD  . LYS A 1 20  ? 12.479  -9.734  19.520  1.00 68.55  ? 30  LYS A CD  1 
ATOM   146  C CE  . LYS A 1 20  ? 12.322  -11.183 19.096  1.00 71.01  ? 30  LYS A CE  1 
ATOM   147  N NZ  . LYS A 1 20  ? 13.208  -12.088 19.883  1.00 78.30  ? 30  LYS A NZ  1 
ATOM   148  N N   . ALA A 1 21  ? 8.307   -6.920  17.802  1.00 44.36  ? 31  ALA A N   1 
ATOM   149  C CA  . ALA A 1 21  ? 6.936   -7.380  17.957  1.00 46.19  ? 31  ALA A CA  1 
ATOM   150  C C   . ALA A 1 21  ? 6.275   -7.633  16.613  1.00 42.56  ? 31  ALA A C   1 
ATOM   151  O O   . ALA A 1 21  ? 6.786   -7.218  15.574  1.00 44.78  ? 31  ALA A O   1 
ATOM   152  C CB  . ALA A 1 21  ? 6.136   -6.350  18.735  1.00 42.58  ? 31  ALA A CB  1 
ATOM   153  N N   . ILE A 1 22  ? 5.140   -8.326  16.651  1.00 39.67  ? 32  ILE A N   1 
ATOM   154  C CA  . ILE A 1 22  ? 4.348   -8.627  15.459  1.00 36.81  ? 32  ILE A CA  1 
ATOM   155  C C   . ILE A 1 22  ? 2.999   -7.951  15.688  1.00 41.80  ? 32  ILE A C   1 
ATOM   156  O O   . ILE A 1 22  ? 2.177   -8.441  16.460  1.00 45.32  ? 32  ILE A O   1 
ATOM   157  C CB  . ILE A 1 22  ? 4.162   -10.150 15.288  1.00 43.36  ? 32  ILE A CB  1 
ATOM   158  C CG1 . ILE A 1 22  ? 5.519   -10.796 14.998  1.00 42.38  ? 32  ILE A CG1 1 
ATOM   159  C CG2 . ILE A 1 22  ? 3.190   -10.445 14.156  1.00 35.02  ? 32  ILE A CG2 1 
ATOM   160  C CD1 . ILE A 1 22  ? 5.465   -12.297 14.833  1.00 48.76  ? 32  ILE A CD1 1 
ATOM   161  N N   . VAL A 1 23  ? 2.785   -6.818  15.020  1.00 42.03  ? 33  VAL A N   1 
ATOM   162  C CA  . VAL A 1 23  ? 1.561   -6.034  15.177  1.00 37.12  ? 33  VAL A CA  1 
ATOM   163  C C   . VAL A 1 23  ? 0.734   -5.879  13.899  1.00 34.73  ? 33  VAL A C   1 
ATOM   164  O O   . VAL A 1 23  ? 1.189   -5.290  12.916  1.00 38.11  ? 33  VAL A O   1 
ATOM   165  C CB  . VAL A 1 23  ? 1.897   -4.610  15.707  1.00 43.89  ? 33  VAL A CB  1 
ATOM   166  C CG1 . VAL A 1 23  ? 0.623   -3.812  15.954  1.00 33.95  ? 33  VAL A CG1 1 
ATOM   167  C CG2 . VAL A 1 23  ? 2.716   -4.713  16.975  1.00 37.98  ? 33  VAL A CG2 1 
ATOM   168  N N   . PRO A 1 24  ? -0.503  -6.399  13.900  1.00 34.35  ? 34  PRO A N   1 
ATOM   169  C CA  . PRO A 1 24  ? -1.349  -6.281  12.707  1.00 30.81  ? 34  PRO A CA  1 
ATOM   170  C C   . PRO A 1 24  ? -1.779  -4.833  12.512  1.00 34.44  ? 34  PRO A C   1 
ATOM   171  O O   . PRO A 1 24  ? -2.371  -4.234  13.412  1.00 47.01  ? 34  PRO A O   1 
ATOM   172  C CB  . PRO A 1 24  ? -2.540  -7.179  13.031  1.00 25.42  ? 34  PRO A CB  1 
ATOM   173  C CG  . PRO A 1 24  ? -1.981  -8.164  14.026  1.00 40.07  ? 34  PRO A CG  1 
ATOM   174  C CD  . PRO A 1 24  ? -1.116  -7.298  14.891  1.00 30.61  ? 34  PRO A CD  1 
ATOM   175  N N   . VAL A 1 25  ? -1.475  -4.263  11.352  1.00 28.58  ? 35  VAL A N   1 
ATOM   176  C CA  . VAL A 1 25  ? -1.873  -2.886  11.087  1.00 28.83  ? 35  VAL A CA  1 
ATOM   177  C C   . VAL A 1 25  ? -2.777  -2.789  9.882   1.00 29.71  ? 35  VAL A C   1 
ATOM   178  O O   . VAL A 1 25  ? -3.128  -3.795  9.265   1.00 28.07  ? 35  VAL A O   1 
ATOM   179  C CB  . VAL A 1 25  ? -0.662  -1.946  10.866  1.00 25.65  ? 35  VAL A CB  1 
ATOM   180  C CG1 . VAL A 1 25  ? 0.148   -1.843  12.151  1.00 24.56  ? 35  VAL A CG1 1 
ATOM   181  C CG2 . VAL A 1 25  ? 0.199   -2.444  9.705   1.00 22.83  ? 35  VAL A CG2 1 
ATOM   182  N N   . GLN A 1 26  ? -3.152  -1.561  9.556   1.00 29.90  ? 36  GLN A N   1 
ATOM   183  C CA  . GLN A 1 26  ? -4.026  -1.299  8.428   1.00 29.29  ? 36  GLN A CA  1 
ATOM   184  C C   . GLN A 1 26  ? -3.934  0.179   8.070   1.00 24.91  ? 36  GLN A C   1 
ATOM   185  O O   . GLN A 1 26  ? -3.989  1.039   8.949   1.00 30.93  ? 36  GLN A O   1 
ATOM   186  C CB  . GLN A 1 26  ? -5.468  -1.658  8.802   1.00 25.78  ? 36  GLN A CB  1 
ATOM   187  C CG  . GLN A 1 26  ? -6.477  -1.448  7.692   1.00 46.73  ? 36  GLN A CG  1 
ATOM   188  C CD  . GLN A 1 26  ? -7.901  -1.734  8.136   1.00 65.32  ? 36  GLN A CD  1 
ATOM   189  O OE1 . GLN A 1 26  ? -8.815  -1.805  7.314   1.00 66.05  ? 36  GLN A OE1 1 
ATOM   190  N NE2 . GLN A 1 26  ? -8.100  -1.890  9.444   1.00 69.36  ? 36  GLN A NE2 1 
ATOM   191  N N   . PHE A 1 27  ? -3.781  0.473   6.785   1.00 18.03  ? 37  PHE A N   1 
ATOM   192  C CA  . PHE A 1 27  ? -3.711  1.861   6.348   1.00 23.58  ? 37  PHE A CA  1 
ATOM   193  C C   . PHE A 1 27  ? -4.359  2.049   4.985   1.00 24.59  ? 37  PHE A C   1 
ATOM   194  O O   . PHE A 1 27  ? -4.742  1.082   4.331   1.00 31.71  ? 37  PHE A O   1 
ATOM   195  C CB  . PHE A 1 27  ? -2.257  2.344   6.294   1.00 31.75  ? 37  PHE A CB  1 
ATOM   196  C CG  . PHE A 1 27  ? -1.389  1.577   5.337   1.00 36.52  ? 37  PHE A CG  1 
ATOM   197  C CD1 . PHE A 1 27  ? -0.741  0.413   5.742   1.00 35.18  ? 37  PHE A CD1 1 
ATOM   198  C CD2 . PHE A 1 27  ? -1.207  2.028   4.030   1.00 34.98  ? 37  PHE A CD2 1 
ATOM   199  C CE1 . PHE A 1 27  ? 0.082   -0.292  4.863   1.00 28.33  ? 37  PHE A CE1 1 
ATOM   200  C CE2 . PHE A 1 27  ? -0.388  1.332   3.142   1.00 30.96  ? 37  PHE A CE2 1 
ATOM   201  C CZ  . PHE A 1 27  ? 0.259   0.169   3.562   1.00 34.15  ? 37  PHE A CZ  1 
ATOM   202  N N   . VAL A 1 28  ? -4.490  3.304   4.570   1.00 30.39  ? 38  VAL A N   1 
ATOM   203  C CA  . VAL A 1 28  ? -5.082  3.637   3.280   1.00 22.48  ? 38  VAL A CA  1 
ATOM   204  C C   . VAL A 1 28  ? -4.135  4.562   2.543   1.00 23.33  ? 38  VAL A C   1 
ATOM   205  O O   . VAL A 1 28  ? -3.671  5.558   3.099   1.00 36.66  ? 38  VAL A O   1 
ATOM   206  C CB  . VAL A 1 28  ? -6.438  4.346   3.454   1.00 29.21  ? 38  VAL A CB  1 
ATOM   207  C CG1 . VAL A 1 28  ? -7.014  4.716   2.091   1.00 18.97  ? 38  VAL A CG1 1 
ATOM   208  C CG2 . VAL A 1 28  ? -7.390  3.446   4.216   1.00 30.62  ? 38  VAL A CG2 1 
ATOM   209  N N   . ALA A 1 29  ? -3.844  4.235   1.290   1.00 32.05  ? 39  ALA A N   1 
ATOM   210  C CA  . ALA A 1 29  ? -2.931  5.045   0.503   1.00 31.28  ? 39  ALA A CA  1 
ATOM   211  C C   . ALA A 1 29  ? -3.022  4.722   -0.974  1.00 26.03  ? 39  ALA A C   1 
ATOM   212  O O   . ALA A 1 29  ? -3.730  3.803   -1.381  1.00 37.44  ? 39  ALA A O   1 
ATOM   213  C CB  . ALA A 1 29  ? -1.509  4.826   0.987   1.00 29.88  ? 39  ALA A CB  1 
ATOM   214  N N   . LEU A 1 30  ? -2.295  5.493   -1.771  1.00 29.28  ? 40  LEU A N   1 
ATOM   215  C CA  . LEU A 1 30  ? -2.256  5.302   -3.212  1.00 33.08  ? 40  LEU A CA  1 
ATOM   216  C C   . LEU A 1 30  ? -1.083  4.399   -3.559  1.00 32.24  ? 40  LEU A C   1 
ATOM   217  O O   . LEU A 1 30  ? -0.011  4.511   -2.958  1.00 28.50  ? 40  LEU A O   1 
ATOM   218  C CB  . LEU A 1 30  ? -2.054  6.641   -3.926  1.00 36.17  ? 40  LEU A CB  1 
ATOM   219  C CG  . LEU A 1 30  ? -3.106  7.741   -3.800  1.00 48.37  ? 40  LEU A CG  1 
ATOM   220  C CD1 . LEU A 1 30  ? -2.615  8.972   -4.547  1.00 48.98  ? 40  LEU A CD1 1 
ATOM   221  C CD2 . LEU A 1 30  ? -4.435  7.273   -4.369  1.00 26.82  ? 40  LEU A CD2 1 
ATOM   222  N N   . LEU A 1 31  ? -1.288  3.500   -4.518  1.00 28.72  ? 41  LEU A N   1 
ATOM   223  C CA  . LEU A 1 31  ? -0.217  2.620   -4.972  1.00 24.30  ? 41  LEU A CA  1 
ATOM   224  C C   . LEU A 1 31  ? 0.721   3.520   -5.795  1.00 31.38  ? 41  LEU A C   1 
ATOM   225  O O   . LEU A 1 31  ? 0.266   4.216   -6.700  1.00 30.69  ? 41  LEU A O   1 
ATOM   226  C CB  . LEU A 1 31  ? -0.787  1.509   -5.856  1.00 26.71  ? 41  LEU A CB  1 
ATOM   227  C CG  . LEU A 1 31  ? 0.242   0.550   -6.468  1.00 21.22  ? 41  LEU A CG  1 
ATOM   228  C CD1 . LEU A 1 31  ? 0.880   -0.293  -5.367  1.00 21.76  ? 41  LEU A CD1 1 
ATOM   229  C CD2 . LEU A 1 31  ? -0.428  -0.334  -7.487  1.00 14.70  ? 41  LEU A CD2 1 
ATOM   230  N N   . THR A 1 32  ? 2.015   3.533   -5.479  1.00 28.49  ? 42  THR A N   1 
ATOM   231  C CA  . THR A 1 32  ? 2.935   4.390   -6.230  1.00 31.53  ? 42  THR A CA  1 
ATOM   232  C C   . THR A 1 32  ? 4.076   3.675   -6.923  1.00 32.46  ? 42  THR A C   1 
ATOM   233  O O   . THR A 1 32  ? 4.676   4.221   -7.848  1.00 34.81  ? 42  THR A O   1 
ATOM   234  C CB  . THR A 1 32  ? 3.551   5.508   -5.357  1.00 19.43  ? 42  THR A CB  1 
ATOM   235  O OG1 . THR A 1 32  ? 4.141   4.942   -4.181  1.00 44.84  ? 42  THR A OG1 1 
ATOM   236  C CG2 . THR A 1 32  ? 2.493   6.524   -4.971  1.00 35.16  ? 42  THR A CG2 1 
ATOM   237  N N   . SER A 1 33  ? 4.379   2.456   -6.500  1.00 33.33  ? 43  SER A N   1 
ATOM   238  C CA  . SER A 1 33  ? 5.471   1.737   -7.132  1.00 32.16  ? 43  SER A CA  1 
ATOM   239  C C   . SER A 1 33  ? 5.440   0.239   -6.901  1.00 29.93  ? 43  SER A C   1 
ATOM   240  O O   . SER A 1 33  ? 4.878   -0.246  -5.915  1.00 31.05  ? 43  SER A O   1 
ATOM   241  C CB  . SER A 1 33  ? 6.809   2.284   -6.639  1.00 28.86  ? 43  SER A CB  1 
ATOM   242  O OG  . SER A 1 33  ? 6.967   2.019   -5.258  1.00 48.44  ? 43  SER A OG  1 
ATOM   243  N N   . ILE A 1 34  ? 6.058   -0.484  -7.827  1.00 30.78  ? 44  ILE A N   1 
ATOM   244  C CA  . ILE A 1 34  ? 6.150   -1.929  -7.751  1.00 33.29  ? 44  ILE A CA  1 
ATOM   245  C C   . ILE A 1 34  ? 7.565   -2.351  -8.098  1.00 38.78  ? 44  ILE A C   1 
ATOM   246  O O   . ILE A 1 34  ? 8.171   -1.827  -9.032  1.00 38.85  ? 44  ILE A O   1 
ATOM   247  C CB  . ILE A 1 34  ? 5.199   -2.622  -8.738  1.00 38.32  ? 44  ILE A CB  1 
ATOM   248  C CG1 . ILE A 1 34  ? 3.754   -2.261  -8.407  1.00 39.80  ? 44  ILE A CG1 1 
ATOM   249  C CG2 . ILE A 1 34  ? 5.406   -4.137  -8.673  1.00 27.86  ? 44  ILE A CG2 1 
ATOM   250  C CD1 . ILE A 1 34  ? 2.744   -2.884  -9.336  1.00 36.28  ? 44  ILE A CD1 1 
ATOM   251  N N   . HIS A 1 35  ? 8.094   -3.286  -7.323  1.00 33.30  ? 45  HIS A N   1 
ATOM   252  C CA  . HIS A 1 35  ? 9.426   -3.803  -7.567  1.00 33.89  ? 45  HIS A CA  1 
ATOM   253  C C   . HIS A 1 35  ? 9.309   -5.297  -7.436  1.00 30.81  ? 45  HIS A C   1 
ATOM   254  O O   . HIS A 1 35  ? 9.299   -5.835  -6.329  1.00 38.12  ? 45  HIS A O   1 
ATOM   255  C CB  . HIS A 1 35  ? 10.438  -3.286  -6.544  1.00 34.23  ? 45  HIS A CB  1 
ATOM   256  C CG  . HIS A 1 35  ? 11.835  -3.762  -6.798  1.00 45.26  ? 45  HIS A CG  1 
ATOM   257  N ND1 . HIS A 1 35  ? 12.852  -3.625  -5.878  1.00 50.45  ? 45  HIS A ND1 1 
ATOM   258  C CD2 . HIS A 1 35  ? 12.382  -4.377  -7.875  1.00 52.39  ? 45  HIS A CD2 1 
ATOM   259  C CE1 . HIS A 1 35  ? 13.964  -4.138  -6.375  1.00 50.43  ? 45  HIS A CE1 1 
ATOM   260  N NE2 . HIS A 1 35  ? 13.707  -4.600  -7.586  1.00 46.68  ? 45  HIS A NE2 1 
ATOM   261  N N   . LEU A 1 36  ? 9.200   -5.966  -8.573  1.00 29.01  ? 46  LEU A N   1 
ATOM   262  C CA  . LEU A 1 36  ? 9.073   -7.409  -8.584  1.00 37.29  ? 46  LEU A CA  1 
ATOM   263  C C   . LEU A 1 36  ? 10.318  -8.066  -9.158  1.00 40.82  ? 46  LEU A C   1 
ATOM   264  O O   . LEU A 1 36  ? 10.700  -7.809  -10.299 1.00 44.75  ? 46  LEU A O   1 
ATOM   265  C CB  . LEU A 1 36  ? 7.844   -7.816  -9.402  1.00 24.80  ? 46  LEU A CB  1 
ATOM   266  C CG  . LEU A 1 36  ? 7.658   -9.312  -9.686  1.00 43.89  ? 46  LEU A CG  1 
ATOM   267  C CD1 . LEU A 1 36  ? 7.613   -10.103 -8.381  1.00 30.22  ? 46  LEU A CD1 1 
ATOM   268  C CD2 . LEU A 1 36  ? 6.372   -9.512  -10.473 1.00 41.73  ? 46  LEU A CD2 1 
ATOM   269  N N   . THR A 1 37  ? 10.968  -8.896  -8.352  1.00 40.03  ? 47  THR A N   1 
ATOM   270  C CA  . THR A 1 37  ? 12.151  -9.615  -8.809  1.00 51.98  ? 47  THR A CA  1 
ATOM   271  C C   . THR A 1 37  ? 11.808  -11.088 -8.673  1.00 51.18  ? 47  THR A C   1 
ATOM   272  O O   . THR A 1 37  ? 10.656  -11.429 -8.403  1.00 45.91  ? 47  THR A O   1 
ATOM   273  C CB  . THR A 1 37  ? 13.404  -9.298  -7.955  1.00 54.44  ? 47  THR A CB  1 
ATOM   274  O OG1 . THR A 1 37  ? 13.150  -9.613  -6.581  1.00 53.91  ? 47  THR A OG1 1 
ATOM   275  C CG2 . THR A 1 37  ? 13.777  -7.829  -8.081  1.00 50.44  ? 47  THR A CG2 1 
ATOM   276  N N   . GLU A 1 38  ? 12.787  -11.963 -8.856  1.00 51.46  ? 48  GLU A N   1 
ATOM   277  C CA  . GLU A 1 38  ? 12.514  -13.387 -8.741  1.00 59.25  ? 48  GLU A CA  1 
ATOM   278  C C   . GLU A 1 38  ? 12.641  -13.831 -7.291  1.00 57.79  ? 48  GLU A C   1 
ATOM   279  O O   . GLU A 1 38  ? 12.201  -14.919 -6.928  1.00 54.80  ? 48  GLU A O   1 
ATOM   280  C CB  . GLU A 1 38  ? 13.467  -14.187 -9.635  1.00 57.84  ? 48  GLU A CB  1 
ATOM   281  C CG  . GLU A 1 38  ? 14.929  -14.109 -9.248  1.00 74.25  ? 48  GLU A CG  1 
ATOM   282  C CD  . GLU A 1 38  ? 15.833  -14.716 -10.306 1.00 83.73  ? 48  GLU A CD  1 
ATOM   283  O OE1 . GLU A 1 38  ? 15.955  -14.118 -11.395 1.00 92.31  ? 48  GLU A OE1 1 
ATOM   284  O OE2 . GLU A 1 38  ? 16.414  -15.793 -10.057 1.00 84.73  ? 48  GLU A OE2 1 
ATOM   285  N N   . THR A 1 39  ? 13.223  -12.967 -6.463  1.00 57.19  ? 49  THR A N   1 
ATOM   286  C CA  . THR A 1 39  ? 13.415  -13.268 -5.049  1.00 65.64  ? 49  THR A CA  1 
ATOM   287  C C   . THR A 1 39  ? 12.445  -12.551 -4.103  1.00 64.82  ? 49  THR A C   1 
ATOM   288  O O   . THR A 1 39  ? 12.085  -13.095 -3.057  1.00 64.89  ? 49  THR A O   1 
ATOM   289  C CB  . THR A 1 39  ? 14.863  -12.935 -4.604  1.00 70.24  ? 49  THR A CB  1 
ATOM   290  O OG1 . THR A 1 39  ? 15.244  -11.652 -5.117  1.00 75.98  ? 49  THR A OG1 1 
ATOM   291  C CG2 . THR A 1 39  ? 15.835  -13.991 -5.113  1.00 79.30  ? 49  THR A CG2 1 
ATOM   292  N N   . LYS A 1 40  ? 12.018  -11.343 -4.466  1.00 53.60  ? 50  LYS A N   1 
ATOM   293  C CA  . LYS A 1 40  ? 11.111  -10.578 -3.613  1.00 53.62  ? 50  LYS A CA  1 
ATOM   294  C C   . LYS A 1 40  ? 10.179  -9.639  -4.376  1.00 45.99  ? 50  LYS A C   1 
ATOM   295  O O   . LYS A 1 40  ? 10.278  -9.489  -5.592  1.00 41.44  ? 50  LYS A O   1 
ATOM   296  C CB  . LYS A 1 40  ? 11.919  -9.750  -2.614  1.00 59.21  ? 50  LYS A CB  1 
ATOM   297  C CG  . LYS A 1 40  ? 12.798  -8.700  -3.280  1.00 68.10  ? 50  LYS A CG  1 
ATOM   298  C CD  . LYS A 1 40  ? 13.515  -7.831  -2.266  1.00 78.78  ? 50  LYS A CD  1 
ATOM   299  C CE  . LYS A 1 40  ? 14.325  -6.751  -2.969  1.00 94.46  ? 50  LYS A CE  1 
ATOM   300  N NZ  . LYS A 1 40  ? 14.988  -5.821  -2.013  1.00 92.72  ? 50  LYS A NZ  1 
ATOM   301  N N   . CYS A 1 41  ? 9.278   -9.000  -3.640  1.00 39.86  ? 51  CYS A N   1 
ATOM   302  C CA  . CYS A 1 41  ? 8.336   -8.061  -4.226  1.00 33.20  ? 51  CYS A CA  1 
ATOM   303  C C   . CYS A 1 41  ? 7.962   -6.973  -3.226  1.00 42.28  ? 51  CYS A C   1 
ATOM   304  O O   . CYS A 1 41  ? 7.447   -7.267  -2.150  1.00 44.16  ? 51  CYS A O   1 
ATOM   305  C CB  . CYS A 1 41  ? 7.068   -8.782  -4.679  1.00 32.37  ? 51  CYS A CB  1 
ATOM   306  S SG  . CYS A 1 41  ? 5.874   -7.677  -5.474  1.00 50.69  ? 51  CYS A SG  1 
ATOM   307  N N   . LEU A 1 42  ? 8.227   -5.719  -3.587  1.00 36.03  ? 52  LEU A N   1 
ATOM   308  C CA  . LEU A 1 42  ? 7.908   -4.591  -2.724  1.00 34.20  ? 52  LEU A CA  1 
ATOM   309  C C   . LEU A 1 42  ? 6.904   -3.644  -3.369  1.00 38.23  ? 52  LEU A C   1 
ATOM   310  O O   . LEU A 1 42  ? 7.101   -3.192  -4.497  1.00 36.67  ? 52  LEU A O   1 
ATOM   311  C CB  . LEU A 1 42  ? 9.173   -3.804  -2.369  1.00 35.45  ? 52  LEU A CB  1 
ATOM   312  C CG  . LEU A 1 42  ? 10.100  -4.368  -1.290  1.00 54.93  ? 52  LEU A CG  1 
ATOM   313  C CD1 . LEU A 1 42  ? 11.180  -3.345  -0.970  1.00 51.23  ? 52  LEU A CD1 1 
ATOM   314  C CD2 . LEU A 1 42  ? 9.308   -4.674  -0.038  1.00 47.68  ? 52  LEU A CD2 1 
ATOM   315  N N   . LEU A 1 43  ? 5.826   -3.348  -2.649  1.00 31.17  ? 53  LEU A N   1 
ATOM   316  C CA  . LEU A 1 43  ? 4.802   -2.436  -3.145  1.00 33.85  ? 53  LEU A CA  1 
ATOM   317  C C   . LEU A 1 43  ? 4.895   -1.149  -2.347  1.00 23.12  ? 53  LEU A C   1 
ATOM   318  O O   . LEU A 1 43  ? 4.852   -1.171  -1.119  1.00 30.05  ? 53  LEU A O   1 
ATOM   319  C CB  . LEU A 1 43  ? 3.396   -3.029  -2.980  1.00 28.38  ? 53  LEU A CB  1 
ATOM   320  C CG  . LEU A 1 43  ? 3.018   -4.342  -3.676  1.00 46.82  ? 53  LEU A CG  1 
ATOM   321  C CD1 . LEU A 1 43  ? 1.537   -4.618  -3.414  1.00 30.23  ? 53  LEU A CD1 1 
ATOM   322  C CD2 . LEU A 1 43  ? 3.279   -4.261  -5.177  1.00 31.69  ? 53  LEU A CD2 1 
ATOM   323  N N   . GLY A 1 44  ? 5.029   -0.028  -3.046  1.00 23.12  ? 54  GLY A N   1 
ATOM   324  C CA  . GLY A 1 44  ? 5.120   1.248   -2.365  1.00 15.42  ? 54  GLY A CA  1 
ATOM   325  C C   . GLY A 1 44  ? 3.824   2.032   -2.449  1.00 33.93  ? 54  GLY A C   1 
ATOM   326  O O   . GLY A 1 44  ? 3.211   2.131   -3.517  1.00 28.52  ? 54  GLY A O   1 
ATOM   327  N N   . PHE A 1 45  ? 3.403   2.577   -1.311  1.00 37.07  ? 55  PHE A N   1 
ATOM   328  C CA  . PHE A 1 45  ? 2.180   3.369   -1.229  1.00 42.62  ? 55  PHE A CA  1 
ATOM   329  C C   . PHE A 1 45  ? 2.499   4.702   -0.563  1.00 41.92  ? 55  PHE A C   1 
ATOM   330  O O   . PHE A 1 45  ? 3.489   4.820   0.156   1.00 40.47  ? 55  PHE A O   1 
ATOM   331  C CB  . PHE A 1 45  ? 1.118   2.663   -0.385  1.00 30.88  ? 55  PHE A CB  1 
ATOM   332  C CG  . PHE A 1 45  ? 0.748   1.301   -0.878  1.00 37.29  ? 55  PHE A CG  1 
ATOM   333  C CD1 . PHE A 1 45  ? 1.544   0.198   -0.575  1.00 36.12  ? 55  PHE A CD1 1 
ATOM   334  C CD2 . PHE A 1 45  ? -0.417  1.109   -1.616  1.00 26.29  ? 55  PHE A CD2 1 
ATOM   335  C CE1 . PHE A 1 45  ? 1.181   -1.081  -0.996  1.00 36.00  ? 55  PHE A CE1 1 
ATOM   336  C CE2 . PHE A 1 45  ? -0.789  -0.167  -2.043  1.00 30.11  ? 55  PHE A CE2 1 
ATOM   337  C CZ  . PHE A 1 45  ? 0.012   -1.263  -1.731  1.00 33.27  ? 55  PHE A CZ  1 
ATOM   338  N N   . SER A 1 46  ? 1.650   5.697   -0.791  1.00 37.92  ? 56  SER A N   1 
ATOM   339  C CA  . SER A 1 46  ? 1.858   7.004   -0.191  1.00 39.54  ? 56  SER A CA  1 
ATOM   340  C C   . SER A 1 46  ? 0.549   7.761   -0.014  1.00 39.96  ? 56  SER A C   1 
ATOM   341  O O   . SER A 1 46  ? -0.353  7.652   -0.842  1.00 42.67  ? 56  SER A O   1 
ATOM   342  C CB  . SER A 1 46  ? 2.808   7.830   -1.057  1.00 37.43  ? 56  SER A CB  1 
ATOM   343  O OG  . SER A 1 46  ? 3.089   9.075   -0.444  1.00 50.71  ? 56  SER A OG  1 
ATOM   344  N N   . ASN A 1 47  ? 0.438   8.515   1.078   1.00 43.36  ? 57  ASN A N   1 
ATOM   345  C CA  . ASN A 1 47  ? -0.758  9.316   1.319   1.00 45.44  ? 57  ASN A CA  1 
ATOM   346  C C   . ASN A 1 47  ? -0.411  10.765  0.994   1.00 44.82  ? 57  ASN A C   1 
ATOM   347  O O   . ASN A 1 47  ? -1.222  11.671  1.162   1.00 41.67  ? 57  ASN A O   1 
ATOM   348  C CB  . ASN A 1 47  ? -1.228  9.195   2.778   1.00 36.27  ? 57  ASN A CB  1 
ATOM   349  C CG  . ASN A 1 47  ? -0.158  9.589   3.780   1.00 52.87  ? 57  ASN A CG  1 
ATOM   350  O OD1 . ASN A 1 47  ? 0.675   10.452  3.514   1.00 55.76  ? 57  ASN A OD1 1 
ATOM   351  N ND2 . ASN A 1 47  ? -0.192  8.965   4.953   1.00 49.86  ? 57  ASN A ND2 1 
ATOM   352  N N   . PHE A 1 48  ? 0.817   10.956  0.520   1.00 43.19  ? 58  PHE A N   1 
ATOM   353  C CA  . PHE A 1 48  ? 1.351   12.257  0.144   1.00 47.42  ? 58  PHE A CA  1 
ATOM   354  C C   . PHE A 1 48  ? 1.219   13.362  1.182   1.00 38.77  ? 58  PHE A C   1 
ATOM   355  O O   . PHE A 1 48  ? 0.943   14.504  0.837   1.00 37.09  ? 58  PHE A O   1 
ATOM   356  C CB  . PHE A 1 48  ? 0.739   12.720  -1.183  1.00 31.87  ? 58  PHE A CB  1 
ATOM   357  C CG  . PHE A 1 48  ? 1.113   11.854  -2.345  1.00 42.90  ? 58  PHE A CG  1 
ATOM   358  C CD1 . PHE A 1 48  ? 0.280   10.820  -2.758  1.00 51.85  ? 58  PHE A CD1 1 
ATOM   359  C CD2 . PHE A 1 48  ? 2.327   12.038  -2.998  1.00 46.07  ? 58  PHE A CD2 1 
ATOM   360  C CE1 . PHE A 1 48  ? 0.651   9.975   -3.808  1.00 41.63  ? 58  PHE A CE1 1 
ATOM   361  C CE2 . PHE A 1 48  ? 2.708   11.199  -4.045  1.00 52.37  ? 58  PHE A CE2 1 
ATOM   362  C CZ  . PHE A 1 48  ? 1.865   10.165  -4.448  1.00 51.76  ? 58  PHE A CZ  1 
ATOM   363  N N   . GLU A 1 49  ? 1.433   13.024  2.449   1.00 45.73  ? 59  GLU A N   1 
ATOM   364  C CA  . GLU A 1 49  ? 1.357   14.007  3.528   1.00 59.47  ? 59  GLU A CA  1 
ATOM   365  C C   . GLU A 1 49  ? 2.414   15.095  3.353   1.00 63.31  ? 59  GLU A C   1 
ATOM   366  O O   . GLU A 1 49  ? 3.611   14.809  3.309   1.00 60.98  ? 59  GLU A O   1 
ATOM   367  C CB  . GLU A 1 49  ? 1.553   13.326  4.884   1.00 60.60  ? 59  GLU A CB  1 
ATOM   368  C CG  . GLU A 1 49  ? 0.311   12.638  5.418   1.00 72.85  ? 59  GLU A CG  1 
ATOM   369  C CD  . GLU A 1 49  ? 0.577   11.869  6.695   1.00 81.09  ? 59  GLU A CD  1 
ATOM   370  O OE1 . GLU A 1 49  ? -0.401  11.438  7.342   1.00 73.43  ? 59  GLU A OE1 1 
ATOM   371  O OE2 . GLU A 1 49  ? 1.766   11.689  7.044   1.00 71.43  ? 59  GLU A OE2 1 
ATOM   372  N N   . GLN A 1 56  ? 5.045   14.761  0.277   1.00 113.88 ? 66  GLN A N   1 
ATOM   373  C CA  . GLN A 1 56  ? 4.792   14.135  -1.016  1.00 117.73 ? 66  GLN A CA  1 
ATOM   374  C C   . GLN A 1 56  ? 5.963   13.250  -1.426  1.00 117.06 ? 66  GLN A C   1 
ATOM   375  O O   . GLN A 1 56  ? 6.923   13.717  -2.041  1.00 117.38 ? 66  GLN A O   1 
ATOM   376  C CB  . GLN A 1 56  ? 4.550   15.206  -2.083  1.00 117.10 ? 66  GLN A CB  1 
ATOM   377  C CG  . GLN A 1 56  ? 3.335   16.081  -1.818  1.00 115.86 ? 66  GLN A CG  1 
ATOM   378  C CD  . GLN A 1 56  ? 3.440   16.847  -0.516  1.00 121.25 ? 66  GLN A CD  1 
ATOM   379  O OE1 . GLN A 1 56  ? 4.371   17.670  -0.382  1.00 122.99 ? 66  GLN A OE1 1 
ATOM   380  N NE2 . GLN A 1 56  ? 2.594   16.625  0.375   1.00 125.07 ? 66  GLN A NE2 1 
ATOM   381  N N   . GLU A 1 57  ? 5.876   11.969  -1.081  1.00 116.64 ? 67  GLU A N   1 
ATOM   382  C CA  . GLU A 1 57  ? 6.926   11.007  -1.402  1.00 117.63 ? 67  GLU A CA  1 
ATOM   383  C C   . GLU A 1 57  ? 6.494   9.620   -0.939  1.00 113.64 ? 67  GLU A C   1 
ATOM   384  O O   . GLU A 1 57  ? 5.557   9.491   -0.153  1.00 114.19 ? 67  GLU A O   1 
ATOM   385  C CB  . GLU A 1 57  ? 8.230   11.398  -0.695  1.00 120.02 ? 67  GLU A CB  1 
ATOM   386  C CG  . GLU A 1 57  ? 9.399   10.460  -0.964  1.00 124.12 ? 67  GLU A CG  1 
ATOM   387  C CD  . GLU A 1 57  ? 10.592  10.744  -0.073  1.00 125.99 ? 67  GLU A CD  1 
ATOM   388  O OE1 . GLU A 1 57  ? 11.120  11.876  -0.122  1.00 123.85 ? 67  GLU A OE1 1 
ATOM   389  O OE2 . GLU A 1 57  ? 11.002  9.835   0.680   1.00 122.95 ? 67  GLU A OE2 1 
ATOM   390  N N   . ASP A 1 58  ? 7.174   8.588   -1.431  1.00 107.17 ? 68  ASP A N   1 
ATOM   391  C CA  . ASP A 1 58  ? 6.863   7.216   -1.044  1.00 99.39  ? 68  ASP A CA  1 
ATOM   392  C C   . ASP A 1 58  ? 6.940   7.157   0.479   1.00 94.34  ? 68  ASP A C   1 
ATOM   393  O O   . ASP A 1 58  ? 7.803   7.797   1.079   1.00 102.02 ? 68  ASP A O   1 
ATOM   394  C CB  . ASP A 1 58  ? 7.876   6.250   -1.659  1.00 98.10  ? 68  ASP A CB  1 
ATOM   395  C CG  . ASP A 1 58  ? 7.478   4.800   -1.485  1.00 100.28 ? 68  ASP A CG  1 
ATOM   396  O OD1 . ASP A 1 58  ? 7.311   4.360   -0.327  1.00 96.31  ? 68  ASP A OD1 1 
ATOM   397  O OD2 . ASP A 1 58  ? 7.331   4.100   -2.511  1.00 97.57  ? 68  ASP A OD2 1 
ATOM   398  N N   . GLN A 1 59  ? 6.049   6.394   1.105   1.00 73.36  ? 69  GLN A N   1 
ATOM   399  C CA  . GLN A 1 59  ? 6.036   6.313   2.559   1.00 60.06  ? 69  GLN A CA  1 
ATOM   400  C C   . GLN A 1 59  ? 5.898   4.896   3.100   1.00 56.74  ? 69  GLN A C   1 
ATOM   401  O O   . GLN A 1 59  ? 6.563   4.531   4.070   1.00 56.81  ? 69  GLN A O   1 
ATOM   402  C CB  . GLN A 1 59  ? 4.901   7.177   3.107   1.00 73.75  ? 69  GLN A CB  1 
ATOM   403  C CG  . GLN A 1 59  ? 4.921   8.604   2.605   1.00 77.86  ? 69  GLN A CG  1 
ATOM   404  C CD  . GLN A 1 59  ? 3.674   9.364   2.985   1.00 90.71  ? 69  GLN A CD  1 
ATOM   405  O OE1 . GLN A 1 59  ? 2.561   8.966   2.637   1.00 86.39  ? 69  GLN A OE1 1 
ATOM   406  N NE2 . GLN A 1 59  ? 3.848   10.466  3.705   1.00 97.77  ? 69  GLN A NE2 1 
ATOM   407  N N   . TYR A 1 60  ? 5.020   4.107   2.490   1.00 43.93  ? 70  TYR A N   1 
ATOM   408  C CA  . TYR A 1 60  ? 4.819   2.730   2.923   1.00 38.80  ? 70  TYR A CA  1 
ATOM   409  C C   . TYR A 1 60  ? 5.398   1.759   1.895   1.00 32.38  ? 70  TYR A C   1 
ATOM   410  O O   . TYR A 1 60  ? 5.034   1.801   0.719   1.00 36.88  ? 70  TYR A O   1 
ATOM   411  C CB  . TYR A 1 60  ? 3.330   2.417   3.094   1.00 40.35  ? 70  TYR A CB  1 
ATOM   412  C CG  . TYR A 1 60  ? 2.560   3.295   4.066   1.00 36.30  ? 70  TYR A CG  1 
ATOM   413  C CD1 . TYR A 1 60  ? 1.674   4.270   3.605   1.00 41.22  ? 70  TYR A CD1 1 
ATOM   414  C CD2 . TYR A 1 60  ? 2.662   3.104   5.442   1.00 32.89  ? 70  TYR A CD2 1 
ATOM   415  C CE1 . TYR A 1 60  ? 0.904   5.023   4.487   1.00 39.51  ? 70  TYR A CE1 1 
ATOM   416  C CE2 . TYR A 1 60  ? 1.898   3.853   6.334   1.00 29.90  ? 70  TYR A CE2 1 
ATOM   417  C CZ  . TYR A 1 60  ? 1.021   4.807   5.848   1.00 38.87  ? 70  TYR A CZ  1 
ATOM   418  O OH  . TYR A 1 60  ? 0.250   5.529   6.722   1.00 47.87  ? 70  TYR A OH  1 
ATOM   419  N N   . LEU A 1 61  ? 6.301   0.892   2.340   1.00 31.02  ? 71  LEU A N   1 
ATOM   420  C CA  . LEU A 1 61  ? 6.898   -0.112  1.461   1.00 35.62  ? 71  LEU A CA  1 
ATOM   421  C C   . LEU A 1 61  ? 6.476   -1.487  1.952   1.00 35.99  ? 71  LEU A C   1 
ATOM   422  O O   . LEU A 1 61  ? 7.042   -2.001  2.914   1.00 44.77  ? 71  LEU A O   1 
ATOM   423  C CB  . LEU A 1 61  ? 8.423   -0.021  1.471   1.00 30.87  ? 71  LEU A CB  1 
ATOM   424  C CG  . LEU A 1 61  ? 9.069   1.163   0.746   1.00 53.24  ? 71  LEU A CG  1 
ATOM   425  C CD1 . LEU A 1 61  ? 10.580  0.997   0.793   1.00 53.69  ? 71  LEU A CD1 1 
ATOM   426  C CD2 . LEU A 1 61  ? 8.595   1.229   -0.704  1.00 44.20  ? 71  LEU A CD2 1 
ATOM   427  N N   . ILE A 1 62  ? 5.480   -2.075  1.294   1.00 30.75  ? 72  ILE A N   1 
ATOM   428  C CA  . ILE A 1 62  ? 4.980   -3.387  1.687   1.00 29.74  ? 72  ILE A CA  1 
ATOM   429  C C   . ILE A 1 62  ? 5.671   -4.511  0.939   1.00 35.10  ? 72  ILE A C   1 
ATOM   430  O O   . ILE A 1 62  ? 5.849   -4.466  -0.276  1.00 25.86  ? 72  ILE A O   1 
ATOM   431  C CB  . ILE A 1 62  ? 3.452   -3.514  1.459   1.00 28.02  ? 72  ILE A CB  1 
ATOM   432  C CG1 . ILE A 1 62  ? 2.735   -2.292  2.037   1.00 31.92  ? 72  ILE A CG1 1 
ATOM   433  C CG2 . ILE A 1 62  ? 2.928   -4.778  2.154   1.00 28.48  ? 72  ILE A CG2 1 
ATOM   434  C CD1 . ILE A 1 62  ? 3.018   -2.058  3.512   1.00 35.76  ? 72  ILE A CD1 1 
ATOM   435  N N   . LYS A 1 63  ? 6.036   -5.544  1.679   1.00 33.95  ? 73  LYS A N   1 
ATOM   436  C CA  . LYS A 1 63  ? 6.728   -6.670  1.099   1.00 28.89  ? 73  LYS A CA  1 
ATOM   437  C C   . LYS A 1 63  ? 5.910   -7.954  0.999   1.00 28.33  ? 73  LYS A C   1 
ATOM   438  O O   . LYS A 1 63  ? 5.180   -8.316  1.920   1.00 32.43  ? 73  LYS A O   1 
ATOM   439  C CB  . LYS A 1 63  ? 7.996   -6.928  1.907   1.00 20.72  ? 73  LYS A CB  1 
ATOM   440  C CG  . LYS A 1 63  ? 8.771   -8.170  1.509   1.00 32.65  ? 73  LYS A CG  1 
ATOM   441  C CD  . LYS A 1 63  ? 10.140  -8.172  2.164   1.00 31.88  ? 73  LYS A CD  1 
ATOM   442  C CE  . LYS A 1 63  ? 10.916  -9.425  1.822   1.00 45.71  ? 73  LYS A CE  1 
ATOM   443  N NZ  . LYS A 1 63  ? 12.249  -9.443  2.474   1.00 41.15  ? 73  LYS A NZ  1 
ATOM   444  N N   . LEU A 1 64  ? 6.032   -8.623  -0.143  1.00 32.29  ? 74  LEU A N   1 
ATOM   445  C CA  . LEU A 1 64  ? 5.390   -9.910  -0.376  1.00 35.15  ? 74  LEU A CA  1 
ATOM   446  C C   . LEU A 1 64  ? 6.558   -10.883 -0.405  1.00 42.45  ? 74  LEU A C   1 
ATOM   447  O O   . LEU A 1 64  ? 7.290   -10.958 -1.390  1.00 52.53  ? 74  LEU A O   1 
ATOM   448  C CB  . LEU A 1 64  ? 4.677   -9.963  -1.725  1.00 29.15  ? 74  LEU A CB  1 
ATOM   449  C CG  . LEU A 1 64  ? 3.312   -9.308  -1.918  1.00 31.42  ? 74  LEU A CG  1 
ATOM   450  C CD1 . LEU A 1 64  ? 3.447   -7.793  -1.962  1.00 38.77  ? 74  LEU A CD1 1 
ATOM   451  C CD2 . LEU A 1 64  ? 2.717   -9.824  -3.224  1.00 43.29  ? 74  LEU A CD2 1 
ATOM   452  N N   . LYS A 1 65  ? 6.750   -11.612 0.682   1.00 48.96  ? 75  LYS A N   1 
ATOM   453  C CA  . LYS A 1 65  ? 7.854   -12.555 0.754   1.00 51.41  ? 75  LYS A CA  1 
ATOM   454  C C   . LYS A 1 65  ? 7.515   -13.869 0.055   1.00 42.19  ? 75  LYS A C   1 
ATOM   455  O O   . LYS A 1 65  ? 6.362   -14.297 0.034   1.00 35.27  ? 75  LYS A O   1 
ATOM   456  C CB  . LYS A 1 65  ? 8.202   -12.826 2.223   1.00 59.91  ? 75  LYS A CB  1 
ATOM   457  C CG  . LYS A 1 65  ? 9.370   -13.778 2.430   1.00 70.34  ? 75  LYS A CG  1 
ATOM   458  C CD  . LYS A 1 65  ? 9.455   -14.250 3.874   1.00 67.59  ? 75  LYS A CD  1 
ATOM   459  C CE  . LYS A 1 65  ? 10.561  -15.280 4.046   1.00 81.28  ? 75  LYS A CE  1 
ATOM   460  N NZ  . LYS A 1 65  ? 10.562  -15.878 5.412   1.00 88.33  ? 75  LYS A NZ  1 
ATOM   461  N N   . PHE A 1 66  ? 8.526   -14.499 -0.527  1.00 40.60  ? 76  PHE A N   1 
ATOM   462  C CA  . PHE A 1 66  ? 8.343   -15.787 -1.181  1.00 50.28  ? 76  PHE A CA  1 
ATOM   463  C C   . PHE A 1 66  ? 9.706   -16.404 -1.452  1.00 49.26  ? 76  PHE A C   1 
ATOM   464  O O   . PHE A 1 66  ? 10.609  -15.737 -1.949  1.00 61.09  ? 76  PHE A O   1 
ATOM   465  C CB  . PHE A 1 66  ? 7.514   -15.642 -2.472  1.00 41.15  ? 76  PHE A CB  1 
ATOM   466  C CG  . PHE A 1 66  ? 8.105   -14.716 -3.493  1.00 36.98  ? 76  PHE A CG  1 
ATOM   467  C CD1 . PHE A 1 66  ? 9.197   -15.106 -4.263  1.00 54.04  ? 76  PHE A CD1 1 
ATOM   468  C CD2 . PHE A 1 66  ? 7.554   -13.457 -3.701  1.00 43.55  ? 76  PHE A CD2 1 
ATOM   469  C CE1 . PHE A 1 66  ? 9.731   -14.250 -5.225  1.00 54.67  ? 76  PHE A CE1 1 
ATOM   470  C CE2 . PHE A 1 66  ? 8.082   -12.596 -4.661  1.00 46.69  ? 76  PHE A CE2 1 
ATOM   471  C CZ  . PHE A 1 66  ? 9.172   -12.994 -5.423  1.00 55.85  ? 76  PHE A CZ  1 
ATOM   472  N N   . LYS A 1 67  ? 9.861   -17.676 -1.100  1.00 55.57  ? 77  LYS A N   1 
ATOM   473  C CA  . LYS A 1 67  ? 11.136  -18.355 -1.292  1.00 60.87  ? 77  LYS A CA  1 
ATOM   474  C C   . LYS A 1 67  ? 11.145  -19.327 -2.471  1.00 63.07  ? 77  LYS A C   1 
ATOM   475  O O   . LYS A 1 67  ? 12.004  -19.239 -3.350  1.00 67.61  ? 77  LYS A O   1 
ATOM   476  C CB  . LYS A 1 67  ? 11.530  -19.096 -0.012  1.00 64.67  ? 77  LYS A CB  1 
ATOM   477  C CG  . LYS A 1 67  ? 12.910  -19.737 -0.073  1.00 86.27  ? 77  LYS A CG  1 
ATOM   478  C CD  . LYS A 1 67  ? 13.301  -20.362 1.259   1.00 104.16 ? 77  LYS A CD  1 
ATOM   479  C CE  . LYS A 1 67  ? 13.460  -19.306 2.344   1.00 113.14 ? 77  LYS A CE  1 
ATOM   480  N NZ  . LYS A 1 67  ? 14.522  -18.314 2.009   1.00 117.89 ? 77  LYS A NZ  1 
ATOM   481  N N   . ASP A 1 68  ? 10.191  -20.249 -2.486  1.00 54.64  ? 78  ASP A N   1 
ATOM   482  C CA  . ASP A 1 68  ? 10.105  -21.241 -3.550  1.00 47.34  ? 78  ASP A CA  1 
ATOM   483  C C   . ASP A 1 68  ? 9.300   -20.741 -4.753  1.00 46.00  ? 78  ASP A C   1 
ATOM   484  O O   . ASP A 1 68  ? 8.676   -19.681 -4.704  1.00 42.80  ? 78  ASP A O   1 
ATOM   485  C CB  . ASP A 1 68  ? 9.478   -22.528 -3.004  1.00 50.86  ? 78  ASP A CB  1 
ATOM   486  C CG  . ASP A 1 68  ? 8.055   -22.322 -2.523  1.00 62.20  ? 78  ASP A CG  1 
ATOM   487  O OD1 . ASP A 1 68  ? 7.841   -21.440 -1.669  1.00 72.02  ? 78  ASP A OD1 1 
ATOM   488  O OD2 . ASP A 1 68  ? 7.150   -23.040 -2.997  1.00 82.92  ? 78  ASP A OD2 1 
ATOM   489  N N   . ARG A 1 69  ? 9.326   -21.521 -5.828  1.00 29.89  ? 79  ARG A N   1 
ATOM   490  C CA  . ARG A 1 69  ? 8.618   -21.196 -7.060  1.00 38.85  ? 79  ARG A CA  1 
ATOM   491  C C   . ARG A 1 69  ? 7.094   -21.157 -6.893  1.00 39.98  ? 79  ARG A C   1 
ATOM   492  O O   . ARG A 1 69  ? 6.415   -20.332 -7.500  1.00 32.73  ? 79  ARG A O   1 
ATOM   493  C CB  . ARG A 1 69  ? 8.995   -22.209 -8.148  1.00 35.49  ? 79  ARG A CB  1 
ATOM   494  C CG  . ARG A 1 69  ? 9.904   -21.643 -9.217  1.00 51.15  ? 79  ARG A CG  1 
ATOM   495  C CD  . ARG A 1 69  ? 9.164   -20.583 -10.015 1.00 76.12  ? 79  ARG A CD  1 
ATOM   496  N NE  . ARG A 1 69  ? 10.035  -19.856 -10.933 1.00 78.13  ? 79  ARG A NE  1 
ATOM   497  C CZ  . ARG A 1 69  ? 9.613   -18.897 -11.752 1.00 91.21  ? 79  ARG A CZ  1 
ATOM   498  N NH1 . ARG A 1 69  ? 8.330   -18.554 -11.768 1.00 84.68  ? 79  ARG A NH1 1 
ATOM   499  N NH2 . ARG A 1 69  ? 10.472  -18.279 -12.554 1.00 92.37  ? 79  ARG A NH2 1 
ATOM   500  N N   . GLY A 1 70  ? 6.558   -22.057 -6.077  1.00 39.44  ? 80  GLY A N   1 
ATOM   501  C CA  . GLY A 1 70  ? 5.125   -22.077 -5.864  1.00 27.40  ? 80  GLY A CA  1 
ATOM   502  C C   . GLY A 1 70  ? 4.609   -20.761 -5.303  1.00 36.05  ? 80  GLY A C   1 
ATOM   503  O O   . GLY A 1 70  ? 3.573   -20.257 -5.735  1.00 35.85  ? 80  GLY A O   1 
ATOM   504  N N   . SER A 1 71  ? 5.330   -20.197 -4.341  1.00 23.88  ? 81  SER A N   1 
ATOM   505  C CA  . SER A 1 71  ? 4.915   -18.938 -3.735  1.00 36.54  ? 81  SER A CA  1 
ATOM   506  C C   . SER A 1 71  ? 5.231   -17.778 -4.668  1.00 34.27  ? 81  SER A C   1 
ATOM   507  O O   . SER A 1 71  ? 4.551   -16.752 -4.638  1.00 39.41  ? 81  SER A O   1 
ATOM   508  C CB  . SER A 1 71  ? 5.594   -18.734 -2.369  1.00 31.91  ? 81  SER A CB  1 
ATOM   509  O OG  . SER A 1 71  ? 7.007   -18.662 -2.482  1.00 47.11  ? 81  SER A OG  1 
ATOM   510  N N   . GLU A 1 72  ? 6.254   -17.940 -5.503  1.00 31.87  ? 82  GLU A N   1 
ATOM   511  C CA  . GLU A 1 72  ? 6.614   -16.889 -6.452  1.00 30.75  ? 82  GLU A CA  1 
ATOM   512  C C   . GLU A 1 72  ? 5.477   -16.741 -7.451  1.00 29.84  ? 82  GLU A C   1 
ATOM   513  O O   . GLU A 1 72  ? 5.115   -15.626 -7.829  1.00 36.53  ? 82  GLU A O   1 
ATOM   514  C CB  . GLU A 1 72  ? 7.892   -17.234 -7.215  1.00 25.65  ? 82  GLU A CB  1 
ATOM   515  C CG  . GLU A 1 72  ? 8.431   -16.055 -8.016  1.00 39.89  ? 82  GLU A CG  1 
ATOM   516  C CD  . GLU A 1 72  ? 9.439   -16.461 -9.075  1.00 48.11  ? 82  GLU A CD  1 
ATOM   517  O OE1 . GLU A 1 72  ? 10.240  -17.383 -8.819  1.00 49.51  ? 82  GLU A OE1 1 
ATOM   518  O OE2 . GLU A 1 72  ? 9.438   -15.845 -10.159 1.00 59.36  ? 82  GLU A OE2 1 
ATOM   519  N N   . ARG A 1 73  ? 4.921   -17.873 -7.879  1.00 28.43  ? 83  ARG A N   1 
ATOM   520  C CA  . ARG A 1 73  ? 3.804   -17.869 -8.820  1.00 31.35  ? 83  ARG A CA  1 
ATOM   521  C C   . ARG A 1 73  ? 2.647   -17.081 -8.236  1.00 25.54  ? 83  ARG A C   1 
ATOM   522  O O   . ARG A 1 73  ? 2.059   -16.231 -8.905  1.00 27.23  ? 83  ARG A O   1 
ATOM   523  C CB  . ARG A 1 73  ? 3.317   -19.286 -9.106  1.00 49.40  ? 83  ARG A CB  1 
ATOM   524  C CG  . ARG A 1 73  ? 4.294   -20.152 -9.848  1.00 45.57  ? 83  ARG A CG  1 
ATOM   525  C CD  . ARG A 1 73  ? 3.603   -21.377 -10.412 1.00 46.31  ? 83  ARG A CD  1 
ATOM   526  N NE  . ARG A 1 73  ? 4.587   -22.283 -10.973 1.00 47.97  ? 83  ARG A NE  1 
ATOM   527  C CZ  . ARG A 1 73  ? 5.185   -23.255 -10.296 1.00 31.29  ? 83  ARG A CZ  1 
ATOM   528  N NH1 . ARG A 1 73  ? 4.891   -23.466 -9.021  1.00 24.92  ? 83  ARG A NH1 1 
ATOM   529  N NH2 . ARG A 1 73  ? 6.097   -24.004 -10.894 1.00 53.68  ? 83  ARG A NH2 1 
ATOM   530  N N   . LEU A 1 74  ? 2.312   -17.382 -6.988  1.00 22.43  ? 84  LEU A N   1 
ATOM   531  C CA  . LEU A 1 74  ? 1.226   -16.675 -6.323  1.00 33.17  ? 84  LEU A CA  1 
ATOM   532  C C   . LEU A 1 74  ? 1.511   -15.170 -6.269  1.00 32.70  ? 84  LEU A C   1 
ATOM   533  O O   . LEU A 1 74  ? 0.622   -14.352 -6.511  1.00 31.47  ? 84  LEU A O   1 
ATOM   534  C CB  . LEU A 1 74  ? 1.014   -17.243 -4.916  1.00 25.37  ? 84  LEU A CB  1 
ATOM   535  C CG  . LEU A 1 74  ? 0.513   -18.693 -4.914  1.00 28.44  ? 84  LEU A CG  1 
ATOM   536  C CD1 . LEU A 1 74  ? 0.314   -19.176 -3.489  1.00 30.70  ? 84  LEU A CD1 1 
ATOM   537  C CD2 . LEU A 1 74  ? -0.783  -18.782 -5.692  1.00 38.27  ? 84  LEU A CD2 1 
ATOM   538  N N   . ALA A 1 75  ? 2.751   -14.804 -5.965  1.00 28.88  ? 85  ALA A N   1 
ATOM   539  C CA  . ALA A 1 75  ? 3.112   -13.394 -5.915  1.00 29.49  ? 85  ALA A CA  1 
ATOM   540  C C   . ALA A 1 75  ? 2.889   -12.765 -7.292  1.00 32.15  ? 85  ALA A C   1 
ATOM   541  O O   . ALA A 1 75  ? 2.342   -11.672 -7.400  1.00 36.74  ? 85  ALA A O   1 
ATOM   542  C CB  . ALA A 1 75  ? 4.573   -13.237 -5.490  1.00 32.99  ? 85  ALA A CB  1 
ATOM   543  N N   . ARG A 1 76  ? 3.306   -13.471 -8.340  1.00 25.52  ? 86  ARG A N   1 
ATOM   544  C CA  . ARG A 1 76  ? 3.154   -12.991 -9.713  1.00 33.47  ? 86  ARG A CA  1 
ATOM   545  C C   . ARG A 1 76  ? 1.692   -12.755 -10.075 1.00 27.39  ? 86  ARG A C   1 
ATOM   546  O O   . ARG A 1 76  ? 1.343   -11.709 -10.620 1.00 24.24  ? 86  ARG A O   1 
ATOM   547  C CB  . ARG A 1 76  ? 3.749   -14.002 -10.695 1.00 34.74  ? 86  ARG A CB  1 
ATOM   548  C CG  . ARG A 1 76  ? 5.254   -14.140 -10.619 1.00 49.36  ? 86  ARG A CG  1 
ATOM   549  C CD  . ARG A 1 76  ? 5.935   -13.174 -11.562 1.00 65.80  ? 86  ARG A CD  1 
ATOM   550  N NE  . ARG A 1 76  ? 7.382   -13.159 -11.376 1.00 73.59  ? 86  ARG A NE  1 
ATOM   551  C CZ  . ARG A 1 76  ? 8.219   -12.458 -12.131 1.00 77.21  ? 86  ARG A CZ  1 
ATOM   552  N NH1 . ARG A 1 76  ? 7.751   -11.716 -13.130 1.00 60.11  ? 86  ARG A NH1 1 
ATOM   553  N NH2 . ARG A 1 76  ? 9.521   -12.486 -11.880 1.00 83.17  ? 86  ARG A NH2 1 
ATOM   554  N N   . ILE A 1 77  ? 0.857   -13.748 -9.788  1.00 24.60  ? 87  ILE A N   1 
ATOM   555  C CA  . ILE A 1 77  ? -0.572  -13.684 -10.068 1.00 32.25  ? 87  ILE A CA  1 
ATOM   556  C C   . ILE A 1 77  ? -1.215  -12.538 -9.279  1.00 35.06  ? 87  ILE A C   1 
ATOM   557  O O   . ILE A 1 77  ? -2.116  -11.865 -9.779  1.00 44.53  ? 87  ILE A O   1 
ATOM   558  C CB  . ILE A 1 77  ? -1.263  -15.024 -9.701  1.00 40.37  ? 87  ILE A CB  1 
ATOM   559  C CG1 . ILE A 1 77  ? -0.683  -16.158 -10.552 1.00 37.13  ? 87  ILE A CG1 1 
ATOM   560  C CG2 . ILE A 1 77  ? -2.757  -14.917 -9.915  1.00 39.78  ? 87  ILE A CG2 1 
ATOM   561  C CD1 . ILE A 1 77  ? -1.211  -17.554 -10.197 1.00 22.52  ? 87  ILE A CD1 1 
ATOM   562  N N   . THR A 1 78  ? -0.743  -12.325 -8.051  1.00 30.72  ? 88  THR A N   1 
ATOM   563  C CA  . THR A 1 78  ? -1.238  -11.249 -7.187  1.00 32.78  ? 88  THR A CA  1 
ATOM   564  C C   . THR A 1 78  ? -0.959  -9.890  -7.834  1.00 29.79  ? 88  THR A C   1 
ATOM   565  O O   . THR A 1 78  ? -1.857  -9.053  -7.960  1.00 33.13  ? 88  THR A O   1 
ATOM   566  C CB  . THR A 1 78  ? -0.555  -11.306 -5.784  1.00 26.54  ? 88  THR A CB  1 
ATOM   567  O OG1 . THR A 1 78  ? -1.118  -12.383 -5.021  1.00 42.81  ? 88  THR A OG1 1 
ATOM   568  C CG2 . THR A 1 78  ? -0.742  -10.017 -5.028  1.00 22.77  ? 88  THR A CG2 1 
ATOM   569  N N   . ILE A 1 79  ? 0.287   -9.679  -8.248  1.00 18.23  ? 89  ILE A N   1 
ATOM   570  C CA  . ILE A 1 79  ? 0.680   -8.425  -8.892  1.00 20.23  ? 89  ILE A CA  1 
ATOM   571  C C   . ILE A 1 79  ? -0.074  -8.227  -10.200 1.00 32.07  ? 89  ILE A C   1 
ATOM   572  O O   . ILE A 1 79  ? -0.503  -7.114  -10.532 1.00 28.33  ? 89  ILE A O   1 
ATOM   573  C CB  . ILE A 1 79  ? 2.197   -8.397  -9.207  1.00 33.35  ? 89  ILE A CB  1 
ATOM   574  C CG1 . ILE A 1 79  ? 3.001   -8.460  -7.906  1.00 36.32  ? 89  ILE A CG1 1 
ATOM   575  C CG2 . ILE A 1 79  ? 2.550   -7.127  -9.989  1.00 22.11  ? 89  ILE A CG2 1 
ATOM   576  C CD1 . ILE A 1 79  ? 2.687   -7.340  -6.935  1.00 41.87  ? 89  ILE A CD1 1 
ATOM   577  N N   . SER A 1 80  ? -0.223  -9.318  -10.941 1.00 28.39  ? 90  SER A N   1 
ATOM   578  C CA  . SER A 1 80  ? -0.917  -9.291  -12.211 1.00 26.49  ? 90  SER A CA  1 
ATOM   579  C C   . SER A 1 80  ? -2.357  -8.837  -12.006 1.00 29.12  ? 90  SER A C   1 
ATOM   580  O O   . SER A 1 80  ? -2.838  -7.954  -12.707 1.00 29.20  ? 90  SER A O   1 
ATOM   581  C CB  . SER A 1 80  ? -0.890  -10.682 -12.853 1.00 27.35  ? 90  SER A CB  1 
ATOM   582  O OG  . SER A 1 80  ? -1.481  -10.652 -14.138 1.00 53.69  ? 90  SER A OG  1 
ATOM   583  N N   . LEU A 1 81  ? -3.043  -9.431  -11.039 1.00 20.90  ? 91  LEU A N   1 
ATOM   584  C CA  . LEU A 1 81  ? -4.433  -9.062  -10.777 1.00 32.14  ? 91  LEU A CA  1 
ATOM   585  C C   . LEU A 1 81  ? -4.580  -7.637  -10.246 1.00 30.51  ? 91  LEU A C   1 
ATOM   586  O O   . LEU A 1 81  ? -5.518  -6.924  -10.608 1.00 28.68  ? 91  LEU A O   1 
ATOM   587  C CB  . LEU A 1 81  ? -5.063  -10.047 -9.795  1.00 26.82  ? 91  LEU A CB  1 
ATOM   588  C CG  . LEU A 1 81  ? -5.340  -11.433 -10.369 1.00 26.18  ? 91  LEU A CG  1 
ATOM   589  C CD1 . LEU A 1 81  ? -5.630  -12.408 -9.238  1.00 29.31  ? 91  LEU A CD1 1 
ATOM   590  C CD2 . LEU A 1 81  ? -6.518  -11.350 -11.340 1.00 21.56  ? 91  LEU A CD2 1 
ATOM   591  N N   . LEU A 1 82  ? -3.654  -7.218  -9.388  1.00 29.66  ? 92  LEU A N   1 
ATOM   592  C CA  . LEU A 1 82  ? -3.715  -5.870  -8.834  1.00 27.36  ? 92  LEU A CA  1 
ATOM   593  C C   . LEU A 1 82  ? -3.521  -4.849  -9.951  1.00 33.14  ? 92  LEU A C   1 
ATOM   594  O O   . LEU A 1 82  ? -4.215  -3.836  -10.013 1.00 21.66  ? 92  LEU A O   1 
ATOM   595  C CB  . LEU A 1 82  ? -2.631  -5.672  -7.774  1.00 22.06  ? 92  LEU A CB  1 
ATOM   596  C CG  . LEU A 1 82  ? -2.647  -4.301  -7.103  1.00 35.63  ? 92  LEU A CG  1 
ATOM   597  C CD1 . LEU A 1 82  ? -3.928  -4.167  -6.287  1.00 29.88  ? 92  LEU A CD1 1 
ATOM   598  C CD2 . LEU A 1 82  ? -1.417  -4.136  -6.222  1.00 36.01  ? 92  LEU A CD2 1 
ATOM   599  N N   . CYS A 1 83  ? -2.569  -5.118  -10.836 1.00 25.08  ? 93  CYS A N   1 
ATOM   600  C CA  . CYS A 1 83  ? -2.314  -4.206  -11.938 1.00 27.75  ? 93  CYS A CA  1 
ATOM   601  C C   . CYS A 1 83  ? -3.472  -4.179  -12.923 1.00 28.98  ? 93  CYS A C   1 
ATOM   602  O O   . CYS A 1 83  ? -3.848  -3.116  -13.419 1.00 33.98  ? 93  CYS A O   1 
ATOM   603  C CB  . CYS A 1 83  ? -1.009  -4.586  -12.645 1.00 26.17  ? 93  CYS A CB  1 
ATOM   604  S SG  . CYS A 1 83  ? 0.468   -4.254  -11.620 1.00 39.01  ? 93  CYS A SG  1 
ATOM   605  N N   . GLN A 1 84  ? -4.059  -5.340  -13.192 1.00 28.62  ? 94  GLN A N   1 
ATOM   606  C CA  . GLN A 1 84  ? -5.169  -5.397  -14.128 1.00 24.17  ? 94  GLN A CA  1 
ATOM   607  C C   . GLN A 1 84  ? -6.385  -4.671  -13.571 1.00 29.92  ? 94  GLN A C   1 
ATOM   608  O O   . GLN A 1 84  ? -7.141  -4.043  -14.310 1.00 31.51  ? 94  GLN A O   1 
ATOM   609  C CB  . GLN A 1 84  ? -5.537  -6.844  -14.454 1.00 24.64  ? 94  GLN A CB  1 
ATOM   610  C CG  . GLN A 1 84  ? -6.210  -6.971  -15.810 1.00 44.95  ? 94  GLN A CG  1 
ATOM   611  C CD  . GLN A 1 84  ? -6.707  -8.365  -16.103 1.00 54.39  ? 94  GLN A CD  1 
ATOM   612  O OE1 . GLN A 1 84  ? -6.006  -9.351  -15.868 1.00 57.59  ? 94  GLN A OE1 1 
ATOM   613  N NE2 . GLN A 1 84  ? -7.923  -8.458  -16.636 1.00 48.27  ? 94  GLN A NE2 1 
ATOM   614  N N   . TYR A 1 85  ? -6.568  -4.751  -12.260 1.00 35.89  ? 95  TYR A N   1 
ATOM   615  C CA  . TYR A 1 85  ? -7.695  -4.089  -11.624 1.00 33.58  ? 95  TYR A CA  1 
ATOM   616  C C   . TYR A 1 85  ? -7.604  -2.570  -11.768 1.00 28.82  ? 95  TYR A C   1 
ATOM   617  O O   . TYR A 1 85  ? -8.621  -1.892  -11.852 1.00 36.52  ? 95  TYR A O   1 
ATOM   618  C CB  . TYR A 1 85  ? -7.757  -4.444  -10.139 1.00 26.93  ? 95  TYR A CB  1 
ATOM   619  C CG  . TYR A 1 85  ? -9.003  -3.928  -9.473  1.00 35.89  ? 95  TYR A CG  1 
ATOM   620  C CD1 . TYR A 1 85  ? -10.139 -4.727  -9.365  1.00 35.23  ? 95  TYR A CD1 1 
ATOM   621  C CD2 . TYR A 1 85  ? -9.067  -2.621  -8.990  1.00 37.72  ? 95  TYR A CD2 1 
ATOM   622  C CE1 . TYR A 1 85  ? -11.311 -4.237  -8.793  1.00 36.43  ? 95  TYR A CE1 1 
ATOM   623  C CE2 . TYR A 1 85  ? -10.230 -2.120  -8.424  1.00 33.50  ? 95  TYR A CE2 1 
ATOM   624  C CZ  . TYR A 1 85  ? -11.349 -2.932  -8.327  1.00 43.31  ? 95  TYR A CZ  1 
ATOM   625  O OH  . TYR A 1 85  ? -12.502 -2.433  -7.770  1.00 45.31  ? 95  TYR A OH  1 
ATOM   626  N N   . PHE A 1 86  ? -6.382  -2.043  -11.779 1.00 39.47  ? 96  PHE A N   1 
ATOM   627  C CA  . PHE A 1 86  ? -6.166  -0.603  -11.899 1.00 40.16  ? 96  PHE A CA  1 
ATOM   628  C C   . PHE A 1 86  ? -5.857  -0.176  -13.332 1.00 38.22  ? 96  PHE A C   1 
ATOM   629  O O   . PHE A 1 86  ? -5.495  0.974   -13.581 1.00 36.85  ? 96  PHE A O   1 
ATOM   630  C CB  . PHE A 1 86  ? -5.015  -0.161  -10.987 1.00 41.83  ? 96  PHE A CB  1 
ATOM   631  C CG  . PHE A 1 86  ? -5.363  -0.135  -9.521  1.00 31.62  ? 96  PHE A CG  1 
ATOM   632  C CD1 . PHE A 1 86  ? -6.445  0.606   -9.061  1.00 27.09  ? 96  PHE A CD1 1 
ATOM   633  C CD2 . PHE A 1 86  ? -4.585  -0.818  -8.599  1.00 25.90  ? 96  PHE A CD2 1 
ATOM   634  C CE1 . PHE A 1 86  ? -6.743  0.666   -7.701  1.00 34.50  ? 96  PHE A CE1 1 
ATOM   635  C CE2 . PHE A 1 86  ? -4.875  -0.766  -7.236  1.00 34.46  ? 96  PHE A CE2 1 
ATOM   636  C CZ  . PHE A 1 86  ? -5.958  -0.021  -6.786  1.00 27.35  ? 96  PHE A CZ  1 
ATOM   637  N N   . ASP A 1 87  ? -6.003  -1.108  -14.267 1.00 38.10  ? 97  ASP A N   1 
ATOM   638  C CA  . ASP A 1 87  ? -5.725  -0.847  -15.675 1.00 51.17  ? 97  ASP A CA  1 
ATOM   639  C C   . ASP A 1 87  ? -4.248  -0.537  -15.928 1.00 57.01  ? 97  ASP A C   1 
ATOM   640  O O   . ASP A 1 87  ? -3.913  0.197   -16.853 1.00 59.75  ? 97  ASP A O   1 
ATOM   641  C CB  . ASP A 1 87  ? -6.593  0.306   -16.191 1.00 54.06  ? 97  ASP A CB  1 
ATOM   642  C CG  . ASP A 1 87  ? -8.086  0.012   -16.078 1.00 74.19  ? 97  ASP A CG  1 
ATOM   643  O OD1 . ASP A 1 87  ? -8.529  -1.050  -16.572 1.00 76.36  ? 97  ASP A OD1 1 
ATOM   644  O OD2 . ASP A 1 87  ? -8.818  0.844   -15.499 1.00 63.52  ? 97  ASP A OD2 1 
ATOM   645  N N   . ILE A 1 88  ? -3.371  -1.097  -15.099 1.00 60.55  ? 98  ILE A N   1 
ATOM   646  C CA  . ILE A 1 88  ? -1.934  -0.890  -15.255 1.00 61.44  ? 98  ILE A CA  1 
ATOM   647  C C   . ILE A 1 88  ? -1.379  -1.939  -16.212 1.00 65.40  ? 98  ILE A C   1 
ATOM   648  O O   . ILE A 1 88  ? -1.666  -3.129  -16.077 1.00 64.00  ? 98  ILE A O   1 
ATOM   649  C CB  . ILE A 1 88  ? -1.182  -1.007  -13.906 1.00 59.94  ? 98  ILE A CB  1 
ATOM   650  C CG1 . ILE A 1 88  ? -1.586  0.136   -12.974 1.00 42.23  ? 98  ILE A CG1 1 
ATOM   651  C CG2 . ILE A 1 88  ? 0.320   -0.972  -14.140 1.00 61.35  ? 98  ILE A CG2 1 
ATOM   652  C CD1 . ILE A 1 88  ? -0.965  0.051   -11.589 1.00 29.41  ? 98  ILE A CD1 1 
ATOM   653  N N   . GLU A 1 89  ? -0.582  -1.486  -17.174 1.00 73.39  ? 99  GLU A N   1 
ATOM   654  C CA  . GLU A 1 89  ? 0.017   -2.361  -18.178 1.00 80.41  ? 99  GLU A CA  1 
ATOM   655  C C   . GLU A 1 89  ? 1.255   -3.090  -17.655 1.00 85.69  ? 99  GLU A C   1 
ATOM   656  O O   . GLU A 1 89  ? 2.241   -2.460  -17.271 1.00 90.08  ? 99  GLU A O   1 
ATOM   657  C CB  . GLU A 1 89  ? 0.372   -1.534  -19.417 1.00 81.28  ? 99  GLU A CB  1 
ATOM   658  C CG  . GLU A 1 89  ? 1.159   -0.265  -19.110 1.00 89.98  ? 99  GLU A CG  1 
ATOM   659  C CD  . GLU A 1 89  ? 1.187   0.709   -20.277 1.00 100.18 ? 99  GLU A CD  1 
ATOM   660  O OE1 . GLU A 1 89  ? 0.107   1.200   -20.670 1.00 98.87  ? 99  GLU A OE1 1 
ATOM   661  O OE2 . GLU A 1 89  ? 2.288   0.985   -20.803 1.00 99.51  ? 99  GLU A OE2 1 
ATOM   662  N N   . LEU A 1 90  ? 1.199   -4.420  -17.647 1.00 86.01  ? 100 LEU A N   1 
ATOM   663  C CA  . LEU A 1 90  ? 2.314   -5.231  -17.165 1.00 87.94  ? 100 LEU A CA  1 
ATOM   664  C C   . LEU A 1 90  ? 2.928   -6.170  -18.198 1.00 95.30  ? 100 LEU A C   1 
ATOM   665  O O   . LEU A 1 90  ? 2.221   -6.899  -18.896 1.00 91.89  ? 100 LEU A O   1 
ATOM   666  C CB  . LEU A 1 90  ? 1.888   -6.067  -15.957 1.00 78.16  ? 100 LEU A CB  1 
ATOM   667  C CG  . LEU A 1 90  ? 1.904   -5.432  -14.568 1.00 71.84  ? 100 LEU A CG  1 
ATOM   668  C CD1 . LEU A 1 90  ? 1.693   -6.534  -13.541 1.00 70.83  ? 100 LEU A CD1 1 
ATOM   669  C CD2 . LEU A 1 90  ? 3.234   -4.730  -14.313 1.00 53.11  ? 100 LEU A CD2 1 
ATOM   670  N N   . PRO A 1 91  ? 4.265   -6.162  -18.305 1.00 100.91 ? 101 PRO A N   1 
ATOM   671  C CA  . PRO A 1 91  ? 4.989   -7.017  -19.249 1.00 99.93  ? 101 PRO A CA  1 
ATOM   672  C C   . PRO A 1 91  ? 5.326   -8.381  -18.636 1.00 99.74  ? 101 PRO A C   1 
ATOM   673  O O   . PRO A 1 91  ? 6.356   -8.539  -17.979 1.00 96.46  ? 101 PRO A O   1 
ATOM   674  C CB  . PRO A 1 91  ? 6.233   -6.194  -19.558 1.00 102.85 ? 101 PRO A CB  1 
ATOM   675  C CG  . PRO A 1 91  ? 6.523   -5.559  -18.235 1.00 104.72 ? 101 PRO A CG  1 
ATOM   676  C CD  . PRO A 1 91  ? 5.151   -5.110  -17.768 1.00 100.44 ? 101 PRO A CD  1 
ATOM   677  N N   . ASP A 1 92  ? 4.447   -9.356  -18.848 1.00 99.86  ? 102 ASP A N   1 
ATOM   678  C CA  . ASP A 1 92  ? 4.648   -10.707 -18.325 1.00 103.70 ? 102 ASP A CA  1 
ATOM   679  C C   . ASP A 1 92  ? 4.355   -11.759 -19.392 1.00 105.39 ? 102 ASP A C   1 
ATOM   680  O O   . ASP A 1 92  ? 4.614   -12.946 -19.193 1.00 107.41 ? 102 ASP A O   1 
ATOM   681  C CB  . ASP A 1 92  ? 3.747   -10.952 -17.107 1.00 105.17 ? 102 ASP A CB  1 
ATOM   682  C CG  . ASP A 1 92  ? 4.268   -10.279 -15.848 1.00 103.89 ? 102 ASP A CG  1 
ATOM   683  O OD1 . ASP A 1 92  ? 5.333   -10.694 -15.343 1.00 105.54 ? 102 ASP A OD1 1 
ATOM   684  O OD2 . ASP A 1 92  ? 3.611   -9.336  -15.361 1.00 104.33 ? 102 ASP A OD2 1 
ATOM   685  N N   . PRO A 1 101 ? 11.698  -12.375 -14.031 1.00 63.44  ? 111 PRO A N   1 
ATOM   686  C CA  . PRO A 1 101 ? 11.930  -11.113 -14.745 1.00 75.17  ? 111 PRO A CA  1 
ATOM   687  C C   . PRO A 1 101 ? 11.668  -9.855  -13.908 1.00 75.67  ? 111 PRO A C   1 
ATOM   688  O O   . PRO A 1 101 ? 10.525  -9.555  -13.558 1.00 73.50  ? 111 PRO A O   1 
ATOM   689  C CB  . PRO A 1 101 ? 10.992  -11.221 -15.950 1.00 68.67  ? 111 PRO A CB  1 
ATOM   690  C CG  . PRO A 1 101 ? 9.873   -12.073 -15.433 1.00 64.78  ? 111 PRO A CG  1 
ATOM   691  C CD  . PRO A 1 101 ? 10.615  -13.145 -14.669 1.00 66.86  ? 111 PRO A CD  1 
ATOM   692  N N   . THR A 1 102 ? 12.740  -9.128  -13.602 1.00 64.24  ? 112 THR A N   1 
ATOM   693  C CA  . THR A 1 102 ? 12.665  -7.900  -12.817 1.00 62.32  ? 112 THR A CA  1 
ATOM   694  C C   . THR A 1 102 ? 11.672  -6.900  -13.409 1.00 63.08  ? 112 THR A C   1 
ATOM   695  O O   . THR A 1 102 ? 11.830  -6.455  -14.547 1.00 55.49  ? 112 THR A O   1 
ATOM   696  C CB  . THR A 1 102 ? 14.047  -7.217  -12.722 1.00 63.50  ? 112 THR A CB  1 
ATOM   697  O OG1 . THR A 1 102 ? 14.978  -8.108  -12.095 1.00 61.00  ? 112 THR A OG1 1 
ATOM   698  C CG2 . THR A 1 102 ? 13.955  -5.933  -11.906 1.00 60.92  ? 112 THR A CG2 1 
ATOM   699  N N   . VAL A 1 103 ? 10.654  -6.547  -12.626 1.00 56.04  ? 113 VAL A N   1 
ATOM   700  C CA  . VAL A 1 103 ? 9.629   -5.601  -13.060 1.00 55.20  ? 113 VAL A CA  1 
ATOM   701  C C   . VAL A 1 103 ? 9.587   -4.387  -12.137 1.00 50.44  ? 113 VAL A C   1 
ATOM   702  O O   . VAL A 1 103 ? 9.434   -4.519  -10.925 1.00 47.10  ? 113 VAL A O   1 
ATOM   703  C CB  . VAL A 1 103 ? 8.245   -6.274  -13.089 1.00 55.66  ? 113 VAL A CB  1 
ATOM   704  C CG1 . VAL A 1 103 ? 7.163   -5.248  -13.351 1.00 52.68  ? 113 VAL A CG1 1 
ATOM   705  C CG2 . VAL A 1 103 ? 8.225   -7.346  -14.165 1.00 53.07  ? 113 VAL A CG2 1 
ATOM   706  N N   . ILE A 1 104 ? 9.719   -3.200  -12.720 1.00 51.63  ? 114 ILE A N   1 
ATOM   707  C CA  . ILE A 1 104 ? 9.715   -1.967  -11.946 1.00 36.68  ? 114 ILE A CA  1 
ATOM   708  C C   . ILE A 1 104 ? 8.764   -0.895  -12.466 1.00 36.38  ? 114 ILE A C   1 
ATOM   709  O O   . ILE A 1 104 ? 8.729   -0.596  -13.662 1.00 42.04  ? 114 ILE A O   1 
ATOM   710  C CB  . ILE A 1 104 ? 11.137  -1.390  -11.872 1.00 39.86  ? 114 ILE A CB  1 
ATOM   711  C CG1 . ILE A 1 104 ? 12.010  -2.340  -11.052 1.00 50.40  ? 114 ILE A CG1 1 
ATOM   712  C CG2 . ILE A 1 104 ? 11.118  0.008   -11.274 1.00 25.15  ? 114 ILE A CG2 1 
ATOM   713  C CD1 . ILE A 1 104 ? 13.411  -1.872  -10.861 1.00 58.10  ? 114 ILE A CD1 1 
ATOM   714  N N   . LEU A 1 105 ? 7.985   -0.329  -11.549 1.00 33.53  ? 115 LEU A N   1 
ATOM   715  C CA  . LEU A 1 105 ? 7.029   0.729   -11.868 1.00 34.83  ? 115 LEU A CA  1 
ATOM   716  C C   . LEU A 1 105 ? 7.239   1.830   -10.840 1.00 28.36  ? 115 LEU A C   1 
ATOM   717  O O   . LEU A 1 105 ? 7.421   1.541   -9.658  1.00 31.19  ? 115 LEU A O   1 
ATOM   718  C CB  . LEU A 1 105 ? 5.586   0.211   -11.782 1.00 41.12  ? 115 LEU A CB  1 
ATOM   719  C CG  . LEU A 1 105 ? 5.080   -0.770  -12.850 1.00 48.00  ? 115 LEU A CG  1 
ATOM   720  C CD1 . LEU A 1 105 ? 3.773   -1.400  -12.396 1.00 50.91  ? 115 LEU A CD1 1 
ATOM   721  C CD2 . LEU A 1 105 ? 4.882   -0.048  -14.163 1.00 41.66  ? 115 LEU A CD2 1 
ATOM   722  N N   . ARG A 1 106 ? 7.216   3.083   -11.289 1.00 31.90  ? 116 ARG A N   1 
ATOM   723  C CA  . ARG A 1 106 ? 7.416   4.223   -10.395 1.00 31.17  ? 116 ARG A CA  1 
ATOM   724  C C   . ARG A 1 106 ? 6.433   5.356   -10.642 1.00 36.18  ? 116 ARG A C   1 
ATOM   725  O O   . ARG A 1 106 ? 5.908   5.506   -11.743 1.00 39.73  ? 116 ARG A O   1 
ATOM   726  C CB  . ARG A 1 106 ? 8.835   4.764   -10.552 1.00 37.38  ? 116 ARG A CB  1 
ATOM   727  C CG  . ARG A 1 106 ? 9.886   3.893   -9.930  1.00 45.77  ? 116 ARG A CG  1 
ATOM   728  C CD  . ARG A 1 106 ? 10.147  4.319   -8.502  1.00 51.47  ? 116 ARG A CD  1 
ATOM   729  N NE  . ARG A 1 106 ? 10.988  3.353   -7.810  1.00 44.07  ? 116 ARG A NE  1 
ATOM   730  C CZ  . ARG A 1 106 ? 11.709  3.633   -6.735  1.00 56.36  ? 116 ARG A CZ  1 
ATOM   731  N NH1 . ARG A 1 106 ? 11.700  4.861   -6.227  1.00 48.24  ? 116 ARG A NH1 1 
ATOM   732  N NH2 . ARG A 1 106 ? 12.434  2.682   -6.167  1.00 52.79  ? 116 ARG A NH2 1 
ATOM   733  N N   . ASP A 1 107 ? 6.202   6.159   -9.609  1.00 33.87  ? 117 ASP A N   1 
ATOM   734  C CA  . ASP A 1 107 ? 5.298   7.297   -9.702  1.00 31.22  ? 117 ASP A CA  1 
ATOM   735  C C   . ASP A 1 107 ? 4.025   6.955   -10.465 1.00 28.31  ? 117 ASP A C   1 
ATOM   736  O O   . ASP A 1 107 ? 3.578   7.710   -11.325 1.00 30.95  ? 117 ASP A O   1 
ATOM   737  C CB  . ASP A 1 107 ? 6.020   8.462   -10.382 1.00 44.54  ? 117 ASP A CB  1 
ATOM   738  C CG  . ASP A 1 107 ? 7.311   8.829   -9.679  1.00 52.36  ? 117 ASP A CG  1 
ATOM   739  O OD1 . ASP A 1 107 ? 7.275   9.035   -8.448  1.00 48.47  ? 117 ASP A OD1 1 
ATOM   740  O OD2 . ASP A 1 107 ? 8.362   8.912   -10.355 1.00 61.64  ? 117 ASP A OD2 1 
ATOM   741  N N   . ILE A 1 108 ? 3.453   5.802   -10.141 1.00 36.24  ? 118 ILE A N   1 
ATOM   742  C CA  . ILE A 1 108 ? 2.234   5.330   -10.782 1.00 34.51  ? 118 ILE A CA  1 
ATOM   743  C C   . ILE A 1 108 ? 1.127   6.380   -10.725 1.00 27.44  ? 118 ILE A C   1 
ATOM   744  O O   . ILE A 1 108 ? 0.327   6.497   -11.654 1.00 28.05  ? 118 ILE A O   1 
ATOM   745  C CB  . ILE A 1 108 ? 1.745   4.020   -10.100 1.00 42.16  ? 118 ILE A CB  1 
ATOM   746  C CG1 . ILE A 1 108 ? 2.745   2.898   -10.378 1.00 33.60  ? 118 ILE A CG1 1 
ATOM   747  C CG2 . ILE A 1 108 ? 0.356   3.632   -10.605 1.00 42.37  ? 118 ILE A CG2 1 
ATOM   748  C CD1 . ILE A 1 108 ? 2.479   1.633   -9.593  1.00 39.98  ? 118 ILE A CD1 1 
ATOM   749  N N   . HIS A 1 109 ? 1.100   7.145   -9.636  1.00 27.02  ? 119 HIS A N   1 
ATOM   750  C CA  . HIS A 1 109 ? 0.092   8.179   -9.420  1.00 32.38  ? 119 HIS A CA  1 
ATOM   751  C C   . HIS A 1 109 ? 0.078   9.279   -10.477 1.00 46.86  ? 119 HIS A C   1 
ATOM   752  O O   . HIS A 1 109 ? -0.971  9.853   -10.762 1.00 55.41  ? 119 HIS A O   1 
ATOM   753  C CB  . HIS A 1 109 ? 0.277   8.813   -8.043  1.00 33.23  ? 119 HIS A CB  1 
ATOM   754  C CG  . HIS A 1 109 ? 1.591   9.510   -7.873  1.00 48.74  ? 119 HIS A CG  1 
ATOM   755  N ND1 . HIS A 1 109 ? 2.798   8.847   -7.926  1.00 52.72  ? 119 HIS A ND1 1 
ATOM   756  C CD2 . HIS A 1 109 ? 1.886   10.812  -7.649  1.00 37.20  ? 119 HIS A CD2 1 
ATOM   757  C CE1 . HIS A 1 109 ? 3.780   9.709   -7.741  1.00 46.13  ? 119 HIS A CE1 1 
ATOM   758  N NE2 . HIS A 1 109 ? 3.254   10.909  -7.570  1.00 42.05  ? 119 HIS A NE2 1 
ATOM   759  N N   . LEU A 1 110 ? 1.237   9.580   -11.052 1.00 52.12  ? 120 LEU A N   1 
ATOM   760  C CA  . LEU A 1 110 ? 1.317   10.614  -12.076 1.00 49.22  ? 120 LEU A CA  1 
ATOM   761  C C   . LEU A 1 110 ? 0.472   10.246  -13.286 1.00 54.57  ? 120 LEU A C   1 
ATOM   762  O O   . LEU A 1 110 ? 0.034   11.119  -14.035 1.00 56.16  ? 120 LEU A O   1 
ATOM   763  C CB  . LEU A 1 110 ? 2.766   10.821  -12.513 1.00 40.13  ? 120 LEU A CB  1 
ATOM   764  C CG  . LEU A 1 110 ? 3.690   11.382  -11.439 1.00 43.70  ? 120 LEU A CG  1 
ATOM   765  C CD1 . LEU A 1 110 ? 5.108   11.491  -11.985 1.00 38.77  ? 120 LEU A CD1 1 
ATOM   766  C CD2 . LEU A 1 110 ? 3.166   12.738  -10.992 1.00 31.57  ? 120 LEU A CD2 1 
ATOM   767  N N   . GLU A 1 111 ? 0.243   8.949   -13.472 1.00 49.86  ? 121 GLU A N   1 
ATOM   768  C CA  . GLU A 1 111 ? -0.547  8.472   -14.600 1.00 52.82  ? 121 GLU A CA  1 
ATOM   769  C C   . GLU A 1 111 ? -1.891  7.883   -14.184 1.00 49.59  ? 121 GLU A C   1 
ATOM   770  O O   . GLU A 1 111 ? -2.877  8.016   -14.905 1.00 54.19  ? 121 GLU A O   1 
ATOM   771  C CB  . GLU A 1 111 ? 0.246   7.426   -15.380 1.00 51.64  ? 121 GLU A CB  1 
ATOM   772  C CG  . GLU A 1 111 ? 1.503   7.963   -16.036 1.00 72.68  ? 121 GLU A CG  1 
ATOM   773  C CD  . GLU A 1 111 ? 2.576   6.900   -16.197 1.00 94.69  ? 121 GLU A CD  1 
ATOM   774  O OE1 . GLU A 1 111 ? 3.166   6.488   -15.173 1.00 103.12 ? 121 GLU A OE1 1 
ATOM   775  O OE2 . GLU A 1 111 ? 2.826   6.472   -17.345 1.00 102.74 ? 121 GLU A OE2 1 
ATOM   776  N N   . ARG A 1 112 ? -1.934  7.240   -13.021 1.00 47.81  ? 122 ARG A N   1 
ATOM   777  C CA  . ARG A 1 112 ? -3.168  6.623   -12.543 1.00 35.98  ? 122 ARG A CA  1 
ATOM   778  C C   . ARG A 1 112 ? -3.332  6.672   -11.030 1.00 34.84  ? 122 ARG A C   1 
ATOM   779  O O   . ARG A 1 112 ? -2.408  6.339   -10.286 1.00 46.15  ? 122 ARG A O   1 
ATOM   780  C CB  . ARG A 1 112 ? -3.218  5.162   -12.986 1.00 38.44  ? 122 ARG A CB  1 
ATOM   781  C CG  . ARG A 1 112 ? -3.196  4.947   -14.484 1.00 38.71  ? 122 ARG A CG  1 
ATOM   782  C CD  . ARG A 1 112 ? -3.122  3.461   -14.815 1.00 45.54  ? 122 ARG A CD  1 
ATOM   783  N NE  . ARG A 1 112 ? -3.259  3.203   -16.248 1.00 63.58  ? 122 ARG A NE  1 
ATOM   784  C CZ  . ARG A 1 112 ? -4.381  3.388   -16.936 1.00 74.07  ? 122 ARG A CZ  1 
ATOM   785  N NH1 . ARG A 1 112 ? -5.473  3.834   -16.325 1.00 68.98  ? 122 ARG A NH1 1 
ATOM   786  N NH2 . ARG A 1 112 ? -4.413  3.126   -18.236 1.00 71.75  ? 122 ARG A NH2 1 
ATOM   787  N N   . LEU A 1 113 ? -4.513  7.081   -10.572 1.00 34.65  ? 123 LEU A N   1 
ATOM   788  C CA  . LEU A 1 113 ? -4.784  7.127   -9.138  1.00 40.15  ? 123 LEU A CA  1 
ATOM   789  C C   . LEU A 1 113 ? -5.285  5.751   -8.712  1.00 42.63  ? 123 LEU A C   1 
ATOM   790  O O   . LEU A 1 113 ? -6.293  5.257   -9.221  1.00 40.54  ? 123 LEU A O   1 
ATOM   791  C CB  . LEU A 1 113 ? -5.826  8.201   -8.812  1.00 49.20  ? 123 LEU A CB  1 
ATOM   792  C CG  . LEU A 1 113 ? -5.353  9.652   -8.972  1.00 53.82  ? 123 LEU A CG  1 
ATOM   793  C CD1 . LEU A 1 113 ? -6.474  10.598  -8.569  1.00 43.67  ? 123 LEU A CD1 1 
ATOM   794  C CD2 . LEU A 1 113 ? -4.121  9.896   -8.106  1.00 40.58  ? 123 LEU A CD2 1 
ATOM   795  N N   . CYS A 1 114 ? -4.573  5.135   -7.774  1.00 31.50  ? 124 CYS A N   1 
ATOM   796  C CA  . CYS A 1 114 ? -4.919  3.801   -7.312  1.00 27.49  ? 124 CYS A CA  1 
ATOM   797  C C   . CYS A 1 114 ? -5.078  3.696   -5.803  1.00 34.09  ? 124 CYS A C   1 
ATOM   798  O O   . CYS A 1 114 ? -4.197  3.168   -5.122  1.00 27.90  ? 124 CYS A O   1 
ATOM   799  C CB  . CYS A 1 114 ? -3.845  2.824   -7.787  1.00 28.42  ? 124 CYS A CB  1 
ATOM   800  S SG  . CYS A 1 114 ? -3.498  2.977   -9.558  1.00 38.09  ? 124 CYS A SG  1 
ATOM   801  N N   . PHE A 1 115 ? -6.201  4.193   -5.282  1.00 32.58  ? 125 PHE A N   1 
ATOM   802  C CA  . PHE A 1 115 ? -6.462  4.132   -3.846  1.00 29.20  ? 125 PHE A CA  1 
ATOM   803  C C   . PHE A 1 115 ? -6.537  2.682   -3.387  1.00 27.15  ? 125 PHE A C   1 
ATOM   804  O O   . PHE A 1 115 ? -7.106  1.836   -4.071  1.00 22.51  ? 125 PHE A O   1 
ATOM   805  C CB  . PHE A 1 115 ? -7.771  4.850   -3.492  1.00 33.16  ? 125 PHE A CB  1 
ATOM   806  C CG  . PHE A 1 115 ? -7.716  6.338   -3.683  1.00 36.55  ? 125 PHE A CG  1 
ATOM   807  C CD1 . PHE A 1 115 ? -7.914  6.902   -4.941  1.00 30.93  ? 125 PHE A CD1 1 
ATOM   808  C CD2 . PHE A 1 115 ? -7.447  7.179   -2.606  1.00 34.00  ? 125 PHE A CD2 1 
ATOM   809  C CE1 . PHE A 1 115 ? -7.844  8.286   -5.127  1.00 33.42  ? 125 PHE A CE1 1 
ATOM   810  C CE2 . PHE A 1 115 ? -7.375  8.563   -2.780  1.00 45.33  ? 125 PHE A CE2 1 
ATOM   811  C CZ  . PHE A 1 115 ? -7.574  9.116   -4.048  1.00 31.82  ? 125 PHE A CZ  1 
ATOM   812  N N   . SER A 1 116 ? -5.972  2.400   -2.219  1.00 27.88  ? 126 SER A N   1 
ATOM   813  C CA  . SER A 1 116 ? -5.962  1.037   -1.713  1.00 27.87  ? 126 SER A CA  1 
ATOM   814  C C   . SER A 1 116 ? -6.105  0.965   -0.203  1.00 32.29  ? 126 SER A C   1 
ATOM   815  O O   . SER A 1 116 ? -5.546  1.779   0.526   1.00 27.42  ? 126 SER A O   1 
ATOM   816  C CB  . SER A 1 116 ? -4.649  0.345   -2.103  1.00 27.18  ? 126 SER A CB  1 
ATOM   817  O OG  . SER A 1 116 ? -4.311  0.597   -3.458  1.00 34.41  ? 126 SER A OG  1 
ATOM   818  N N   . SER A 1 117 ? -6.872  -0.013  0.257   1.00 17.95  ? 127 SER A N   1 
ATOM   819  C CA  . SER A 1 117 ? -7.033  -0.237  1.678   1.00 30.95  ? 127 SER A CA  1 
ATOM   820  C C   . SER A 1 117 ? -6.164  -1.464  1.874   1.00 28.77  ? 127 SER A C   1 
ATOM   821  O O   . SER A 1 117 ? -6.425  -2.512  1.280   1.00 37.43  ? 127 SER A O   1 
ATOM   822  C CB  . SER A 1 117 ? -8.487  -0.560  2.030   1.00 29.72  ? 127 SER A CB  1 
ATOM   823  O OG  . SER A 1 117 ? -8.638  -0.699  3.430   1.00 46.03  ? 127 SER A OG  1 
ATOM   824  N N   . CYS A 1 118 ? -5.121  -1.334  2.684   1.00 26.93  ? 128 CYS A N   1 
ATOM   825  C CA  . CYS A 1 118 ? -4.210  -2.444  2.907   1.00 31.73  ? 128 CYS A CA  1 
ATOM   826  C C   . CYS A 1 118 ? -4.120  -2.873  4.351   1.00 26.06  ? 128 CYS A C   1 
ATOM   827  O O   . CYS A 1 118 ? -4.184  -2.049  5.263   1.00 38.25  ? 128 CYS A O   1 
ATOM   828  C CB  . CYS A 1 118 ? -2.805  -2.072  2.431   1.00 42.23  ? 128 CYS A CB  1 
ATOM   829  S SG  . CYS A 1 118 ? -2.765  -1.367  0.790   1.00 63.72  ? 128 CYS A SG  1 
ATOM   830  N N   . LYS A 1 119 ? -3.974  -4.176  4.547   1.00 27.22  ? 129 LYS A N   1 
ATOM   831  C CA  . LYS A 1 119 ? -3.812  -4.742  5.878   1.00 36.89  ? 129 LYS A CA  1 
ATOM   832  C C   . LYS A 1 119 ? -2.440  -5.389  5.863   1.00 37.66  ? 129 LYS A C   1 
ATOM   833  O O   . LYS A 1 119 ? -2.126  -6.159  4.958   1.00 40.79  ? 129 LYS A O   1 
ATOM   834  C CB  . LYS A 1 119 ? -4.875  -5.796  6.166   1.00 29.69  ? 129 LYS A CB  1 
ATOM   835  C CG  . LYS A 1 119 ? -6.282  -5.243  6.243   1.00 38.20  ? 129 LYS A CG  1 
ATOM   836  C CD  . LYS A 1 119 ? -7.249  -6.292  6.750   1.00 35.81  ? 129 LYS A CD  1 
ATOM   837  C CE  . LYS A 1 119 ? -8.641  -5.714  6.898   1.00 36.15  ? 129 LYS A CE  1 
ATOM   838  N NZ  . LYS A 1 119 ? -9.557  -6.692  7.538   1.00 60.23  ? 129 LYS A NZ  1 
ATOM   839  N N   . ALA A 1 120 ? -1.619  -5.074  6.858   1.00 37.78  ? 130 ALA A N   1 
ATOM   840  C CA  . ALA A 1 120 ? -0.280  -5.625  6.914   1.00 30.22  ? 130 ALA A CA  1 
ATOM   841  C C   . ALA A 1 120 ? 0.133   -6.044  8.312   1.00 32.57  ? 130 ALA A C   1 
ATOM   842  O O   . ALA A 1 120 ? -0.517  -5.709  9.300   1.00 33.99  ? 130 ALA A O   1 
ATOM   843  C CB  . ALA A 1 120 ? 0.709   -4.613  6.374   1.00 21.89  ? 130 ALA A CB  1 
ATOM   844  N N   . LEU A 1 121 ? 1.228   -6.792  8.373   1.00 30.85  ? 131 LEU A N   1 
ATOM   845  C CA  . LEU A 1 121 ? 1.789   -7.258  9.627   1.00 23.71  ? 131 LEU A CA  1 
ATOM   846  C C   . LEU A 1 121 ? 3.099   -6.533  9.845   1.00 31.74  ? 131 LEU A C   1 
ATOM   847  O O   . LEU A 1 121 ? 4.021   -6.659  9.037   1.00 30.82  ? 131 LEU A O   1 
ATOM   848  C CB  . LEU A 1 121 ? 2.082   -8.756  9.584   1.00 27.55  ? 131 LEU A CB  1 
ATOM   849  C CG  . LEU A 1 121 ? 0.976   -9.785  9.785   1.00 43.17  ? 131 LEU A CG  1 
ATOM   850  C CD1 . LEU A 1 121 ? 1.606   -11.169 9.785   1.00 41.23  ? 131 LEU A CD1 1 
ATOM   851  C CD2 . LEU A 1 121 ? 0.256   -9.541  11.101  1.00 43.28  ? 131 LEU A CD2 1 
ATOM   852  N N   . TYR A 1 122 ? 3.168   -5.763  10.925  1.00 29.50  ? 132 TYR A N   1 
ATOM   853  C CA  . TYR A 1 122 ? 4.382   -5.048  11.282  1.00 20.60  ? 132 TYR A CA  1 
ATOM   854  C C   . TYR A 1 122 ? 5.231   -6.063  12.042  1.00 33.23  ? 132 TYR A C   1 
ATOM   855  O O   . TYR A 1 122 ? 4.782   -6.635  13.035  1.00 35.25  ? 132 TYR A O   1 
ATOM   856  C CB  . TYR A 1 122 ? 4.049   -3.861  12.192  1.00 30.81  ? 132 TYR A CB  1 
ATOM   857  C CG  . TYR A 1 122 ? 5.234   -3.235  12.905  1.00 26.78  ? 132 TYR A CG  1 
ATOM   858  C CD1 . TYR A 1 122 ? 5.840   -2.080  12.417  1.00 26.27  ? 132 TYR A CD1 1 
ATOM   859  C CD2 . TYR A 1 122 ? 5.733   -3.790  14.082  1.00 26.15  ? 132 TYR A CD2 1 
ATOM   860  C CE1 . TYR A 1 122 ? 6.910   -1.485  13.086  1.00 26.97  ? 132 TYR A CE1 1 
ATOM   861  C CE2 . TYR A 1 122 ? 6.803   -3.207  14.757  1.00 31.89  ? 132 TYR A CE2 1 
ATOM   862  C CZ  . TYR A 1 122 ? 7.384   -2.055  14.257  1.00 43.01  ? 132 TYR A CZ  1 
ATOM   863  O OH  . TYR A 1 122 ? 8.427   -1.468  14.941  1.00 47.91  ? 132 TYR A OH  1 
ATOM   864  N N   . VAL A 1 123 ? 6.443   -6.305  11.558  1.00 30.36  ? 133 VAL A N   1 
ATOM   865  C CA  . VAL A 1 123 ? 7.349   -7.245  12.207  1.00 32.01  ? 133 VAL A CA  1 
ATOM   866  C C   . VAL A 1 123 ? 8.683   -6.538  12.423  1.00 37.23  ? 133 VAL A C   1 
ATOM   867  O O   . VAL A 1 123 ? 9.381   -6.184  11.470  1.00 32.65  ? 133 VAL A O   1 
ATOM   868  C CB  . VAL A 1 123 ? 7.569   -8.506  11.345  1.00 38.09  ? 133 VAL A CB  1 
ATOM   869  C CG1 . VAL A 1 123 ? 8.537   -9.433  12.029  1.00 31.41  ? 133 VAL A CG1 1 
ATOM   870  C CG2 . VAL A 1 123 ? 6.236   -9.220  11.105  1.00 34.45  ? 133 VAL A CG2 1 
ATOM   871  N N   . SER A 1 124 ? 9.028   -6.324  13.687  1.00 42.81  ? 134 SER A N   1 
ATOM   872  C CA  . SER A 1 124 ? 10.262  -5.638  14.023  1.00 42.09  ? 134 SER A CA  1 
ATOM   873  C C   . SER A 1 124 ? 11.209  -6.506  14.822  1.00 37.69  ? 134 SER A C   1 
ATOM   874  O O   . SER A 1 124 ? 10.814  -7.523  15.396  1.00 39.73  ? 134 SER A O   1 
ATOM   875  C CB  . SER A 1 124 ? 9.955   -4.378  14.823  1.00 40.75  ? 134 SER A CB  1 
ATOM   876  O OG  . SER A 1 124 ? 9.304   -4.721  16.033  1.00 45.53  ? 134 SER A OG  1 
ATOM   877  N N   . LYS A 1 125 ? 12.469  -6.088  14.839  1.00 39.98  ? 135 LYS A N   1 
ATOM   878  C CA  . LYS A 1 125 ? 13.523  -6.772  15.575  1.00 46.29  ? 135 LYS A CA  1 
ATOM   879  C C   . LYS A 1 125 ? 14.732  -5.839  15.584  1.00 47.99  ? 135 LYS A C   1 
ATOM   880  O O   . LYS A 1 125 ? 15.067  -5.238  14.560  1.00 39.08  ? 135 LYS A O   1 
ATOM   881  C CB  . LYS A 1 125 ? 13.873  -8.103  14.909  1.00 39.16  ? 135 LYS A CB  1 
ATOM   882  C CG  . LYS A 1 125 ? 14.687  -9.026  15.801  1.00 51.40  ? 135 LYS A CG  1 
ATOM   883  C CD  . LYS A 1 125 ? 14.889  -10.387 15.162  1.00 65.38  ? 135 LYS A CD  1 
ATOM   884  C CE  . LYS A 1 125 ? 15.657  -11.323 16.083  1.00 72.82  ? 135 LYS A CE  1 
ATOM   885  N NZ  . LYS A 1 125 ? 15.851  -12.670 15.472  1.00 80.92  ? 135 LYS A NZ  1 
ATOM   886  N N   . HIS A 1 126 ? 15.368  -5.705  16.745  1.00 49.57  ? 136 HIS A N   1 
ATOM   887  C CA  . HIS A 1 126 ? 16.528  -4.826  16.895  1.00 49.61  ? 136 HIS A CA  1 
ATOM   888  C C   . HIS A 1 126 ? 16.164  -3.402  16.489  1.00 41.93  ? 136 HIS A C   1 
ATOM   889  O O   . HIS A 1 126 ? 17.028  -2.621  16.094  1.00 52.98  ? 136 HIS A O   1 
ATOM   890  C CB  . HIS A 1 126 ? 17.700  -5.304  16.028  1.00 48.59  ? 136 HIS A CB  1 
ATOM   891  C CG  . HIS A 1 126 ? 18.005  -6.763  16.164  1.00 56.11  ? 136 HIS A CG  1 
ATOM   892  N ND1 . HIS A 1 126 ? 18.221  -7.370  17.382  1.00 59.96  ? 136 HIS A ND1 1 
ATOM   893  C CD2 . HIS A 1 126 ? 18.139  -7.736  15.230  1.00 67.35  ? 136 HIS A CD2 1 
ATOM   894  C CE1 . HIS A 1 126 ? 18.475  -8.653  17.194  1.00 71.60  ? 136 HIS A CE1 1 
ATOM   895  N NE2 . HIS A 1 126 ? 18.432  -8.901  15.897  1.00 78.03  ? 136 HIS A NE2 1 
ATOM   896  N N   . GLY A 1 127 ? 14.880  -3.066  16.576  1.00 43.16  ? 137 GLY A N   1 
ATOM   897  C CA  . GLY A 1 127 ? 14.449  -1.728  16.209  1.00 38.87  ? 137 GLY A CA  1 
ATOM   898  C C   . GLY A 1 127 ? 14.142  -1.565  14.731  1.00 47.58  ? 137 GLY A C   1 
ATOM   899  O O   . GLY A 1 127 ? 13.600  -0.543  14.316  1.00 42.02  ? 137 GLY A O   1 
ATOM   900  N N   . ASN A 1 128 ? 14.498  -2.567  13.929  1.00 47.33  ? 138 ASN A N   1 
ATOM   901  C CA  . ASN A 1 128 ? 14.238  -2.524  12.495  1.00 45.42  ? 138 ASN A CA  1 
ATOM   902  C C   . ASN A 1 128 ? 12.896  -3.194  12.239  1.00 48.16  ? 138 ASN A C   1 
ATOM   903  O O   . ASN A 1 128 ? 12.481  -4.069  13.005  1.00 38.22  ? 138 ASN A O   1 
ATOM   904  C CB  . ASN A 1 128 ? 15.336  -3.260  11.722  1.00 47.54  ? 138 ASN A CB  1 
ATOM   905  C CG  . ASN A 1 128 ? 16.721  -2.701  11.997  1.00 61.68  ? 138 ASN A CG  1 
ATOM   906  O OD1 . ASN A 1 128 ? 16.939  -1.489  11.941  1.00 47.27  ? 138 ASN A OD1 1 
ATOM   907  N ND2 . ASN A 1 128 ? 17.666  -3.585  12.291  1.00 51.85  ? 138 ASN A ND2 1 
ATOM   908  N N   . TYR A 1 129 ? 12.215  -2.791  11.169  1.00 35.32  ? 139 TYR A N   1 
ATOM   909  C CA  . TYR A 1 129 ? 10.918  -3.377  10.874  1.00 37.16  ? 139 TYR A CA  1 
ATOM   910  C C   . TYR A 1 129 ? 10.589  -3.529  9.395   1.00 39.73  ? 139 TYR A C   1 
ATOM   911  O O   . TYR A 1 129 ? 11.170  -2.869  8.525   1.00 33.95  ? 139 TYR A O   1 
ATOM   912  C CB  . TYR A 1 129 ? 9.812   -2.565  11.562  1.00 33.08  ? 139 TYR A CB  1 
ATOM   913  C CG  . TYR A 1 129 ? 9.505   -1.236  10.907  1.00 40.50  ? 139 TYR A CG  1 
ATOM   914  C CD1 . TYR A 1 129 ? 8.724   -1.168  9.748   1.00 38.94  ? 139 TYR A CD1 1 
ATOM   915  C CD2 . TYR A 1 129 ? 9.982   -0.043  11.449  1.00 47.28  ? 139 TYR A CD2 1 
ATOM   916  C CE1 . TYR A 1 129 ? 8.423   0.058   9.150   1.00 26.73  ? 139 TYR A CE1 1 
ATOM   917  C CE2 . TYR A 1 129 ? 9.689   1.189   10.856  1.00 25.40  ? 139 TYR A CE2 1 
ATOM   918  C CZ  . TYR A 1 129 ? 8.909   1.232   9.712   1.00 36.76  ? 139 TYR A CZ  1 
ATOM   919  O OH  . TYR A 1 129 ? 8.613   2.451   9.134   1.00 54.18  ? 139 TYR A OH  1 
ATOM   920  N N   . THR A 1 130 ? 9.631   -4.409  9.135   1.00 36.99  ? 140 THR A N   1 
ATOM   921  C CA  . THR A 1 130 ? 9.150   -4.687  7.795   1.00 33.50  ? 140 THR A CA  1 
ATOM   922  C C   . THR A 1 130 ? 7.639   -4.869  7.852   1.00 33.95  ? 140 THR A C   1 
ATOM   923  O O   . THR A 1 130 ? 7.115   -5.487  8.776   1.00 27.21  ? 140 THR A O   1 
ATOM   924  C CB  . THR A 1 130 ? 9.779   -5.977  7.217   1.00 25.52  ? 140 THR A CB  1 
ATOM   925  O OG1 . THR A 1 130 ? 11.160  -5.745  6.911   1.00 45.36  ? 140 THR A OG1 1 
ATOM   926  C CG2 . THR A 1 130 ? 9.057   -6.405  5.951   1.00 32.04  ? 140 THR A CG2 1 
ATOM   927  N N   . LEU A 1 131 ? 6.947   -4.308  6.867   1.00 27.27  ? 141 LEU A N   1 
ATOM   928  C CA  . LEU A 1 131 ? 5.506   -4.435  6.774   1.00 28.70  ? 141 LEU A CA  1 
ATOM   929  C C   . LEU A 1 131 ? 5.241   -5.519  5.733   1.00 28.13  ? 141 LEU A C   1 
ATOM   930  O O   . LEU A 1 131 ? 5.555   -5.333  4.559   1.00 26.78  ? 141 LEU A O   1 
ATOM   931  C CB  . LEU A 1 131 ? 4.878   -3.117  6.310   1.00 24.46  ? 141 LEU A CB  1 
ATOM   932  C CG  . LEU A 1 131 ? 5.040   -1.877  7.190   1.00 35.43  ? 141 LEU A CG  1 
ATOM   933  C CD1 . LEU A 1 131 ? 4.527   -0.650  6.441   1.00 25.12  ? 141 LEU A CD1 1 
ATOM   934  C CD2 . LEU A 1 131 ? 4.287   -2.068  8.499   1.00 29.23  ? 141 LEU A CD2 1 
ATOM   935  N N   . PHE A 1 132 ? 4.689   -6.651  6.165   1.00 24.75  ? 142 PHE A N   1 
ATOM   936  C CA  . PHE A 1 132 ? 4.379   -7.741  5.249   1.00 25.90  ? 142 PHE A CA  1 
ATOM   937  C C   . PHE A 1 132 ? 2.903   -7.672  4.870   1.00 36.92  ? 142 PHE A C   1 
ATOM   938  O O   . PHE A 1 132 ? 2.053   -7.393  5.716   1.00 38.46  ? 142 PHE A O   1 
ATOM   939  C CB  . PHE A 1 132 ? 4.702   -9.102  5.886   1.00 18.04  ? 142 PHE A CB  1 
ATOM   940  C CG  . PHE A 1 132 ? 6.176   -9.340  6.110   1.00 22.09  ? 142 PHE A CG  1 
ATOM   941  C CD1 . PHE A 1 132 ? 6.780   -8.984  7.311   1.00 21.56  ? 142 PHE A CD1 1 
ATOM   942  C CD2 . PHE A 1 132 ? 6.961   -9.931  5.116   1.00 23.67  ? 142 PHE A CD2 1 
ATOM   943  C CE1 . PHE A 1 132 ? 8.152   -9.218  7.527   1.00 34.50  ? 142 PHE A CE1 1 
ATOM   944  C CE2 . PHE A 1 132 ? 8.330   -10.166 5.320   1.00 30.20  ? 142 PHE A CE2 1 
ATOM   945  C CZ  . PHE A 1 132 ? 8.925   -9.808  6.535   1.00 27.67  ? 142 PHE A CZ  1 
ATOM   946  N N   . LEU A 1 133 ? 2.606   -7.926  3.598   1.00 38.01  ? 143 LEU A N   1 
ATOM   947  C CA  . LEU A 1 133 ? 1.236   -7.869  3.088   1.00 40.07  ? 143 LEU A CA  1 
ATOM   948  C C   . LEU A 1 133 ? 0.326   -9.001  3.553   1.00 35.89  ? 143 LEU A C   1 
ATOM   949  O O   . LEU A 1 133 ? 0.679   -10.174 3.464   1.00 34.97  ? 143 LEU A O   1 
ATOM   950  C CB  . LEU A 1 133 ? 1.244   -7.847  1.555   1.00 40.09  ? 143 LEU A CB  1 
ATOM   951  C CG  . LEU A 1 133 ? -0.116  -7.662  0.869   1.00 29.74  ? 143 LEU A CG  1 
ATOM   952  C CD1 . LEU A 1 133 ? -0.728  -6.335  1.293   1.00 23.95  ? 143 LEU A CD1 1 
ATOM   953  C CD2 . LEU A 1 133 ? 0.056   -7.707  -0.642  1.00 34.54  ? 143 LEU A CD2 1 
ATOM   954  N N   . GLU A 1 134 ? -0.853  -8.636  4.048   1.00 38.05  ? 144 GLU A N   1 
ATOM   955  C CA  . GLU A 1 134 ? -1.840  -9.609  4.507   1.00 37.74  ? 144 GLU A CA  1 
ATOM   956  C C   . GLU A 1 134 ? -3.044  -9.552  3.578   1.00 35.71  ? 144 GLU A C   1 
ATOM   957  O O   . GLU A 1 134 ? -3.651  -10.576 3.256   1.00 32.39  ? 144 GLU A O   1 
ATOM   958  C CB  . GLU A 1 134 ? -2.307  -9.296  5.931   1.00 38.15  ? 144 GLU A CB  1 
ATOM   959  C CG  . GLU A 1 134 ? -1.405  -9.789  7.036   1.00 59.12  ? 144 GLU A CG  1 
ATOM   960  C CD  . GLU A 1 134 ? -1.989  -9.506  8.412   1.00 63.92  ? 144 GLU A CD  1 
ATOM   961  O OE1 . GLU A 1 134 ? -2.090  -8.316  8.784   1.00 63.47  ? 144 GLU A OE1 1 
ATOM   962  O OE2 . GLU A 1 134 ? -2.352  -10.471 9.117   1.00 73.89  ? 144 GLU A OE2 1 
ATOM   963  N N   . ASP A 1 135 ? -3.392  -8.342  3.156   1.00 30.57  ? 145 ASP A N   1 
ATOM   964  C CA  . ASP A 1 135 ? -4.530  -8.154  2.272   1.00 28.80  ? 145 ASP A CA  1 
ATOM   965  C C   . ASP A 1 135 ? -4.516  -6.772  1.644   1.00 23.25  ? 145 ASP A C   1 
ATOM   966  O O   . ASP A 1 135 ? -4.085  -5.797  2.260   1.00 34.16  ? 145 ASP A O   1 
ATOM   967  C CB  . ASP A 1 135 ? -5.836  -8.334  3.050   1.00 34.39  ? 145 ASP A CB  1 
ATOM   968  C CG  . ASP A 1 135 ? -7.061  -8.280  2.154   1.00 46.37  ? 145 ASP A CG  1 
ATOM   969  O OD1 . ASP A 1 135 ? -7.309  -9.255  1.411   1.00 51.90  ? 145 ASP A OD1 1 
ATOM   970  O OD2 . ASP A 1 135 ? -7.778  -7.259  2.189   1.00 68.80  ? 145 ASP A OD2 1 
ATOM   971  N N   . ILE A 1 136 ? -4.978  -6.695  0.405   1.00 25.63  ? 146 ILE A N   1 
ATOM   972  C CA  . ILE A 1 136 ? -5.051  -5.422  -0.285  1.00 32.03  ? 146 ILE A CA  1 
ATOM   973  C C   . ILE A 1 136 ? -6.383  -5.353  -1.009  1.00 30.19  ? 146 ILE A C   1 
ATOM   974  O O   . ILE A 1 136 ? -6.714  -6.213  -1.826  1.00 45.31  ? 146 ILE A O   1 
ATOM   975  C CB  . ILE A 1 136 ? -3.881  -5.231  -1.292  1.00 33.76  ? 146 ILE A CB  1 
ATOM   976  C CG1 . ILE A 1 136 ? -3.965  -3.837  -1.920  1.00 33.26  ? 146 ILE A CG1 1 
ATOM   977  C CG2 . ILE A 1 136 ? -3.919  -6.305  -2.372  1.00 27.21  ? 146 ILE A CG2 1 
ATOM   978  C CD1 . ILE A 1 136 ? -2.744  -3.458  -2.740  1.00 23.58  ? 146 ILE A CD1 1 
ATOM   979  N N   . LYS A 1 137 ? -7.161  -4.334  -0.683  1.00 39.79  ? 147 LYS A N   1 
ATOM   980  C CA  . LYS A 1 137 ? -8.459  -4.142  -1.311  1.00 34.61  ? 147 LYS A CA  1 
ATOM   981  C C   . LYS A 1 137 ? -8.431  -2.861  -2.115  1.00 23.77  ? 147 LYS A C   1 
ATOM   982  O O   . LYS A 1 137 ? -8.413  -1.766  -1.551  1.00 23.89  ? 147 LYS A O   1 
ATOM   983  C CB  . LYS A 1 137 ? -9.568  -4.051  -0.254  1.00 23.70  ? 147 LYS A CB  1 
ATOM   984  C CG  . LYS A 1 137 ? -10.942 -3.792  -0.840  1.00 41.81  ? 147 LYS A CG  1 
ATOM   985  C CD  . LYS A 1 137 ? -12.000 -3.690  0.242   1.00 49.69  ? 147 LYS A CD  1 
ATOM   986  C CE  . LYS A 1 137 ? -13.372 -3.414  -0.358  1.00 60.54  ? 147 LYS A CE  1 
ATOM   987  N NZ  . LYS A 1 137 ? -14.417 -3.255  0.697   1.00 77.83  ? 147 LYS A NZ  1 
ATOM   988  N N   . PRO A 1 138 ? -8.392  -2.975  -3.449  1.00 28.62  ? 148 PRO A N   1 
ATOM   989  C CA  . PRO A 1 138 ? -8.374  -1.760  -4.264  1.00 32.86  ? 148 PRO A CA  1 
ATOM   990  C C   . PRO A 1 138 ? -9.684  -1.011  -4.030  1.00 34.55  ? 148 PRO A C   1 
ATOM   991  O O   . PRO A 1 138 ? -10.700 -1.621  -3.705  1.00 46.70  ? 148 PRO A O   1 
ATOM   992  C CB  . PRO A 1 138 ? -8.278  -2.300  -5.690  1.00 28.11  ? 148 PRO A CB  1 
ATOM   993  C CG  . PRO A 1 138 ? -7.590  -3.616  -5.517  1.00 34.07  ? 148 PRO A CG  1 
ATOM   994  C CD  . PRO A 1 138 ? -8.253  -4.175  -4.289  1.00 24.82  ? 148 PRO A CD  1 
ATOM   995  N N   . LEU A 1 139 ? -9.655  0.307   -4.176  1.00 42.39  ? 149 LEU A N   1 
ATOM   996  C CA  . LEU A 1 139 ? -10.853 1.115   -3.994  1.00 39.55  ? 149 LEU A CA  1 
ATOM   997  C C   . LEU A 1 139 ? -11.144 1.825   -5.315  1.00 43.76  ? 149 LEU A C   1 
ATOM   998  O O   . LEU A 1 139 ? -10.272 2.497   -5.872  1.00 48.95  ? 149 LEU A O   1 
ATOM   999  C CB  . LEU A 1 139 ? -10.634 2.150   -2.891  1.00 22.90  ? 149 LEU A CB  1 
ATOM   1000 C CG  . LEU A 1 139 ? -10.177 1.673   -1.514  1.00 40.99  ? 149 LEU A CG  1 
ATOM   1001 C CD1 . LEU A 1 139 ? -9.951  2.892   -0.635  1.00 36.08  ? 149 LEU A CD1 1 
ATOM   1002 C CD2 . LEU A 1 139 ? -11.212 0.730   -0.891  1.00 27.16  ? 149 LEU A CD2 1 
ATOM   1003 N N   . ASP A 1 140 ? -12.361 1.668   -5.824  1.00 40.90  ? 150 ASP A N   1 
ATOM   1004 C CA  . ASP A 1 140 ? -12.724 2.311   -7.081  1.00 47.80  ? 150 ASP A CA  1 
ATOM   1005 C C   . ASP A 1 140 ? -12.751 3.819   -6.918  1.00 43.70  ? 150 ASP A C   1 
ATOM   1006 O O   . ASP A 1 140 ? -13.378 4.337   -5.990  1.00 44.43  ? 150 ASP A O   1 
ATOM   1007 C CB  . ASP A 1 140 ? -14.096 1.831   -7.556  1.00 61.92  ? 150 ASP A CB  1 
ATOM   1008 C CG  . ASP A 1 140 ? -14.090 0.375   -7.956  1.00 75.03  ? 150 ASP A CG  1 
ATOM   1009 O OD1 . ASP A 1 140 ? -13.260 0.003   -8.814  1.00 83.79  ? 150 ASP A OD1 1 
ATOM   1010 O OD2 . ASP A 1 140 ? -14.913 -0.394  -7.416  1.00 74.06  ? 150 ASP A OD2 1 
ATOM   1011 N N   . LEU A 1 141 ? -12.072 4.520   -7.822  1.00 41.19  ? 151 LEU A N   1 
ATOM   1012 C CA  . LEU A 1 141 ? -12.028 5.978   -7.774  1.00 44.31  ? 151 LEU A CA  1 
ATOM   1013 C C   . LEU A 1 141 ? -13.440 6.573   -7.731  1.00 48.62  ? 151 LEU A C   1 
ATOM   1014 O O   . LEU A 1 141 ? -13.690 7.545   -7.012  1.00 42.85  ? 151 LEU A O   1 
ATOM   1015 C CB  . LEU A 1 141 ? -11.262 6.525   -8.981  1.00 41.29  ? 151 LEU A CB  1 
ATOM   1016 C CG  . LEU A 1 141 ? -11.205 8.053   -9.086  1.00 49.17  ? 151 LEU A CG  1 
ATOM   1017 C CD1 . LEU A 1 141 ? -10.578 8.649   -7.830  1.00 41.65  ? 151 LEU A CD1 1 
ATOM   1018 C CD2 . LEU A 1 141 ? -10.415 8.442   -10.323 1.00 36.22  ? 151 LEU A CD2 1 
ATOM   1019 N N   . VAL A 1 142 ? -14.363 5.989   -8.490  1.00 37.50  ? 152 VAL A N   1 
ATOM   1020 C CA  . VAL A 1 142 ? -15.738 6.479   -8.491  1.00 52.09  ? 152 VAL A CA  1 
ATOM   1021 C C   . VAL A 1 142 ? -16.338 6.389   -7.088  1.00 49.39  ? 152 VAL A C   1 
ATOM   1022 O O   . VAL A 1 142 ? -17.053 7.291   -6.653  1.00 62.03  ? 152 VAL A O   1 
ATOM   1023 C CB  . VAL A 1 142 ? -16.635 5.679   -9.463  1.00 56.53  ? 152 VAL A CB  1 
ATOM   1024 C CG1 . VAL A 1 142 ? -18.073 6.162   -9.351  1.00 61.99  ? 152 VAL A CG1 1 
ATOM   1025 C CG2 . VAL A 1 142 ? -16.145 5.850   -10.889 1.00 51.03  ? 152 VAL A CG2 1 
ATOM   1026 N N   . SER A 1 143 ? -16.042 5.302   -6.383  1.00 46.26  ? 153 SER A N   1 
ATOM   1027 C CA  . SER A 1 143 ? -16.559 5.108   -5.029  1.00 46.61  ? 153 SER A CA  1 
ATOM   1028 C C   . SER A 1 143 ? -15.855 6.041   -4.059  1.00 49.15  ? 153 SER A C   1 
ATOM   1029 O O   . SER A 1 143 ? -16.448 6.496   -3.082  1.00 49.30  ? 153 SER A O   1 
ATOM   1030 C CB  . SER A 1 143 ? -16.354 3.659   -4.571  1.00 50.98  ? 153 SER A CB  1 
ATOM   1031 O OG  . SER A 1 143 ? -16.933 2.744   -5.484  1.00 54.50  ? 153 SER A OG  1 
ATOM   1032 N N   . VAL A 1 144 ? -14.581 6.311   -4.324  1.00 48.08  ? 154 VAL A N   1 
ATOM   1033 C CA  . VAL A 1 144 ? -13.807 7.202   -3.470  1.00 50.14  ? 154 VAL A CA  1 
ATOM   1034 C C   . VAL A 1 144 ? -14.436 8.584   -3.558  1.00 43.57  ? 154 VAL A C   1 
ATOM   1035 O O   . VAL A 1 144 ? -14.758 9.200   -2.542  1.00 38.75  ? 154 VAL A O   1 
ATOM   1036 C CB  . VAL A 1 144 ? -12.333 7.278   -3.927  1.00 56.92  ? 154 VAL A CB  1 
ATOM   1037 C CG1 . VAL A 1 144 ? -11.583 8.343   -3.123  1.00 31.98  ? 154 VAL A CG1 1 
ATOM   1038 C CG2 . VAL A 1 144 ? -11.674 5.916   -3.756  1.00 47.65  ? 154 VAL A CG2 1 
ATOM   1039 N N   . ILE A 1 145 ? -14.612 9.064   -4.784  1.00 40.46  ? 155 ILE A N   1 
ATOM   1040 C CA  . ILE A 1 145 ? -15.225 10.366  -5.013  1.00 54.32  ? 155 ILE A CA  1 
ATOM   1041 C C   . ILE A 1 145 ? -16.590 10.423  -4.322  1.00 53.83  ? 155 ILE A C   1 
ATOM   1042 O O   . ILE A 1 145 ? -16.860 11.329  -3.535  1.00 47.97  ? 155 ILE A O   1 
ATOM   1043 C CB  . ILE A 1 145 ? -15.402 10.626  -6.521  1.00 54.71  ? 155 ILE A CB  1 
ATOM   1044 C CG1 . ILE A 1 145 ? -14.037 10.871  -7.165  1.00 39.59  ? 155 ILE A CG1 1 
ATOM   1045 C CG2 . ILE A 1 145 ? -16.335 11.805  -6.745  1.00 61.63  ? 155 ILE A CG2 1 
ATOM   1046 C CD1 . ILE A 1 145 ? -14.103 11.099  -8.664  1.00 61.50  ? 155 ILE A CD1 1 
ATOM   1047 N N   . SER A 1 146 ? -17.441 9.443   -4.616  1.00 59.72  ? 156 SER A N   1 
ATOM   1048 C CA  . SER A 1 146 ? -18.772 9.379   -4.018  1.00 58.96  ? 156 SER A CA  1 
ATOM   1049 C C   . SER A 1 146 ? -18.705 9.413   -2.498  1.00 60.15  ? 156 SER A C   1 
ATOM   1050 O O   . SER A 1 146 ? -19.385 10.212  -1.856  1.00 76.18  ? 156 SER A O   1 
ATOM   1051 C CB  . SER A 1 146 ? -19.490 8.105   -4.461  1.00 60.45  ? 156 SER A CB  1 
ATOM   1052 O OG  . SER A 1 146 ? -20.698 7.937   -3.742  1.00 70.75  ? 156 SER A OG  1 
ATOM   1053 N N   . THR A 1 147 ? -17.882 8.541   -1.927  1.00 60.34  ? 157 THR A N   1 
ATOM   1054 C CA  . THR A 1 147 ? -17.720 8.463   -0.478  1.00 63.29  ? 157 THR A CA  1 
ATOM   1055 C C   . THR A 1 147 ? -17.307 9.793   0.147   1.00 70.90  ? 157 THR A C   1 
ATOM   1056 O O   . THR A 1 147 ? -17.630 10.065  1.305   1.00 78.67  ? 157 THR A O   1 
ATOM   1057 C CB  . THR A 1 147 ? -16.680 7.384   -0.100  1.00 59.21  ? 157 THR A CB  1 
ATOM   1058 O OG1 . THR A 1 147 ? -17.198 6.091   -0.433  1.00 57.35  ? 157 THR A OG1 1 
ATOM   1059 C CG2 . THR A 1 147 ? -16.355 7.436   1.387   1.00 37.72  ? 157 THR A CG2 1 
ATOM   1060 N N   . ILE A 1 148 ? -16.591 10.619  -0.610  1.00 71.64  ? 158 ILE A N   1 
ATOM   1061 C CA  . ILE A 1 148 ? -16.155 11.915  -0.096  1.00 68.84  ? 158 ILE A CA  1 
ATOM   1062 C C   . ILE A 1 148 ? -17.255 12.958  -0.275  1.00 70.85  ? 158 ILE A C   1 
ATOM   1063 O O   . ILE A 1 148 ? -17.504 13.768  0.618   1.00 72.12  ? 158 ILE A O   1 
ATOM   1064 C CB  . ILE A 1 148 ? -14.879 12.416  -0.809  1.00 63.04  ? 158 ILE A CB  1 
ATOM   1065 C CG1 . ILE A 1 148 ? -13.741 11.409  -0.624  1.00 57.05  ? 158 ILE A CG1 1 
ATOM   1066 C CG2 . ILE A 1 148 ? -14.469 13.771  -0.245  1.00 43.63  ? 158 ILE A CG2 1 
ATOM   1067 C CD1 . ILE A 1 148 ? -12.444 11.811  -1.308  1.00 45.89  ? 158 ILE A CD1 1 
ATOM   1068 N N   . SER A 1 149 ? -17.910 12.930  -1.433  1.00 70.16  ? 159 SER A N   1 
ATOM   1069 C CA  . SER A 1 149 ? -18.984 13.870  -1.733  1.00 67.83  ? 159 SER A CA  1 
ATOM   1070 C C   . SER A 1 149 ? -20.173 13.728  -0.784  1.00 69.96  ? 159 SER A C   1 
ATOM   1071 O O   . SER A 1 149 ? -20.474 14.645  -0.022  1.00 78.81  ? 159 SER A O   1 
ATOM   1072 C CB  . SER A 1 149 ? -19.461 13.684  -3.176  1.00 68.15  ? 159 SER A CB  1 
ATOM   1073 O OG  . SER A 1 149 ? -18.454 14.051  -4.102  1.00 64.85  ? 159 SER A OG  1 
ATOM   1074 N N   . THR A 1 150 ? -20.848 12.581  -0.836  1.00 73.34  ? 160 THR A N   1 
ATOM   1075 C CA  . THR A 1 150 ? -22.009 12.340  0.020   1.00 76.45  ? 160 THR A CA  1 
ATOM   1076 C C   . THR A 1 150 ? -21.711 12.741  1.459   1.00 77.89  ? 160 THR A C   1 
ATOM   1077 O O   . THR A 1 150 ? -22.509 13.427  2.098   1.00 79.34  ? 160 THR A O   1 
ATOM   1078 C CB  . THR A 1 150 ? -22.437 10.852  0.010   1.00 73.97  ? 160 THR A CB  1 
ATOM   1079 O OG1 . THR A 1 150 ? -21.485 10.069  0.742   1.00 83.08  ? 160 THR A OG1 1 
ATOM   1080 C CG2 . THR A 1 150 ? -22.525 10.334  -1.418  1.00 64.95  ? 160 THR A CG2 1 
ATOM   1081 N N   . LYS A 1 151 ? -20.556 12.313  1.960   1.00 76.33  ? 161 LYS A N   1 
ATOM   1082 C CA  . LYS A 1 151 ? -20.147 12.629  3.323   1.00 82.95  ? 161 LYS A CA  1 
ATOM   1083 C C   . LYS A 1 151 ? -18.950 13.576  3.319   1.00 82.97  ? 161 LYS A C   1 
ATOM   1084 O O   . LYS A 1 151 ? -18.669 14.238  4.316   1.00 82.63  ? 161 LYS A O   1 
ATOM   1085 C CB  . LYS A 1 151 ? -19.789 11.347  4.075   1.00 82.35  ? 161 LYS A CB  1 
ATOM   1086 C CG  . LYS A 1 151 ? -20.946 10.374  4.220   1.00 87.22  ? 161 LYS A CG  1 
ATOM   1087 C CD  . LYS A 1 151 ? -20.499 9.062   4.848   1.00 89.96  ? 161 LYS A CD  1 
ATOM   1088 C CE  . LYS A 1 151 ? -19.498 8.334   3.961   1.00 87.75  ? 161 LYS A CE  1 
ATOM   1089 N NZ  . LYS A 1 151 ? -19.075 7.031   4.544   1.00 76.13  ? 161 LYS A NZ  1 
ATOM   1090 N N   . CYS A 1 167 ? -14.760 5.634   9.191   1.00 71.28  ? 177 CYS A N   1 
ATOM   1091 C CA  . CYS A 1 167 ? -14.350 6.963   9.629   1.00 77.61  ? 177 CYS A CA  1 
ATOM   1092 C C   . CYS A 1 167 ? -12.861 7.188   9.369   1.00 73.70  ? 177 CYS A C   1 
ATOM   1093 O O   . CYS A 1 167 ? -12.490 8.113   8.644   1.00 75.78  ? 177 CYS A O   1 
ATOM   1094 C CB  . CYS A 1 167 ? -14.653 7.149   11.119  1.00 75.48  ? 177 CYS A CB  1 
ATOM   1095 S SG  . CYS A 1 167 ? -14.375 8.835   11.726  1.00 94.25  ? 177 CYS A SG  1 
ATOM   1096 N N   . ASP A 1 168 ? -12.010 6.354   9.964   1.00 70.45  ? 178 ASP A N   1 
ATOM   1097 C CA  . ASP A 1 168 ? -10.566 6.470   9.760   1.00 66.35  ? 178 ASP A CA  1 
ATOM   1098 C C   . ASP A 1 168 ? -10.305 6.409   8.264   1.00 59.50  ? 178 ASP A C   1 
ATOM   1099 O O   . ASP A 1 168 ? -9.534  7.195   7.719   1.00 61.91  ? 178 ASP A O   1 
ATOM   1100 C CB  . ASP A 1 168 ? -9.817  5.322   10.440  1.00 61.67  ? 178 ASP A CB  1 
ATOM   1101 C CG  . ASP A 1 168 ? -9.861  5.404   11.948  1.00 66.35  ? 178 ASP A CG  1 
ATOM   1102 O OD1 . ASP A 1 168 ? -9.418  6.434   12.501  1.00 71.27  ? 178 ASP A OD1 1 
ATOM   1103 O OD2 . ASP A 1 168 ? -10.332 4.435   12.580  1.00 85.74  ? 178 ASP A OD2 1 
ATOM   1104 N N   . LEU A 1 169 ? -10.959 5.457   7.609   1.00 48.91  ? 179 LEU A N   1 
ATOM   1105 C CA  . LEU A 1 169 ? -10.827 5.279   6.171   1.00 58.29  ? 179 LEU A CA  1 
ATOM   1106 C C   . LEU A 1 169 ? -11.183 6.573   5.446   1.00 56.75  ? 179 LEU A C   1 
ATOM   1107 O O   . LEU A 1 169 ? -10.453 7.026   4.567   1.00 63.59  ? 179 LEU A O   1 
ATOM   1108 C CB  . LEU A 1 169 ? -11.761 4.166   5.693   1.00 50.12  ? 179 LEU A CB  1 
ATOM   1109 C CG  . LEU A 1 169 ? -11.842 4.006   4.174   1.00 56.95  ? 179 LEU A CG  1 
ATOM   1110 C CD1 . LEU A 1 169 ? -10.836 2.961   3.716   1.00 58.75  ? 179 LEU A CD1 1 
ATOM   1111 C CD2 . LEU A 1 169 ? -13.253 3.603   3.780   1.00 47.20  ? 179 LEU A CD2 1 
ATOM   1112 N N   . ASN A 1 170 ? -12.316 7.158   5.822   1.00 54.01  ? 180 ASN A N   1 
ATOM   1113 C CA  . ASN A 1 170 ? -12.793 8.393   5.211   1.00 56.41  ? 180 ASN A CA  1 
ATOM   1114 C C   . ASN A 1 170 ? -11.889 9.579   5.526   1.00 53.99  ? 180 ASN A C   1 
ATOM   1115 O O   . ASN A 1 170 ? -11.694 10.456  4.687   1.00 47.79  ? 180 ASN A O   1 
ATOM   1116 C CB  . ASN A 1 170 ? -14.222 8.680   5.675   1.00 71.37  ? 180 ASN A CB  1 
ATOM   1117 C CG  . ASN A 1 170 ? -15.189 7.572   5.297   1.00 72.16  ? 180 ASN A CG  1 
ATOM   1118 O OD1 . ASN A 1 170 ? -16.353 7.587   5.692   1.00 88.34  ? 180 ASN A OD1 1 
ATOM   1119 N ND2 . ASN A 1 170 ? -14.708 6.603   4.525   1.00 77.19  ? 180 ASN A ND2 1 
ATOM   1120 N N   . ASN A 1 171 ? -11.340 9.617   6.734   1.00 51.85  ? 181 ASN A N   1 
ATOM   1121 C CA  . ASN A 1 171 ? -10.442 10.708  7.091   1.00 60.85  ? 181 ASN A CA  1 
ATOM   1122 C C   . ASN A 1 171 ? -9.197  10.615  6.207   1.00 56.57  ? 181 ASN A C   1 
ATOM   1123 O O   . ASN A 1 171 ? -8.708  11.624  5.705   1.00 56.44  ? 181 ASN A O   1 
ATOM   1124 C CB  . ASN A 1 171 ? -10.046 10.631  8.569   1.00 62.78  ? 181 ASN A CB  1 
ATOM   1125 C CG  . ASN A 1 171 ? -11.223 10.846  9.502   1.00 63.90  ? 181 ASN A CG  1 
ATOM   1126 O OD1 . ASN A 1 171 ? -12.012 11.773  9.321   1.00 61.57  ? 181 ASN A OD1 1 
ATOM   1127 N ND2 . ASN A 1 171 ? -11.342 9.995   10.515  1.00 59.56  ? 181 ASN A ND2 1 
ATOM   1128 N N   . SER A 1 172 ? -8.701  9.392   6.018   1.00 54.85  ? 182 SER A N   1 
ATOM   1129 C CA  . SER A 1 172 ? -7.521  9.150   5.194   1.00 43.00  ? 182 SER A CA  1 
ATOM   1130 C C   . SER A 1 172 ? -7.796  9.495   3.735   1.00 42.53  ? 182 SER A C   1 
ATOM   1131 O O   . SER A 1 172 ? -6.979  10.136  3.077   1.00 42.97  ? 182 SER A O   1 
ATOM   1132 C CB  . SER A 1 172 ? -7.086  7.683   5.292   1.00 45.83  ? 182 SER A CB  1 
ATOM   1133 O OG  . SER A 1 172 ? -6.617  7.362   6.591   1.00 39.83  ? 182 SER A OG  1 
ATOM   1134 N N   . LEU A 1 173 ? -8.946  9.069   3.228   1.00 40.29  ? 183 LEU A N   1 
ATOM   1135 C CA  . LEU A 1 173 ? -9.297  9.349   1.847   1.00 40.93  ? 183 LEU A CA  1 
ATOM   1136 C C   . LEU A 1 173 ? -9.388  10.851  1.608   1.00 50.76  ? 183 LEU A C   1 
ATOM   1137 O O   . LEU A 1 173 ? -8.999  11.342  0.548   1.00 49.58  ? 183 LEU A O   1 
ATOM   1138 C CB  . LEU A 1 173 ? -10.624 8.677   1.489   1.00 46.00  ? 183 LEU A CB  1 
ATOM   1139 C CG  . LEU A 1 173 ? -10.619 7.146   1.448   1.00 48.67  ? 183 LEU A CG  1 
ATOM   1140 C CD1 . LEU A 1 173 ? -12.002 6.644   1.051   1.00 49.42  ? 183 LEU A CD1 1 
ATOM   1141 C CD2 . LEU A 1 173 ? -9.574  6.658   0.450   1.00 45.82  ? 183 LEU A CD2 1 
ATOM   1142 N N   . VAL A 1 174 ? -9.899  11.579  2.598   1.00 48.07  ? 184 VAL A N   1 
ATOM   1143 C CA  . VAL A 1 174 ? -10.025 13.026  2.484   1.00 52.59  ? 184 VAL A CA  1 
ATOM   1144 C C   . VAL A 1 174 ? -8.646  13.671  2.505   1.00 49.89  ? 184 VAL A C   1 
ATOM   1145 O O   . VAL A 1 174 ? -8.323  14.486  1.640   1.00 50.74  ? 184 VAL A O   1 
ATOM   1146 C CB  . VAL A 1 174 ? -10.889 13.606  3.632   1.00 61.85  ? 184 VAL A CB  1 
ATOM   1147 C CG1 . VAL A 1 174 ? -10.716 15.117  3.714   1.00 55.15  ? 184 VAL A CG1 1 
ATOM   1148 C CG2 . VAL A 1 174 ? -12.357 13.269  3.390   1.00 56.80  ? 184 VAL A CG2 1 
ATOM   1149 N N   . ASP A 1 175 ? -7.838  13.306  3.496   1.00 43.97  ? 185 ASP A N   1 
ATOM   1150 C CA  . ASP A 1 175 ? -6.486  13.841  3.611   1.00 50.27  ? 185 ASP A CA  1 
ATOM   1151 C C   . ASP A 1 175 ? -5.696  13.607  2.322   1.00 49.80  ? 185 ASP A C   1 
ATOM   1152 O O   . ASP A 1 175 ? -5.069  14.523  1.787   1.00 50.94  ? 185 ASP A O   1 
ATOM   1153 C CB  . ASP A 1 175 ? -5.750  13.184  4.780   1.00 61.34  ? 185 ASP A CB  1 
ATOM   1154 C CG  . ASP A 1 175 ? -6.223  13.686  6.126   1.00 66.96  ? 185 ASP A CG  1 
ATOM   1155 O OD1 . ASP A 1 175 ? -6.109  14.902  6.374   1.00 91.28  ? 185 ASP A OD1 1 
ATOM   1156 O OD2 . ASP A 1 175 ? -6.703  12.870  6.940   1.00 85.78  ? 185 ASP A OD2 1 
ATOM   1157 N N   . ILE A 1 176 ? -5.734  12.373  1.830   1.00 45.44  ? 186 ILE A N   1 
ATOM   1158 C CA  . ILE A 1 176 ? -5.020  12.014  0.613   1.00 43.25  ? 186 ILE A CA  1 
ATOM   1159 C C   . ILE A 1 176 ? -5.445  12.876  -0.567  1.00 51.15  ? 186 ILE A C   1 
ATOM   1160 O O   . ILE A 1 176 ? -4.602  13.350  -1.330  1.00 54.89  ? 186 ILE A O   1 
ATOM   1161 C CB  . ILE A 1 176 ? -5.244  10.529  0.249   1.00 43.15  ? 186 ILE A CB  1 
ATOM   1162 C CG1 . ILE A 1 176 ? -4.509  9.634   1.252   1.00 42.40  ? 186 ILE A CG1 1 
ATOM   1163 C CG2 . ILE A 1 176 ? -4.777  10.266  -1.176  1.00 22.06  ? 186 ILE A CG2 1 
ATOM   1164 C CD1 . ILE A 1 176 ? -4.833  8.153   1.123   1.00 29.47  ? 186 ILE A CD1 1 
ATOM   1165 N N   . PHE A 1 177 ? -6.748  13.083  -0.721  1.00 41.26  ? 187 PHE A N   1 
ATOM   1166 C CA  . PHE A 1 177 ? -7.229  13.883  -1.831  1.00 44.05  ? 187 PHE A CA  1 
ATOM   1167 C C   . PHE A 1 177 ? -6.869  15.353  -1.664  1.00 51.42  ? 187 PHE A C   1 
ATOM   1168 O O   . PHE A 1 177 ? -6.624  16.048  -2.652  1.00 39.74  ? 187 PHE A O   1 
ATOM   1169 C CB  . PHE A 1 177 ? -8.743  13.720  -2.014  1.00 45.84  ? 187 PHE A CB  1 
ATOM   1170 C CG  . PHE A 1 177 ? -9.133  13.370  -3.422  1.00 37.66  ? 187 PHE A CG  1 
ATOM   1171 C CD1 . PHE A 1 177 ? -8.901  14.265  -4.460  1.00 33.43  ? 187 PHE A CD1 1 
ATOM   1172 C CD2 . PHE A 1 177 ? -9.653  12.117  -3.723  1.00 41.14  ? 187 PHE A CD2 1 
ATOM   1173 C CE1 . PHE A 1 177 ? -9.173  13.914  -5.780  1.00 47.61  ? 187 PHE A CE1 1 
ATOM   1174 C CE2 . PHE A 1 177 ? -9.929  11.752  -5.041  1.00 35.84  ? 187 PHE A CE2 1 
ATOM   1175 C CZ  . PHE A 1 177 ? -9.686  12.653  -6.072  1.00 49.58  ? 187 PHE A CZ  1 
ATOM   1176 N N   . ASN A 1 178 ? -6.825  15.830  -0.423  1.00 41.14  ? 188 ASN A N   1 
ATOM   1177 C CA  . ASN A 1 178 ? -6.468  17.221  -0.194  1.00 48.42  ? 188 ASN A CA  1 
ATOM   1178 C C   . ASN A 1 178 ? -5.016  17.456  -0.612  1.00 58.43  ? 188 ASN A C   1 
ATOM   1179 O O   . ASN A 1 178 ? -4.722  18.419  -1.323  1.00 63.42  ? 188 ASN A O   1 
ATOM   1180 C CB  . ASN A 1 178 ? -6.675  17.609  1.275   1.00 44.18  ? 188 ASN A CB  1 
ATOM   1181 C CG  . ASN A 1 178 ? -8.150  17.819  1.627   1.00 62.34  ? 188 ASN A CG  1 
ATOM   1182 O OD1 . ASN A 1 178 ? -8.925  18.338  0.821   1.00 47.71  ? 188 ASN A OD1 1 
ATOM   1183 N ND2 . ASN A 1 178 ? -8.534  17.431  2.838   1.00 48.42  ? 188 ASN A ND2 1 
ATOM   1184 N N   . ASN A 1 179 ? -4.115  16.572  -0.183  1.00 51.80  ? 189 ASN A N   1 
ATOM   1185 C CA  . ASN A 1 179 ? -2.702  16.690  -0.540  1.00 36.86  ? 189 ASN A CA  1 
ATOM   1186 C C   . ASN A 1 179 ? -2.571  16.648  -2.058  1.00 42.32  ? 189 ASN A C   1 
ATOM   1187 O O   . ASN A 1 179 ? -1.826  17.426  -2.650  1.00 55.18  ? 189 ASN A O   1 
ATOM   1188 C CB  . ASN A 1 179 ? -1.886  15.546  0.066   1.00 38.60  ? 189 ASN A CB  1 
ATOM   1189 C CG  . ASN A 1 179 ? -1.921  15.541  1.582   1.00 52.85  ? 189 ASN A CG  1 
ATOM   1190 O OD1 . ASN A 1 179 ? -1.614  16.546  2.228   1.00 56.43  ? 189 ASN A OD1 1 
ATOM   1191 N ND2 . ASN A 1 179 ? -2.286  14.403  2.162   1.00 57.83  ? 189 ASN A ND2 1 
ATOM   1192 N N   . LEU A 1 180 ? -3.306  15.732  -2.680  1.00 47.30  ? 190 LEU A N   1 
ATOM   1193 C CA  . LEU A 1 180 ? -3.291  15.578  -4.130  1.00 47.61  ? 190 LEU A CA  1 
ATOM   1194 C C   . LEU A 1 180 ? -3.774  16.851  -4.804  1.00 53.68  ? 190 LEU A C   1 
ATOM   1195 O O   . LEU A 1 180 ? -3.414  17.141  -5.946  1.00 51.63  ? 190 LEU A O   1 
ATOM   1196 C CB  . LEU A 1 180 ? -4.200  14.418  -4.550  1.00 47.43  ? 190 LEU A CB  1 
ATOM   1197 C CG  . LEU A 1 180 ? -3.802  13.001  -4.141  1.00 45.34  ? 190 LEU A CG  1 
ATOM   1198 C CD1 . LEU A 1 180 ? -4.857  12.030  -4.626  1.00 45.53  ? 190 LEU A CD1 1 
ATOM   1199 C CD2 . LEU A 1 180 ? -2.439  12.653  -4.725  1.00 52.15  ? 190 LEU A CD2 1 
ATOM   1200 N N   . ILE A 1 181 ? -4.606  17.599  -4.089  1.00 60.76  ? 191 ILE A N   1 
ATOM   1201 C CA  . ILE A 1 181 ? -5.160  18.844  -4.597  1.00 56.82  ? 191 ILE A CA  1 
ATOM   1202 C C   . ILE A 1 181 ? -4.123  19.961  -4.508  1.00 54.03  ? 191 ILE A C   1 
ATOM   1203 O O   . ILE A 1 181 ? -3.999  20.779  -5.421  1.00 43.33  ? 191 ILE A O   1 
ATOM   1204 C CB  . ILE A 1 181 ? -6.455  19.200  -3.815  1.00 59.87  ? 191 ILE A CB  1 
ATOM   1205 C CG1 . ILE A 1 181 ? -7.616  18.365  -4.366  1.00 59.37  ? 191 ILE A CG1 1 
ATOM   1206 C CG2 . ILE A 1 181 ? -6.753  20.691  -3.901  1.00 46.05  ? 191 ILE A CG2 1 
ATOM   1207 C CD1 . ILE A 1 181 ? -8.858  18.371  -3.502  1.00 42.78  ? 191 ILE A CD1 1 
ATOM   1208 N N   . GLU A 1 182 ? -3.362  19.977  -3.418  1.00 52.95  ? 192 GLU A N   1 
ATOM   1209 C CA  . GLU A 1 182 ? -2.329  20.987  -3.233  1.00 58.02  ? 192 GLU A CA  1 
ATOM   1210 C C   . GLU A 1 182 ? -1.161  20.721  -4.182  1.00 66.58  ? 192 GLU A C   1 
ATOM   1211 O O   . GLU A 1 182 ? -0.519  21.654  -4.667  1.00 72.37  ? 192 GLU A O   1 
ATOM   1212 C CB  . GLU A 1 182 ? -1.844  20.982  -1.785  1.00 57.81  ? 192 GLU A CB  1 
ATOM   1213 C CG  . GLU A 1 182 ? -2.967  21.095  -0.764  1.00 80.81  ? 192 GLU A CG  1 
ATOM   1214 C CD  . GLU A 1 182 ? -3.933  22.229  -1.074  1.00 96.49  ? 192 GLU A CD  1 
ATOM   1215 O OE1 . GLU A 1 182 ? -3.487  23.394  -1.142  1.00 107.80 ? 192 GLU A OE1 1 
ATOM   1216 O OE2 . GLU A 1 182 ? -5.141  21.953  -1.246  1.00 102.82 ? 192 GLU A OE2 1 
ATOM   1217 N N   . MET A 1 183 ? -0.891  19.446  -4.448  1.00 63.60  ? 193 MET A N   1 
ATOM   1218 C CA  . MET A 1 183 ? 0.191   19.059  -5.351  1.00 60.51  ? 193 MET A CA  1 
ATOM   1219 C C   . MET A 1 183 ? -0.150  19.470  -6.783  1.00 60.76  ? 193 MET A C   1 
ATOM   1220 O O   . MET A 1 183 ? 0.736   19.742  -7.594  1.00 57.40  ? 193 MET A O   1 
ATOM   1221 C CB  . MET A 1 183 ? 0.409   17.545  -5.291  1.00 51.91  ? 193 MET A CB  1 
ATOM   1222 C CG  . MET A 1 183 ? 0.960   17.042  -3.969  1.00 52.55  ? 193 MET A CG  1 
ATOM   1223 S SD  . MET A 1 183 ? 0.713   15.264  -3.742  1.00 55.43  ? 193 MET A SD  1 
ATOM   1224 C CE  . MET A 1 183 ? 1.600   14.597  -5.139  1.00 27.63  ? 193 MET A CE  1 
ATOM   1225 N N   . ASN A 1 184 ? -1.443  19.507  -7.089  1.00 60.07  ? 194 ASN A N   1 
ATOM   1226 C CA  . ASN A 1 184 ? -1.897  19.894  -8.419  1.00 68.72  ? 194 ASN A CA  1 
ATOM   1227 C C   . ASN A 1 184 ? -1.821  21.407  -8.595  1.00 67.27  ? 194 ASN A C   1 
ATOM   1228 O O   . ASN A 1 184 ? -1.610  21.896  -9.704  1.00 67.61  ? 194 ASN A O   1 
ATOM   1229 C CB  . ASN A 1 184 ? -3.327  19.393  -8.651  1.00 64.07  ? 194 ASN A CB  1 
ATOM   1230 C CG  . ASN A 1 184 ? -3.960  19.980  -9.900  1.00 65.06  ? 194 ASN A CG  1 
ATOM   1231 O OD1 . ASN A 1 184 ? -4.513  21.078  -9.867  1.00 63.51  ? 194 ASN A OD1 1 
ATOM   1232 N ND2 . ASN A 1 184 ? -3.875  19.251  -11.010 1.00 60.12  ? 194 ASN A ND2 1 
ATOM   1233 N N   . ARG A 1 185 ? -1.990  22.143  -7.498  1.00 73.28  ? 195 ARG A N   1 
ATOM   1234 C CA  . ARG A 1 185 ? -1.924  23.604  -7.533  1.00 79.24  ? 195 ARG A CA  1 
ATOM   1235 C C   . ARG A 1 185 ? -0.480  24.034  -7.731  1.00 77.79  ? 195 ARG A C   1 
ATOM   1236 O O   . ARG A 1 185 ? -0.192  24.969  -8.476  1.00 82.26  ? 195 ARG A O   1 
ATOM   1237 C CB  . ARG A 1 185 ? -2.447  24.206  -6.226  1.00 77.98  ? 195 ARG A CB  1 
ATOM   1238 C CG  . ARG A 1 185 ? -3.936  24.040  -5.996  1.00 92.47  ? 195 ARG A CG  1 
ATOM   1239 C CD  . ARG A 1 185 ? -4.342  24.690  -4.682  1.00 106.13 ? 195 ARG A CD  1 
ATOM   1240 N NE  . ARG A 1 185 ? -5.768  24.544  -4.411  1.00 120.71 ? 195 ARG A NE  1 
ATOM   1241 C CZ  . ARG A 1 185 ? -6.361  24.953  -3.294  1.00 129.01 ? 195 ARG A CZ  1 
ATOM   1242 N NH1 . ARG A 1 185 ? -5.651  25.537  -2.337  1.00 129.19 ? 195 ARG A NH1 1 
ATOM   1243 N NH2 . ARG A 1 185 ? -7.666  24.779  -3.132  1.00 135.07 ? 195 ARG A NH2 1 
ATOM   1244 N N   . ASP A 1 186 ? 0.420   23.341  -7.042  1.00 84.47  ? 196 ASP A N   1 
ATOM   1245 C CA  . ASP A 1 186 ? 1.848   23.614  -7.123  1.00 82.37  ? 196 ASP A CA  1 
ATOM   1246 C C   . ASP A 1 186 ? 2.291   23.413  -8.569  1.00 77.30  ? 196 ASP A C   1 
ATOM   1247 O O   . ASP A 1 186 ? 2.135   22.330  -9.130  1.00 80.76  ? 196 ASP A O   1 
ATOM   1248 C CB  . ASP A 1 186 ? 2.606   22.658  -6.199  1.00 87.14  ? 196 ASP A CB  1 
ATOM   1249 C CG  . ASP A 1 186 ? 4.048   23.054  -6.011  1.00 95.95  ? 196 ASP A CG  1 
ATOM   1250 O OD1 . ASP A 1 186 ? 4.730   23.271  -7.032  1.00 104.47 ? 196 ASP A OD1 1 
ATOM   1251 O OD2 . ASP A 1 186 ? 4.497   23.143  -4.848  1.00 96.54  ? 196 ASP A OD2 1 
ATOM   1252 N N   . GLU A 1 187 ? 2.843   24.463  -9.168  1.00 75.54  ? 197 GLU A N   1 
ATOM   1253 C CA  . GLU A 1 187 ? 3.284   24.423  -10.559 1.00 86.09  ? 197 GLU A CA  1 
ATOM   1254 C C   . GLU A 1 187 ? 4.511   23.553  -10.830 1.00 83.46  ? 197 GLU A C   1 
ATOM   1255 O O   . GLU A 1 187 ? 4.633   22.966  -11.908 1.00 75.79  ? 197 GLU A O   1 
ATOM   1256 C CB  . GLU A 1 187 ? 3.555   25.847  -11.051 1.00 93.06  ? 197 GLU A CB  1 
ATOM   1257 C CG  . GLU A 1 187 ? 2.335   26.750  -11.030 1.00 101.81 ? 197 GLU A CG  1 
ATOM   1258 C CD  . GLU A 1 187 ? 1.275   26.315  -12.021 1.00 107.30 ? 197 GLU A CD  1 
ATOM   1259 O OE1 . GLU A 1 187 ? 0.830   25.150  -11.948 1.00 109.39 ? 197 GLU A OE1 1 
ATOM   1260 O OE2 . GLU A 1 187 ? 0.887   27.140  -12.876 1.00 111.87 ? 197 GLU A OE2 1 
ATOM   1261 N N   . LYS A 1 188 ? 5.415   23.468  -9.858  1.00 83.78  ? 198 LYS A N   1 
ATOM   1262 C CA  . LYS A 1 188 ? 6.633   22.680  -10.020 1.00 86.46  ? 198 LYS A CA  1 
ATOM   1263 C C   . LYS A 1 188 ? 6.400   21.180  -9.875  1.00 81.00  ? 198 LYS A C   1 
ATOM   1264 O O   . LYS A 1 188 ? 7.142   20.375  -10.440 1.00 80.57  ? 198 LYS A O   1 
ATOM   1265 C CB  . LYS A 1 188 ? 7.695   23.134  -9.008  1.00 95.71  ? 198 LYS A CB  1 
ATOM   1266 C CG  . LYS A 1 188 ? 7.377   22.812  -7.548  1.00 107.95 ? 198 LYS A CG  1 
ATOM   1267 C CD  . LYS A 1 188 ? 7.560   21.330  -7.224  1.00 117.64 ? 198 LYS A CD  1 
ATOM   1268 C CE  . LYS A 1 188 ? 7.034   20.984  -5.840  1.00 119.13 ? 198 LYS A CE  1 
ATOM   1269 N NZ  . LYS A 1 188 ? 7.154   19.528  -5.548  1.00 121.24 ? 198 LYS A NZ  1 
ATOM   1270 N N   . ASN A 1 189 ? 5.374   20.809  -9.112  1.00 75.66  ? 199 ASN A N   1 
ATOM   1271 C CA  . ASN A 1 189 ? 5.054   19.402  -8.884  1.00 60.26  ? 199 ASN A CA  1 
ATOM   1272 C C   . ASN A 1 189 ? 4.587   18.720  -10.170 1.00 56.04  ? 199 ASN A C   1 
ATOM   1273 O O   . ASN A 1 189 ? 3.739   19.246  -10.890 1.00 56.61  ? 199 ASN A O   1 
ATOM   1274 C CB  . ASN A 1 189 ? 3.976   19.283  -7.807  1.00 44.12  ? 199 ASN A CB  1 
ATOM   1275 C CG  . ASN A 1 189 ? 3.823   17.870  -7.293  1.00 43.02  ? 199 ASN A CG  1 
ATOM   1276 O OD1 . ASN A 1 189 ? 4.121   17.583  -6.134  1.00 57.66  ? 199 ASN A OD1 1 
ATOM   1277 N ND2 . ASN A 1 189 ? 3.361   16.974  -8.156  1.00 47.27  ? 199 ASN A ND2 1 
ATOM   1278 N N   . ARG A 1 190 ? 5.143   17.545  -10.449 1.00 58.62  ? 200 ARG A N   1 
ATOM   1279 C CA  . ARG A 1 190 ? 4.795   16.796  -11.653 1.00 61.04  ? 200 ARG A CA  1 
ATOM   1280 C C   . ARG A 1 190 ? 3.380   16.224  -11.667 1.00 54.65  ? 200 ARG A C   1 
ATOM   1281 O O   . ARG A 1 190 ? 2.879   15.823  -12.721 1.00 46.94  ? 200 ARG A O   1 
ATOM   1282 C CB  . ARG A 1 190 ? 5.792   15.652  -11.884 1.00 66.64  ? 200 ARG A CB  1 
ATOM   1283 C CG  . ARG A 1 190 ? 7.172   16.088  -12.367 1.00 68.92  ? 200 ARG A CG  1 
ATOM   1284 C CD  . ARG A 1 190 ? 7.832   14.981  -13.183 1.00 57.52  ? 200 ARG A CD  1 
ATOM   1285 N NE  . ARG A 1 190 ? 8.232   13.836  -12.369 1.00 57.83  ? 200 ARG A NE  1 
ATOM   1286 C CZ  . ARG A 1 190 ? 8.462   12.618  -12.854 1.00 58.08  ? 200 ARG A CZ  1 
ATOM   1287 N NH1 . ARG A 1 190 ? 8.326   12.373  -14.158 1.00 42.36  ? 200 ARG A NH1 1 
ATOM   1288 N NH2 . ARG A 1 190 ? 8.838   11.644  -12.037 1.00 54.50  ? 200 ARG A NH2 1 
ATOM   1289 N N   . PHE A 1 191 ? 2.731   16.174  -10.509 1.00 37.34  ? 201 PHE A N   1 
ATOM   1290 C CA  . PHE A 1 191 ? 1.380   15.628  -10.456 1.00 52.70  ? 201 PHE A CA  1 
ATOM   1291 C C   . PHE A 1 191 ? 0.309   16.581  -10.981 1.00 43.21  ? 201 PHE A C   1 
ATOM   1292 O O   . PHE A 1 191 ? 0.129   17.683  -10.459 1.00 45.40  ? 201 PHE A O   1 
ATOM   1293 C CB  . PHE A 1 191 ? 1.020   15.193  -9.030  1.00 48.53  ? 201 PHE A CB  1 
ATOM   1294 C CG  . PHE A 1 191 ? -0.382  14.675  -8.903  1.00 52.18  ? 201 PHE A CG  1 
ATOM   1295 C CD1 . PHE A 1 191 ? -1.423  15.526  -8.550  1.00 53.73  ? 201 PHE A CD1 1 
ATOM   1296 C CD2 . PHE A 1 191 ? -0.673  13.351  -9.198  1.00 43.90  ? 201 PHE A CD2 1 
ATOM   1297 C CE1 . PHE A 1 191 ? -2.736  15.065  -8.495  1.00 61.76  ? 201 PHE A CE1 1 
ATOM   1298 C CE2 . PHE A 1 191 ? -1.981  12.878  -9.148  1.00 64.23  ? 201 PHE A CE2 1 
ATOM   1299 C CZ  . PHE A 1 191 ? -3.015  13.737  -8.798  1.00 64.64  ? 201 PHE A CZ  1 
ATOM   1300 N N   . LYS A 1 192 ? -0.410  16.141  -12.009 1.00 41.24  ? 202 LYS A N   1 
ATOM   1301 C CA  . LYS A 1 192 ? -1.469  16.949  -12.607 1.00 46.23  ? 202 LYS A CA  1 
ATOM   1302 C C   . LYS A 1 192 ? -2.654  16.098  -13.075 1.00 43.95  ? 202 LYS A C   1 
ATOM   1303 O O   . LYS A 1 192 ? -2.519  15.263  -13.973 1.00 50.41  ? 202 LYS A O   1 
ATOM   1304 C CB  . LYS A 1 192 ? -0.902  17.756  -13.783 1.00 43.74  ? 202 LYS A CB  1 
ATOM   1305 C CG  . LYS A 1 192 ? 0.083   18.848  -13.363 1.00 46.73  ? 202 LYS A CG  1 
ATOM   1306 C CD  . LYS A 1 192 ? -0.626  19.967  -12.609 1.00 30.67  ? 202 LYS A CD  1 
ATOM   1307 C CE  . LYS A 1 192 ? 0.360   20.948  -11.998 1.00 40.61  ? 202 LYS A CE  1 
ATOM   1308 N NZ  . LYS A 1 192 ? 1.124   20.344  -10.865 1.00 45.55  ? 202 LYS A NZ  1 
ATOM   1309 N N   . PHE A 1 193 ? -3.816  16.319  -12.465 1.00 44.95  ? 203 PHE A N   1 
ATOM   1310 C CA  . PHE A 1 193 ? -5.026  15.575  -12.814 1.00 44.33  ? 203 PHE A CA  1 
ATOM   1311 C C   . PHE A 1 193 ? -5.222  15.409  -14.317 1.00 51.06  ? 203 PHE A C   1 
ATOM   1312 O O   . PHE A 1 193 ? -5.419  14.292  -14.801 1.00 52.54  ? 203 PHE A O   1 
ATOM   1313 C CB  . PHE A 1 193 ? -6.264  16.260  -12.234 1.00 37.04  ? 203 PHE A CB  1 
ATOM   1314 C CG  . PHE A 1 193 ? -6.303  16.284  -10.733 1.00 42.69  ? 203 PHE A CG  1 
ATOM   1315 C CD1 . PHE A 1 193 ? -6.296  17.492  -10.044 1.00 39.01  ? 203 PHE A CD1 1 
ATOM   1316 C CD2 . PHE A 1 193 ? -6.348  15.099  -10.005 1.00 51.02  ? 203 PHE A CD2 1 
ATOM   1317 C CE1 . PHE A 1 193 ? -6.327  17.521  -8.650  1.00 34.22  ? 203 PHE A CE1 1 
ATOM   1318 C CE2 . PHE A 1 193 ? -6.380  15.120  -8.608  1.00 43.84  ? 203 PHE A CE2 1 
ATOM   1319 C CZ  . PHE A 1 193 ? -6.369  16.332  -7.933  1.00 36.53  ? 203 PHE A CZ  1 
ATOM   1320 N N   . VAL A 1 194 ? -5.169  16.518  -15.051 1.00 57.33  ? 204 VAL A N   1 
ATOM   1321 C CA  . VAL A 1 194 ? -5.365  16.500  -16.499 1.00 55.48  ? 204 VAL A CA  1 
ATOM   1322 C C   . VAL A 1 194 ? -4.447  15.521  -17.224 1.00 69.23  ? 204 VAL A C   1 
ATOM   1323 O O   . VAL A 1 194 ? -4.745  15.092  -18.342 1.00 69.92  ? 204 VAL A O   1 
ATOM   1324 C CB  . VAL A 1 194 ? -5.169  17.914  -17.108 1.00 64.36  ? 204 VAL A CB  1 
ATOM   1325 C CG1 . VAL A 1 194 ? -5.468  17.892  -18.607 1.00 50.97  ? 204 VAL A CG1 1 
ATOM   1326 C CG2 . VAL A 1 194 ? -6.082  18.912  -16.407 1.00 58.61  ? 204 VAL A CG2 1 
ATOM   1327 N N   . LYS A 1 195 ? -3.334  15.162  -16.590 1.00 68.00  ? 205 LYS A N   1 
ATOM   1328 C CA  . LYS A 1 195 ? -2.392  14.233  -17.203 1.00 68.85  ? 205 LYS A CA  1 
ATOM   1329 C C   . LYS A 1 195 ? -2.676  12.767  -16.870 1.00 66.43  ? 205 LYS A C   1 
ATOM   1330 O O   . LYS A 1 195 ? -1.932  11.875  -17.282 1.00 65.93  ? 205 LYS A O   1 
ATOM   1331 C CB  . LYS A 1 195 ? -0.962  14.595  -16.795 1.00 71.70  ? 205 LYS A CB  1 
ATOM   1332 C CG  . LYS A 1 195 ? -0.481  15.923  -17.364 1.00 69.66  ? 205 LYS A CG  1 
ATOM   1333 C CD  . LYS A 1 195 ? -0.512  15.909  -18.888 1.00 73.20  ? 205 LYS A CD  1 
ATOM   1334 C CE  . LYS A 1 195 ? 0.004   17.216  -19.470 1.00 80.27  ? 205 LYS A CE  1 
ATOM   1335 N NZ  . LYS A 1 195 ? 0.023   17.191  -20.960 1.00 89.83  ? 205 LYS A NZ  1 
ATOM   1336 N N   . LEU A 1 196 ? -3.753  12.520  -16.131 1.00 56.13  ? 206 LEU A N   1 
ATOM   1337 C CA  . LEU A 1 196 ? -4.129  11.160  -15.759 1.00 53.94  ? 206 LEU A CA  1 
ATOM   1338 C C   . LEU A 1 196 ? -4.824  10.478  -16.934 1.00 54.75  ? 206 LEU A C   1 
ATOM   1339 O O   . LEU A 1 196 ? -5.814  10.986  -17.457 1.00 68.68  ? 206 LEU A O   1 
ATOM   1340 C CB  . LEU A 1 196 ? -5.054  11.186  -14.542 1.00 46.65  ? 206 LEU A CB  1 
ATOM   1341 C CG  . LEU A 1 196 ? -4.442  11.780  -13.271 1.00 52.84  ? 206 LEU A CG  1 
ATOM   1342 C CD1 . LEU A 1 196 ? -5.530  12.044  -12.250 1.00 39.17  ? 206 LEU A CD1 1 
ATOM   1343 C CD2 . LEU A 1 196 ? -3.384  10.830  -12.713 1.00 53.49  ? 206 LEU A CD2 1 
ATOM   1344 N N   . ILE A 1 197 ? -4.292  9.330   -17.347 1.00 58.63  ? 207 ILE A N   1 
ATOM   1345 C CA  . ILE A 1 197 ? -4.843  8.566   -18.463 1.00 57.08  ? 207 ILE A CA  1 
ATOM   1346 C C   . ILE A 1 197 ? -6.342  8.318   -18.310 1.00 62.09  ? 207 ILE A C   1 
ATOM   1347 O O   . ILE A 1 197 ? -7.028  7.989   -19.276 1.00 58.38  ? 207 ILE A O   1 
ATOM   1348 C CB  . ILE A 1 197 ? -4.133  7.199   -18.593 1.00 63.45  ? 207 ILE A CB  1 
ATOM   1349 C CG1 . ILE A 1 197 ? -2.629  7.409   -18.759 1.00 65.99  ? 207 ILE A CG1 1 
ATOM   1350 C CG2 . ILE A 1 197 ? -4.679  6.428   -19.784 1.00 60.86  ? 207 ILE A CG2 1 
ATOM   1351 C CD1 . ILE A 1 197 ? -1.849  6.117   -18.913 1.00 76.65  ? 207 ILE A CD1 1 
ATOM   1352 N N   . HIS A 1 198 ? -6.849  8.488   -17.094 1.00 66.76  ? 208 HIS A N   1 
ATOM   1353 C CA  . HIS A 1 198 ? -8.260  8.263   -16.822 1.00 69.44  ? 208 HIS A CA  1 
ATOM   1354 C C   . HIS A 1 198 ? -8.986  9.536   -16.409 1.00 75.38  ? 208 HIS A C   1 
ATOM   1355 O O   . HIS A 1 198 ? -10.006 9.477   -15.717 1.00 73.84  ? 208 HIS A O   1 
ATOM   1356 C CB  . HIS A 1 198 ? -8.408  7.209   -15.719 1.00 69.44  ? 208 HIS A CB  1 
ATOM   1357 C CG  . HIS A 1 198 ? -7.888  7.652   -14.387 1.00 60.32  ? 208 HIS A CG  1 
ATOM   1358 N ND1 . HIS A 1 198 ? -8.562  8.546   -13.584 1.00 54.19  ? 208 HIS A ND1 1 
ATOM   1359 C CD2 . HIS A 1 198 ? -6.749  7.338   -13.724 1.00 59.34  ? 208 HIS A CD2 1 
ATOM   1360 C CE1 . HIS A 1 198 ? -7.863  8.763   -12.485 1.00 63.76  ? 208 HIS A CE1 1 
ATOM   1361 N NE2 . HIS A 1 198 ? -6.757  8.042   -12.545 1.00 59.09  ? 208 HIS A NE2 1 
ATOM   1362 N N   . TYR A 1 199 ? -8.470  10.688  -16.828 1.00 75.24  ? 209 TYR A N   1 
ATOM   1363 C CA  . TYR A 1 199 ? -9.103  11.950  -16.470 1.00 81.11  ? 209 TYR A CA  1 
ATOM   1364 C C   . TYR A 1 199 ? -10.560 11.948  -16.921 1.00 87.59  ? 209 TYR A C   1 
ATOM   1365 O O   . TYR A 1 199 ? -10.856 12.185  -18.092 1.00 82.03  ? 209 TYR A O   1 
ATOM   1366 C CB  . TYR A 1 199 ? -8.375  13.133  -17.114 1.00 72.80  ? 209 TYR A CB  1 
ATOM   1367 C CG  . TYR A 1 199 ? -8.737  14.464  -16.486 1.00 69.35  ? 209 TYR A CG  1 
ATOM   1368 C CD1 . TYR A 1 199 ? -8.832  15.623  -17.256 1.00 66.77  ? 209 TYR A CD1 1 
ATOM   1369 C CD2 . TYR A 1 199 ? -8.980  14.564  -15.113 1.00 54.85  ? 209 TYR A CD2 1 
ATOM   1370 C CE1 . TYR A 1 199 ? -9.162  16.851  -16.674 1.00 67.96  ? 209 TYR A CE1 1 
ATOM   1371 C CE2 . TYR A 1 199 ? -9.308  15.782  -14.523 1.00 64.63  ? 209 TYR A CE2 1 
ATOM   1372 C CZ  . TYR A 1 199 ? -9.397  16.922  -15.307 1.00 70.99  ? 209 TYR A CZ  1 
ATOM   1373 O OH  . TYR A 1 199 ? -9.721  18.128  -14.720 1.00 62.21  ? 209 TYR A OH  1 
ATOM   1374 N N   . ASP A 1 200 ? -11.463 11.671  -15.986 1.00 96.45  ? 210 ASP A N   1 
ATOM   1375 C CA  . ASP A 1 200 ? -12.893 11.632  -16.276 1.00 97.85  ? 210 ASP A CA  1 
ATOM   1376 C C   . ASP A 1 200 ? -13.515 13.015  -16.194 1.00 98.57  ? 210 ASP A C   1 
ATOM   1377 O O   . ASP A 1 200 ? -12.929 13.946  -15.638 1.00 95.70  ? 210 ASP A O   1 
ATOM   1378 C CB  . ASP A 1 200 ? -13.624 10.713  -15.289 1.00 93.34  ? 210 ASP A CB  1 
ATOM   1379 C CG  . ASP A 1 200 ? -13.303 9.249   -15.499 1.00 95.14  ? 210 ASP A CG  1 
ATOM   1380 O OD1 . ASP A 1 200 ? -13.502 8.756   -16.628 1.00 98.31  ? 210 ASP A OD1 1 
ATOM   1381 O OD2 . ASP A 1 200 ? -12.858 8.590   -14.534 1.00 99.80  ? 210 ASP A OD2 1 
ATOM   1382 N N   . ILE A 1 201 ? -14.713 13.141  -16.753 1.00 97.84  ? 211 ILE A N   1 
ATOM   1383 C CA  . ILE A 1 201 ? -15.439 14.399  -16.716 1.00 94.44  ? 211 ILE A CA  1 
ATOM   1384 C C   . ILE A 1 201 ? -15.917 14.549  -15.279 1.00 88.77  ? 211 ILE A C   1 
ATOM   1385 O O   . ILE A 1 201 ? -16.015 15.655  -14.751 1.00 88.02  ? 211 ILE A O   1 
ATOM   1386 C CB  . ILE A 1 201 ? -16.653 14.369  -17.662 1.00 95.22  ? 211 ILE A CB  1 
ATOM   1387 C CG1 . ILE A 1 201 ? -16.183 14.096  -19.093 1.00 102.21 ? 211 ILE A CG1 1 
ATOM   1388 C CG2 . ILE A 1 201 ? -17.397 15.690  -17.591 1.00 94.47  ? 211 ILE A CG2 1 
ATOM   1389 C CD1 . ILE A 1 201 ? -17.309 13.991  -20.107 1.00 112.81 ? 211 ILE A CD1 1 
ATOM   1390 N N   . GLU A 1 202 ? -16.198 13.409  -14.652 1.00 88.75  ? 212 GLU A N   1 
ATOM   1391 C CA  . GLU A 1 202 ? -16.653 13.367  -13.268 1.00 87.69  ? 212 GLU A CA  1 
ATOM   1392 C C   . GLU A 1 202 ? -15.495 13.728  -12.336 1.00 77.51  ? 212 GLU A C   1 
ATOM   1393 O O   . GLU A 1 202 ? -15.697 14.323  -11.275 1.00 67.12  ? 212 GLU A O   1 
ATOM   1394 C CB  . GLU A 1 202 ? -17.175 11.967  -12.933 1.00 95.04  ? 212 GLU A CB  1 
ATOM   1395 C CG  . GLU A 1 202 ? -17.791 11.838  -11.551 1.00 107.88 ? 212 GLU A CG  1 
ATOM   1396 C CD  . GLU A 1 202 ? -18.198 10.411  -11.230 1.00 116.42 ? 212 GLU A CD  1 
ATOM   1397 O OE1 . GLU A 1 202 ? -18.962 9.816   -12.022 1.00 117.64 ? 212 GLU A OE1 1 
ATOM   1398 O OE2 . GLU A 1 202 ? -17.757 9.883   -10.186 1.00 120.62 ? 212 GLU A OE2 1 
ATOM   1399 N N   . LEU A 1 203 ? -14.281 13.358  -12.737 1.00 69.75  ? 213 LEU A N   1 
ATOM   1400 C CA  . LEU A 1 203 ? -13.096 13.661  -11.942 1.00 70.36  ? 213 LEU A CA  1 
ATOM   1401 C C   . LEU A 1 203 ? -12.813 15.155  -12.032 1.00 63.66  ? 213 LEU A C   1 
ATOM   1402 O O   . LEU A 1 203 ? -12.424 15.788  -11.051 1.00 54.16  ? 213 LEU A O   1 
ATOM   1403 C CB  . LEU A 1 203 ? -11.885 12.876  -12.454 1.00 67.53  ? 213 LEU A CB  1 
ATOM   1404 C CG  . LEU A 1 203 ? -10.557 13.204  -11.764 1.00 63.98  ? 213 LEU A CG  1 
ATOM   1405 C CD1 . LEU A 1 203 ? -10.679 12.975  -10.259 1.00 57.81  ? 213 LEU A CD1 1 
ATOM   1406 C CD2 . LEU A 1 203 ? -9.454  12.350  -12.358 1.00 64.11  ? 213 LEU A CD2 1 
ATOM   1407 N N   . LYS A 1 204 ? -13.007 15.708  -13.225 1.00 66.88  ? 214 LYS A N   1 
ATOM   1408 C CA  . LYS A 1 204 ? -12.798 17.131  -13.443 1.00 69.35  ? 214 LYS A CA  1 
ATOM   1409 C C   . LYS A 1 204 ? -13.803 17.891  -12.581 1.00 73.22  ? 214 LYS A C   1 
ATOM   1410 O O   . LYS A 1 204 ? -13.503 18.957  -12.042 1.00 63.80  ? 214 LYS A O   1 
ATOM   1411 C CB  . LYS A 1 204 ? -13.006 17.475  -14.921 1.00 70.71  ? 214 LYS A CB  1 
ATOM   1412 C CG  . LYS A 1 204 ? -12.912 18.964  -15.229 1.00 75.39  ? 214 LYS A CG  1 
ATOM   1413 C CD  . LYS A 1 204 ? -13.052 19.250  -16.718 1.00 75.12  ? 214 LYS A CD  1 
ATOM   1414 C CE  . LYS A 1 204 ? -12.910 20.745  -17.002 1.00 80.01  ? 214 LYS A CE  1 
ATOM   1415 N NZ  . LYS A 1 204 ? -12.923 21.057  -18.460 1.00 75.47  ? 214 LYS A NZ  1 
ATOM   1416 N N   . LYS A 1 205 ? -14.996 17.313  -12.449 1.00 73.66  ? 215 LYS A N   1 
ATOM   1417 C CA  . LYS A 1 205 ? -16.077 17.904  -11.668 1.00 71.07  ? 215 LYS A CA  1 
ATOM   1418 C C   . LYS A 1 205 ? -15.860 17.828  -10.158 1.00 66.21  ? 215 LYS A C   1 
ATOM   1419 O O   . LYS A 1 205 ? -16.118 18.796  -9.442  1.00 53.34  ? 215 LYS A O   1 
ATOM   1420 C CB  . LYS A 1 205 ? -17.401 17.228  -12.027 1.00 81.46  ? 215 LYS A CB  1 
ATOM   1421 C CG  . LYS A 1 205 ? -17.828 17.431  -13.472 1.00 95.68  ? 215 LYS A CG  1 
ATOM   1422 C CD  . LYS A 1 205 ? -19.087 16.641  -13.791 1.00 110.66 ? 215 LYS A CD  1 
ATOM   1423 C CE  . LYS A 1 205 ? -19.493 16.807  -15.248 1.00 117.87 ? 215 LYS A CE  1 
ATOM   1424 N NZ  . LYS A 1 205 ? -20.692 15.991  -15.594 1.00 123.32 ? 215 LYS A NZ  1 
ATOM   1425 N N   . PHE A 1 206 ? -15.394 16.681  -9.669  1.00 65.85  ? 216 PHE A N   1 
ATOM   1426 C CA  . PHE A 1 206 ? -15.164 16.525  -8.237  1.00 69.27  ? 216 PHE A CA  1 
ATOM   1427 C C   . PHE A 1 206 ? -14.017 17.401  -7.744  1.00 69.96  ? 216 PHE A C   1 
ATOM   1428 O O   . PHE A 1 206 ? -14.080 17.950  -6.645  1.00 67.32  ? 216 PHE A O   1 
ATOM   1429 C CB  . PHE A 1 206 ? -14.887 15.055  -7.886  1.00 69.76  ? 216 PHE A CB  1 
ATOM   1430 C CG  . PHE A 1 206 ? -14.436 14.846  -6.461  1.00 65.21  ? 216 PHE A CG  1 
ATOM   1431 C CD1 . PHE A 1 206 ? -13.080 14.757  -6.150  1.00 66.32  ? 216 PHE A CD1 1 
ATOM   1432 C CD2 . PHE A 1 206 ? -15.363 14.774  -5.425  1.00 55.96  ? 216 PHE A CD2 1 
ATOM   1433 C CE1 . PHE A 1 206 ? -12.657 14.599  -4.826  1.00 60.33  ? 216 PHE A CE1 1 
ATOM   1434 C CE2 . PHE A 1 206 ? -14.949 14.616  -4.098  1.00 58.81  ? 216 PHE A CE2 1 
ATOM   1435 C CZ  . PHE A 1 206 ? -13.594 14.529  -3.801  1.00 58.72  ? 216 PHE A CZ  1 
ATOM   1436 N N   . VAL A 1 207 ? -12.970 17.532  -8.552  1.00 73.33  ? 217 VAL A N   1 
ATOM   1437 C CA  . VAL A 1 207 ? -11.830 18.355  -8.165  1.00 79.48  ? 217 VAL A CA  1 
ATOM   1438 C C   . VAL A 1 207 ? -12.256 19.807  -8.001  1.00 79.74  ? 217 VAL A C   1 
ATOM   1439 O O   . VAL A 1 207 ? -11.952 20.443  -6.992  1.00 85.67  ? 217 VAL A O   1 
ATOM   1440 C CB  . VAL A 1 207 ? -10.702 18.282  -9.213  1.00 80.29  ? 217 VAL A CB  1 
ATOM   1441 C CG1 . VAL A 1 207 ? -9.594  19.260  -8.849  1.00 74.43  ? 217 VAL A CG1 1 
ATOM   1442 C CG2 . VAL A 1 207 ? -10.155 16.866  -9.284  1.00 87.19  ? 217 VAL A CG2 1 
ATOM   1443 N N   . GLN A 1 208 ? -12.964 20.325  -9.001  1.00 81.40  ? 218 GLN A N   1 
ATOM   1444 C CA  . GLN A 1 208 ? -13.445 21.702  -8.976  1.00 87.22  ? 218 GLN A CA  1 
ATOM   1445 C C   . GLN A 1 208 ? -14.256 21.965  -7.708  1.00 84.51  ? 218 GLN A C   1 
ATOM   1446 O O   . GLN A 1 208 ? -13.883 22.797  -6.878  1.00 72.72  ? 218 GLN A O   1 
ATOM   1447 C CB  . GLN A 1 208 ? -14.323 21.974  -10.204 1.00 89.55  ? 218 GLN A CB  1 
ATOM   1448 C CG  . GLN A 1 208 ? -13.614 21.802  -11.542 1.00 88.70  ? 218 GLN A CG  1 
ATOM   1449 C CD  . GLN A 1 208 ? -14.560 21.916  -12.725 1.00 89.12  ? 218 GLN A CD  1 
ATOM   1450 O OE1 . GLN A 1 208 ? -14.139 21.856  -13.882 1.00 84.21  ? 218 GLN A OE1 1 
ATOM   1451 N NE2 . GLN A 1 208 ? -15.845 22.078  -12.441 1.00 89.93  ? 218 GLN A NE2 1 
ATOM   1452 N N   . ASP A 1 209 ? -15.364 21.243  -7.570  1.00 88.22  ? 219 ASP A N   1 
ATOM   1453 C CA  . ASP A 1 209 ? -16.252 21.384  -6.421  1.00 97.55  ? 219 ASP A CA  1 
ATOM   1454 C C   . ASP A 1 209 ? -15.581 21.027  -5.101  1.00 95.78  ? 219 ASP A C   1 
ATOM   1455 O O   . ASP A 1 209 ? -16.169 21.205  -4.033  1.00 90.06  ? 219 ASP A O   1 
ATOM   1456 C CB  . ASP A 1 209 ? -17.498 20.511  -6.608  1.00 102.02 ? 219 ASP A CB  1 
ATOM   1457 C CG  . ASP A 1 209 ? -18.354 20.956  -7.780  1.00 111.61 ? 219 ASP A CG  1 
ATOM   1458 O OD1 . ASP A 1 209 ? -18.828 22.112  -7.765  1.00 112.83 ? 219 ASP A OD1 1 
ATOM   1459 O OD2 . ASP A 1 209 ? -18.553 20.152  -8.715  1.00 117.96 ? 219 ASP A OD2 1 
ATOM   1460 N N   . GLN A 1 210 ? -14.353 20.524  -5.176  1.00 102.02 ? 220 GLN A N   1 
ATOM   1461 C CA  . GLN A 1 210 ? -13.617 20.137  -3.979  1.00 102.80 ? 220 GLN A CA  1 
ATOM   1462 C C   . GLN A 1 210 ? -12.676 21.244  -3.515  1.00 103.49 ? 220 GLN A C   1 
ATOM   1463 O O   . GLN A 1 210 ? -12.292 21.296  -2.347  1.00 99.45  ? 220 GLN A O   1 
ATOM   1464 C CB  . GLN A 1 210 ? -12.819 18.858  -4.241  1.00 98.15  ? 220 GLN A CB  1 
ATOM   1465 C CG  . GLN A 1 210 ? -12.222 18.243  -2.989  1.00 103.99 ? 220 GLN A CG  1 
ATOM   1466 C CD  . GLN A 1 210 ? -13.278 17.871  -1.967  1.00 106.79 ? 220 GLN A CD  1 
ATOM   1467 O OE1 . GLN A 1 210 ? -14.172 17.074  -2.246  1.00 114.01 ? 220 GLN A OE1 1 
ATOM   1468 N NE2 . GLN A 1 210 ? -13.179 18.450  -0.776  1.00 104.81 ? 220 GLN A NE2 1 
ATOM   1469 N N   . GLN A 1 211 ? -12.304 22.125  -4.437  1.00 106.00 ? 221 GLN A N   1 
ATOM   1470 C CA  . GLN A 1 211 ? -11.418 23.232  -4.107  1.00 109.27 ? 221 GLN A CA  1 
ATOM   1471 C C   . GLN A 1 211 ? -12.209 24.343  -3.427  1.00 114.08 ? 221 GLN A C   1 
ATOM   1472 O O   . GLN A 1 211 ? -11.654 25.136  -2.666  1.00 110.08 ? 221 GLN A O   1 
ATOM   1473 C CB  . GLN A 1 211 ? -10.741 23.771  -5.369  1.00 102.66 ? 221 GLN A CB  1 
ATOM   1474 C CG  . GLN A 1 211 ? -9.798  22.782  -6.028  1.00 99.47  ? 221 GLN A CG  1 
ATOM   1475 C CD  . GLN A 1 211 ? -9.041  23.389  -7.190  1.00 100.73 ? 221 GLN A CD  1 
ATOM   1476 O OE1 . GLN A 1 211 ? -8.322  24.374  -7.029  1.00 102.76 ? 221 GLN A OE1 1 
ATOM   1477 N NE2 . GLN A 1 211 ? -9.198  22.802  -8.370  1.00 98.81  ? 221 GLN A NE2 1 
ATOM   1478 N N   . LYS A 1 212 ? -13.508 24.393  -3.704  1.00 121.84 ? 222 LYS A N   1 
ATOM   1479 C CA  . LYS A 1 212 ? -14.378 25.400  -3.108  1.00 131.10 ? 222 LYS A CA  1 
ATOM   1480 C C   . LYS A 1 212 ? -14.373 25.242  -1.592  1.00 137.07 ? 222 LYS A C   1 
ATOM   1481 O O   . LYS A 1 212 ? -14.421 26.227  -0.853  1.00 139.97 ? 222 LYS A O   1 
ATOM   1482 C CB  . LYS A 1 212 ? -15.810 25.251  -3.631  1.00 132.19 ? 222 LYS A CB  1 
ATOM   1483 C CG  . LYS A 1 212 ? -15.942 25.368  -5.140  1.00 133.26 ? 222 LYS A CG  1 
ATOM   1484 C CD  . LYS A 1 212 ? -17.403 25.403  -5.572  1.00 134.38 ? 222 LYS A CD  1 
ATOM   1485 C CE  . LYS A 1 212 ? -18.145 24.126  -5.203  1.00 130.29 ? 222 LYS A CE  1 
ATOM   1486 N NZ  . LYS A 1 212 ? -19.572 24.177  -5.631  1.00 123.06 ? 222 LYS A NZ  1 
ATOM   1487 N N   . VAL A 1 213 ? -14.315 23.994  -1.136  1.00 142.09 ? 223 VAL A N   1 
ATOM   1488 C CA  . VAL A 1 213 ? -14.293 23.695  0.291   1.00 142.70 ? 223 VAL A CA  1 
ATOM   1489 C C   . VAL A 1 213 ? -13.003 24.247  0.892   1.00 145.74 ? 223 VAL A C   1 
ATOM   1490 O O   . VAL A 1 213 ? -12.856 24.331  2.112   1.00 144.36 ? 223 VAL A O   1 
ATOM   1491 C CB  . VAL A 1 213 ? -14.357 22.169  0.543   1.00 139.75 ? 223 VAL A CB  1 
ATOM   1492 C CG1 . VAL A 1 213 ? -14.493 21.890  2.031   1.00 135.20 ? 223 VAL A CG1 1 
ATOM   1493 C CG2 . VAL A 1 213 ? -15.523 21.564  -0.224  1.00 132.59 ? 223 VAL A CG2 1 
ATOM   1494 N N   . LEU A 1 214 ? -12.073 24.623  0.017   1.00 149.29 ? 224 LEU A N   1 
ATOM   1495 C CA  . LEU A 1 214 ? -10.788 25.177  0.430   1.00 152.12 ? 224 LEU A CA  1 
ATOM   1496 C C   . LEU A 1 214 ? -10.752 26.683  0.176   1.00 154.05 ? 224 LEU A C   1 
ATOM   1497 O O   . LEU A 1 214 ? -10.594 27.445  1.153   1.00 154.31 ? 224 LEU A O   1 
ATOM   1498 C CB  . LEU A 1 214 ? -9.648  24.499  -0.339  1.00 148.99 ? 224 LEU A CB  1 
ATOM   1499 C CG  . LEU A 1 214 ? -9.454  22.996  -0.123  1.00 147.02 ? 224 LEU A CG  1 
ATOM   1500 C CD1 . LEU A 1 214 ? -8.402  22.469  -1.085  1.00 149.25 ? 224 LEU A CD1 1 
ATOM   1501 C CD2 . LEU A 1 214 ? -9.042  22.732  1.317   1.00 140.96 ? 224 LEU A CD2 1 
ATOM   1502 N N   . PRO B 2 2   ? -8.397  -32.283 16.424  1.00 112.14 ? 216 PRO B N   1 
ATOM   1503 C CA  . PRO B 2 2   ? -7.070  -32.345 17.077  1.00 115.04 ? 216 PRO B CA  1 
ATOM   1504 C C   . PRO B 2 2   ? -5.916  -32.370 16.075  1.00 116.92 ? 216 PRO B C   1 
ATOM   1505 O O   . PRO B 2 2   ? -4.827  -31.875 16.364  1.00 120.03 ? 216 PRO B O   1 
ATOM   1506 C CB  . PRO B 2 2   ? -7.062  -33.593 17.950  1.00 110.89 ? 216 PRO B CB  1 
ATOM   1507 C CG  . PRO B 2 2   ? -8.106  -34.458 17.251  1.00 113.62 ? 216 PRO B CG  1 
ATOM   1508 C CD  . PRO B 2 2   ? -9.189  -33.469 16.796  1.00 112.86 ? 216 PRO B CD  1 
ATOM   1509 N N   . LEU B 2 3   ? -6.154  -32.949 14.900  1.00 114.06 ? 217 LEU B N   1 
ATOM   1510 C CA  . LEU B 2 3   ? -5.124  -33.017 13.866  1.00 110.02 ? 217 LEU B CA  1 
ATOM   1511 C C   . LEU B 2 3   ? -5.056  -31.707 13.091  1.00 105.59 ? 217 LEU B C   1 
ATOM   1512 O O   . LEU B 2 3   ? -3.981  -31.283 12.665  1.00 99.29  ? 217 LEU B O   1 
ATOM   1513 C CB  . LEU B 2 3   ? -5.403  -34.170 12.897  1.00 114.08 ? 217 LEU B CB  1 
ATOM   1514 C CG  . LEU B 2 3   ? -5.234  -35.594 13.432  1.00 120.46 ? 217 LEU B CG  1 
ATOM   1515 C CD1 . LEU B 2 3   ? -5.574  -36.595 12.338  1.00 118.53 ? 217 LEU B CD1 1 
ATOM   1516 C CD2 . LEU B 2 3   ? -3.806  -35.796 13.915  1.00 125.13 ? 217 LEU B CD2 1 
ATOM   1517 N N   . LYS B 2 4   ? -6.209  -31.071 12.908  1.00 103.65 ? 218 LYS B N   1 
ATOM   1518 C CA  . LYS B 2 4   ? -6.277  -29.803 12.193  1.00 104.77 ? 218 LYS B CA  1 
ATOM   1519 C C   . LYS B 2 4   ? -5.747  -28.676 13.076  1.00 102.70 ? 218 LYS B C   1 
ATOM   1520 O O   . LYS B 2 4   ? -5.551  -27.551 12.615  1.00 102.98 ? 218 LYS B O   1 
ATOM   1521 C CB  . LYS B 2 4   ? -7.719  -29.492 11.779  1.00 110.13 ? 218 LYS B CB  1 
ATOM   1522 C CG  . LYS B 2 4   ? -8.355  -30.529 10.862  1.00 113.61 ? 218 LYS B CG  1 
ATOM   1523 C CD  . LYS B 2 4   ? -9.712  -30.058 10.345  1.00 118.69 ? 218 LYS B CD  1 
ATOM   1524 C CE  . LYS B 2 4   ? -10.693 -29.788 11.481  1.00 120.12 ? 218 LYS B CE  1 
ATOM   1525 N NZ  . LYS B 2 4   ? -12.009 -29.290 10.986  1.00 116.14 ? 218 LYS B NZ  1 
ATOM   1526 N N   . LEU B 2 5   ? -5.521  -28.986 14.349  1.00 96.18  ? 219 LEU B N   1 
ATOM   1527 C CA  . LEU B 2 5   ? -5.007  -28.003 15.294  1.00 91.20  ? 219 LEU B CA  1 
ATOM   1528 C C   . LEU B 2 5   ? -3.496  -28.117 15.455  1.00 88.05  ? 219 LEU B C   1 
ATOM   1529 O O   . LEU B 2 5   ? -2.809  -27.107 15.602  1.00 86.89  ? 219 LEU B O   1 
ATOM   1530 C CB  . LEU B 2 5   ? -5.691  -28.159 16.655  1.00 88.39  ? 219 LEU B CB  1 
ATOM   1531 C CG  . LEU B 2 5   ? -7.157  -27.724 16.706  1.00 84.45  ? 219 LEU B CG  1 
ATOM   1532 C CD1 . LEU B 2 5   ? -7.731  -28.001 18.084  1.00 85.53  ? 219 LEU B CD1 1 
ATOM   1533 C CD2 . LEU B 2 5   ? -7.261  -26.244 16.369  1.00 79.54  ? 219 LEU B CD2 1 
ATOM   1534 N N   . GLN B 2 6   ? -2.978  -29.344 15.427  1.00 84.60  ? 220 GLN B N   1 
ATOM   1535 C CA  . GLN B 2 6   ? -1.539  -29.550 15.555  1.00 87.26  ? 220 GLN B CA  1 
ATOM   1536 C C   . GLN B 2 6   ? -0.859  -28.876 14.372  1.00 83.30  ? 220 GLN B C   1 
ATOM   1537 O O   . GLN B 2 6   ? 0.189   -28.247 14.518  1.00 87.43  ? 220 GLN B O   1 
ATOM   1538 C CB  . GLN B 2 6   ? -1.190  -31.042 15.550  1.00 90.23  ? 220 GLN B CB  1 
ATOM   1539 C CG  . GLN B 2 6   ? -1.843  -31.858 16.654  1.00 99.76  ? 220 GLN B CG  1 
ATOM   1540 C CD  . GLN B 2 6   ? -1.302  -33.277 16.727  1.00 105.73 ? 220 GLN B CD  1 
ATOM   1541 O OE1 . GLN B 2 6   ? -1.235  -33.984 15.720  1.00 104.01 ? 220 GLN B OE1 1 
ATOM   1542 N NE2 . GLN B 2 6   ? -0.917  -33.701 17.925  1.00 109.98 ? 220 GLN B NE2 1 
ATOM   1543 N N   . SER B 2 7   ? -1.472  -29.013 13.200  1.00 80.85  ? 221 SER B N   1 
ATOM   1544 C CA  . SER B 2 7   ? -0.943  -28.423 11.977  1.00 78.81  ? 221 SER B CA  1 
ATOM   1545 C C   . SER B 2 7   ? -0.966  -26.901 12.051  1.00 70.72  ? 221 SER B C   1 
ATOM   1546 O O   . SER B 2 7   ? 0.016   -26.244 11.699  1.00 68.90  ? 221 SER B O   1 
ATOM   1547 C CB  . SER B 2 7   ? -1.753  -28.898 10.768  1.00 77.22  ? 221 SER B CB  1 
ATOM   1548 O OG  . SER B 2 7   ? -3.126  -28.581 10.919  1.00 92.42  ? 221 SER B OG  1 
ATOM   1549 N N   . ARG B 2 8   ? -2.085  -26.342 12.507  1.00 61.93  ? 222 ARG B N   1 
ATOM   1550 C CA  . ARG B 2 8   ? -2.211  -24.892 12.631  1.00 64.48  ? 222 ARG B CA  1 
ATOM   1551 C C   . ARG B 2 8   ? -1.096  -24.338 13.508  1.00 58.40  ? 222 ARG B C   1 
ATOM   1552 O O   . ARG B 2 8   ? -0.363  -23.438 13.106  1.00 60.38  ? 222 ARG B O   1 
ATOM   1553 C CB  . ARG B 2 8   ? -3.555  -24.505 13.252  1.00 58.55  ? 222 ARG B CB  1 
ATOM   1554 C CG  . ARG B 2 8   ? -4.743  -24.545 12.318  1.00 63.12  ? 222 ARG B CG  1 
ATOM   1555 C CD  . ARG B 2 8   ? -5.928  -23.837 12.962  1.00 71.37  ? 222 ARG B CD  1 
ATOM   1556 N NE  . ARG B 2 8   ? -7.089  -23.754 12.083  1.00 76.72  ? 222 ARG B NE  1 
ATOM   1557 C CZ  . ARG B 2 8   ? -8.188  -23.059 12.364  1.00 83.94  ? 222 ARG B CZ  1 
ATOM   1558 N NH1 . ARG B 2 8   ? -8.274  -22.386 13.503  1.00 92.14  ? 222 ARG B NH1 1 
ATOM   1559 N NH2 . ARG B 2 8   ? -9.201  -23.035 11.508  1.00 89.58  ? 222 ARG B NH2 1 
ATOM   1560 N N   . LYS B 2 9   ? -0.979  -24.883 14.713  1.00 55.99  ? 223 LYS B N   1 
ATOM   1561 C CA  . LYS B 2 9   ? 0.033   -24.442 15.659  1.00 61.89  ? 223 LYS B CA  1 
ATOM   1562 C C   . LYS B 2 9   ? 1.426   -24.468 15.049  1.00 57.52  ? 223 LYS B C   1 
ATOM   1563 O O   . LYS B 2 9   ? 2.213   -23.540 15.243  1.00 60.96  ? 223 LYS B O   1 
ATOM   1564 C CB  . LYS B 2 9   ? -0.014  -25.312 16.919  1.00 72.29  ? 223 LYS B CB  1 
ATOM   1565 C CG  . LYS B 2 9   ? -1.324  -25.186 17.687  1.00 83.89  ? 223 LYS B CG  1 
ATOM   1566 C CD  . LYS B 2 9   ? -1.294  -25.945 19.002  1.00 95.54  ? 223 LYS B CD  1 
ATOM   1567 C CE  . LYS B 2 9   ? -2.587  -25.736 19.779  1.00 98.09  ? 223 LYS B CE  1 
ATOM   1568 N NZ  . LYS B 2 9   ? -2.562  -26.419 21.101  1.00 105.46 ? 223 LYS B NZ  1 
ATOM   1569 N N   . LEU B 2 10  ? 1.729   -25.526 14.306  1.00 52.99  ? 224 LEU B N   1 
ATOM   1570 C CA  . LEU B 2 10  ? 3.033   -25.646 13.669  1.00 53.60  ? 224 LEU B CA  1 
ATOM   1571 C C   . LEU B 2 10  ? 3.215   -24.562 12.607  1.00 52.20  ? 224 LEU B C   1 
ATOM   1572 O O   . LEU B 2 10  ? 4.207   -23.828 12.622  1.00 49.65  ? 224 LEU B O   1 
ATOM   1573 C CB  . LEU B 2 10  ? 3.189   -27.029 13.032  1.00 67.70  ? 224 LEU B CB  1 
ATOM   1574 C CG  . LEU B 2 10  ? 4.490   -27.258 12.257  1.00 77.01  ? 224 LEU B CG  1 
ATOM   1575 C CD1 . LEU B 2 10  ? 5.685   -26.966 13.152  1.00 74.51  ? 224 LEU B CD1 1 
ATOM   1576 C CD2 . LEU B 2 10  ? 4.534   -28.688 11.741  1.00 73.88  ? 224 LEU B CD2 1 
ATOM   1577 N N   . ARG B 2 11  ? 2.250   -24.462 11.693  1.00 44.71  ? 225 ARG B N   1 
ATOM   1578 C CA  . ARG B 2 11  ? 2.297   -23.466 10.627  1.00 51.98  ? 225 ARG B CA  1 
ATOM   1579 C C   . ARG B 2 11  ? 2.429   -22.048 11.174  1.00 49.42  ? 225 ARG B C   1 
ATOM   1580 O O   . ARG B 2 11  ? 3.203   -21.240 10.656  1.00 54.83  ? 225 ARG B O   1 
ATOM   1581 C CB  . ARG B 2 11  ? 1.043   -23.555 9.760   1.00 57.62  ? 225 ARG B CB  1 
ATOM   1582 C CG  . ARG B 2 11  ? 0.889   -24.871 9.024   1.00 64.55  ? 225 ARG B CG  1 
ATOM   1583 C CD  . ARG B 2 11  ? -0.313  -24.821 8.108   1.00 73.31  ? 225 ARG B CD  1 
ATOM   1584 N NE  . ARG B 2 11  ? -0.178  -23.746 7.131   1.00 88.35  ? 225 ARG B NE  1 
ATOM   1585 C CZ  . ARG B 2 11  ? -1.145  -23.359 6.306   1.00 90.78  ? 225 ARG B CZ  1 
ATOM   1586 N NH1 . ARG B 2 11  ? -2.325  -23.961 6.338   1.00 102.82 ? 225 ARG B NH1 1 
ATOM   1587 N NH2 . ARG B 2 11  ? -0.929  -22.370 5.451   1.00 94.36  ? 225 ARG B NH2 1 
ATOM   1588 N N   . TYR B 2 12  ? 1.669   -21.751 12.221  1.00 46.40  ? 226 TYR B N   1 
ATOM   1589 C CA  . TYR B 2 12  ? 1.713   -20.433 12.838  1.00 51.40  ? 226 TYR B CA  1 
ATOM   1590 C C   . TYR B 2 12  ? 3.060   -20.191 13.518  1.00 48.48  ? 226 TYR B C   1 
ATOM   1591 O O   . TYR B 2 12  ? 3.598   -19.085 13.464  1.00 54.47  ? 226 TYR B O   1 
ATOM   1592 C CB  . TYR B 2 12  ? 0.571   -20.289 13.851  1.00 51.14  ? 226 TYR B CB  1 
ATOM   1593 C CG  . TYR B 2 12  ? -0.785  -20.051 13.215  1.00 79.79  ? 226 TYR B CG  1 
ATOM   1594 C CD1 . TYR B 2 12  ? -1.228  -20.834 12.145  1.00 80.96  ? 226 TYR B CD1 1 
ATOM   1595 C CD2 . TYR B 2 12  ? -1.633  -19.048 13.690  1.00 85.99  ? 226 TYR B CD2 1 
ATOM   1596 C CE1 . TYR B 2 12  ? -2.478  -20.624 11.565  1.00 86.39  ? 226 TYR B CE1 1 
ATOM   1597 C CE2 . TYR B 2 12  ? -2.888  -18.830 13.117  1.00 88.27  ? 226 TYR B CE2 1 
ATOM   1598 C CZ  . TYR B 2 12  ? -3.303  -19.622 12.057  1.00 92.64  ? 226 TYR B CZ  1 
ATOM   1599 O OH  . TYR B 2 12  ? -4.542  -19.412 11.491  1.00 95.52  ? 226 TYR B OH  1 
ATOM   1600 N N   . ALA B 2 13  ? 3.600   -21.235 14.144  1.00 39.62  ? 227 ALA B N   1 
ATOM   1601 C CA  . ALA B 2 13  ? 4.881   -21.146 14.838  1.00 46.85  ? 227 ALA B CA  1 
ATOM   1602 C C   . ALA B 2 13  ? 6.042   -20.921 13.865  1.00 47.36  ? 227 ALA B C   1 
ATOM   1603 O O   . ALA B 2 13  ? 6.950   -20.136 14.145  1.00 52.89  ? 227 ALA B O   1 
ATOM   1604 C CB  . ALA B 2 13  ? 5.118   -22.413 15.669  1.00 39.68  ? 227 ALA B CB  1 
ATOM   1605 N N   . ASN B 2 14  ? 6.022   -21.611 12.727  1.00 44.89  ? 228 ASN B N   1 
ATOM   1606 C CA  . ASN B 2 14  ? 7.081   -21.437 11.737  1.00 46.00  ? 228 ASN B CA  1 
ATOM   1607 C C   . ASN B 2 14  ? 6.956   -20.065 11.089  1.00 43.57  ? 228 ASN B C   1 
ATOM   1608 O O   . ASN B 2 14  ? 7.958   -19.380 10.855  1.00 42.97  ? 228 ASN B O   1 
ATOM   1609 C CB  . ASN B 2 14  ? 7.011   -22.536 10.671  1.00 48.31  ? 228 ASN B CB  1 
ATOM   1610 C CG  . ASN B 2 14  ? 7.419   -23.892 11.214  1.00 58.72  ? 228 ASN B CG  1 
ATOM   1611 O OD1 . ASN B 2 14  ? 8.432   -24.014 11.906  1.00 61.79  ? 228 ASN B OD1 1 
ATOM   1612 N ND2 . ASN B 2 14  ? 6.639   -24.919 10.899  1.00 55.80  ? 228 ASN B ND2 1 
ATOM   1613 N N   . ASP B 2 15  ? 5.716   -19.668 10.814  1.00 43.66  ? 229 ASP B N   1 
ATOM   1614 C CA  . ASP B 2 15  ? 5.419   -18.374 10.207  1.00 38.50  ? 229 ASP B CA  1 
ATOM   1615 C C   . ASP B 2 15  ? 6.056   -17.246 11.027  1.00 39.46  ? 229 ASP B C   1 
ATOM   1616 O O   . ASP B 2 15  ? 6.688   -16.343 10.477  1.00 40.47  ? 229 ASP B O   1 
ATOM   1617 C CB  . ASP B 2 15  ? 3.904   -18.183 10.144  1.00 40.73  ? 229 ASP B CB  1 
ATOM   1618 C CG  . ASP B 2 15  ? 3.505   -16.846 9.550   1.00 47.20  ? 229 ASP B CG  1 
ATOM   1619 O OD1 . ASP B 2 15  ? 2.515   -16.265 10.043  1.00 47.68  ? 229 ASP B OD1 1 
ATOM   1620 O OD2 . ASP B 2 15  ? 4.165   -16.384 8.592   1.00 43.47  ? 229 ASP B OD2 1 
ATOM   1621 N N   . VAL B 2 16  ? 5.886   -17.307 12.344  1.00 41.89  ? 230 VAL B N   1 
ATOM   1622 C CA  . VAL B 2 16  ? 6.448   -16.301 13.240  1.00 39.02  ? 230 VAL B CA  1 
ATOM   1623 C C   . VAL B 2 16  ? 7.965   -16.239 13.113  1.00 41.20  ? 230 VAL B C   1 
ATOM   1624 O O   . VAL B 2 16  ? 8.543   -15.153 13.038  1.00 45.57  ? 230 VAL B O   1 
ATOM   1625 C CB  . VAL B 2 16  ? 6.094   -16.604 14.706  1.00 50.07  ? 230 VAL B CB  1 
ATOM   1626 C CG1 . VAL B 2 16  ? 6.780   -15.596 15.626  1.00 48.39  ? 230 VAL B CG1 1 
ATOM   1627 C CG2 . VAL B 2 16  ? 4.584   -16.559 14.895  1.00 42.20  ? 230 VAL B CG2 1 
ATOM   1628 N N   . GLN B 2 17  ? 8.608   -17.404 13.091  1.00 42.96  ? 231 GLN B N   1 
ATOM   1629 C CA  . GLN B 2 17  ? 10.062  -17.471 12.969  1.00 45.54  ? 231 GLN B CA  1 
ATOM   1630 C C   . GLN B 2 17  ? 10.548  -16.963 11.619  1.00 42.96  ? 231 GLN B C   1 
ATOM   1631 O O   . GLN B 2 17  ? 11.500  -16.183 11.548  1.00 41.98  ? 231 GLN B O   1 
ATOM   1632 C CB  . GLN B 2 17  ? 10.559  -18.905 13.174  1.00 49.35  ? 231 GLN B CB  1 
ATOM   1633 C CG  . GLN B 2 17  ? 10.498  -19.371 14.608  1.00 57.47  ? 231 GLN B CG  1 
ATOM   1634 C CD  . GLN B 2 17  ? 11.151  -18.385 15.554  1.00 67.12  ? 231 GLN B CD  1 
ATOM   1635 O OE1 . GLN B 2 17  ? 12.308  -18.004 15.370  1.00 75.94  ? 231 GLN B OE1 1 
ATOM   1636 N NE2 . GLN B 2 17  ? 10.409  -17.964 16.574  1.00 71.89  ? 231 GLN B NE2 1 
ATOM   1637 N N   . ASP B 2 18  ? 9.896   -17.408 10.550  1.00 32.77  ? 232 ASP B N   1 
ATOM   1638 C CA  . ASP B 2 18  ? 10.281  -16.990 9.209   1.00 51.86  ? 232 ASP B CA  1 
ATOM   1639 C C   . ASP B 2 18  ? 10.244  -15.470 9.092   1.00 48.03  ? 232 ASP B C   1 
ATOM   1640 O O   . ASP B 2 18  ? 11.202  -14.852 8.625   1.00 50.04  ? 232 ASP B O   1 
ATOM   1641 C CB  . ASP B 2 18  ? 9.351   -17.610 8.168   1.00 61.85  ? 232 ASP B CB  1 
ATOM   1642 C CG  . ASP B 2 18  ? 9.231   -19.116 8.317   1.00 85.41  ? 232 ASP B CG  1 
ATOM   1643 O OD1 . ASP B 2 18  ? 10.278  -19.790 8.428   1.00 92.56  ? 232 ASP B OD1 1 
ATOM   1644 O OD2 . ASP B 2 18  ? 8.090   -19.628 8.318   1.00 99.69  ? 232 ASP B OD2 1 
ATOM   1645 N N   . LEU B 2 19  ? 9.142   -14.871 9.529   1.00 35.56  ? 233 LEU B N   1 
ATOM   1646 C CA  . LEU B 2 19  ? 8.998   -13.425 9.451   1.00 34.04  ? 233 LEU B CA  1 
ATOM   1647 C C   . LEU B 2 19  ? 10.041  -12.689 10.279  1.00 38.33  ? 233 LEU B C   1 
ATOM   1648 O O   . LEU B 2 19  ? 10.618  -11.702 9.817   1.00 29.83  ? 233 LEU B O   1 
ATOM   1649 C CB  . LEU B 2 19  ? 7.595   -13.001 9.891   1.00 39.12  ? 233 LEU B CB  1 
ATOM   1650 C CG  . LEU B 2 19  ? 6.429   -13.520 9.049   1.00 32.76  ? 233 LEU B CG  1 
ATOM   1651 C CD1 . LEU B 2 19  ? 5.191   -12.718 9.398   1.00 24.91  ? 233 LEU B CD1 1 
ATOM   1652 C CD2 . LEU B 2 19  ? 6.741   -13.378 7.558   1.00 35.11  ? 233 LEU B CD2 1 
ATOM   1653 N N   . LEU B 2 20  ? 10.276  -13.155 11.504  1.00 27.74  ? 234 LEU B N   1 
ATOM   1654 C CA  . LEU B 2 20  ? 11.272  -12.520 12.357  1.00 44.08  ? 234 LEU B CA  1 
ATOM   1655 C C   . LEU B 2 20  ? 12.674  -12.680 11.769  1.00 39.83  ? 234 LEU B C   1 
ATOM   1656 O O   . LEU B 2 20  ? 13.470  -11.746 11.796  1.00 37.00  ? 234 LEU B O   1 
ATOM   1657 C CB  . LEU B 2 20  ? 11.228  -13.108 13.771  1.00 47.80  ? 234 LEU B CB  1 
ATOM   1658 C CG  . LEU B 2 20  ? 10.101  -12.614 14.680  1.00 45.42  ? 234 LEU B CG  1 
ATOM   1659 C CD1 . LEU B 2 20  ? 10.190  -13.321 16.021  1.00 54.31  ? 234 LEU B CD1 1 
ATOM   1660 C CD2 . LEU B 2 20  ? 10.214  -11.102 14.864  1.00 31.85  ? 234 LEU B CD2 1 
ATOM   1661 N N   . ASP B 2 21  ? 12.973  -13.861 11.231  1.00 35.95  ? 235 ASP B N   1 
ATOM   1662 C CA  . ASP B 2 21  ? 14.284  -14.102 10.635  1.00 44.46  ? 235 ASP B CA  1 
ATOM   1663 C C   . ASP B 2 21  ? 14.505  -13.201 9.427   1.00 48.38  ? 235 ASP B C   1 
ATOM   1664 O O   . ASP B 2 21  ? 15.604  -12.677 9.215   1.00 45.42  ? 235 ASP B O   1 
ATOM   1665 C CB  . ASP B 2 21  ? 14.423  -15.567 10.213  1.00 46.50  ? 235 ASP B CB  1 
ATOM   1666 C CG  . ASP B 2 21  ? 14.396  -16.520 11.397  1.00 59.50  ? 235 ASP B CG  1 
ATOM   1667 O OD1 . ASP B 2 21  ? 14.922  -16.139 12.464  1.00 57.27  ? 235 ASP B OD1 1 
ATOM   1668 O OD2 . ASP B 2 21  ? 13.867  -17.647 11.259  1.00 53.01  ? 235 ASP B OD2 1 
ATOM   1669 N N   . ASP B 2 22  ? 13.446  -13.018 8.645   1.00 43.84  ? 236 ASP B N   1 
ATOM   1670 C CA  . ASP B 2 22  ? 13.493  -12.193 7.448   1.00 32.13  ? 236 ASP B CA  1 
ATOM   1671 C C   . ASP B 2 22  ? 13.796  -10.735 7.786   1.00 38.60  ? 236 ASP B C   1 
ATOM   1672 O O   . ASP B 2 22  ? 14.537  -10.061 7.064   1.00 33.50  ? 236 ASP B O   1 
ATOM   1673 C CB  . ASP B 2 22  ? 12.159  -12.308 6.706   1.00 48.52  ? 236 ASP B CB  1 
ATOM   1674 C CG  . ASP B 2 22  ? 12.229  -11.780 5.284   1.00 52.57  ? 236 ASP B CG  1 
ATOM   1675 O OD1 . ASP B 2 22  ? 12.083  -10.556 5.086   1.00 48.24  ? 236 ASP B OD1 1 
ATOM   1676 O OD2 . ASP B 2 22  ? 12.433  -12.597 4.360   1.00 66.64  ? 236 ASP B OD2 1 
ATOM   1677 N N   . VAL B 2 23  ? 13.235  -10.257 8.894   1.00 41.74  ? 237 VAL B N   1 
ATOM   1678 C CA  . VAL B 2 23  ? 13.443  -8.882  9.332   1.00 37.66  ? 237 VAL B CA  1 
ATOM   1679 C C   . VAL B 2 23  ? 14.862  -8.718  9.854   1.00 43.91  ? 237 VAL B C   1 
ATOM   1680 O O   . VAL B 2 23  ? 15.483  -7.673  9.689   1.00 46.95  ? 237 VAL B O   1 
ATOM   1681 C CB  . VAL B 2 23  ? 12.423  -8.493  10.445  1.00 45.31  ? 237 VAL B CB  1 
ATOM   1682 C CG1 . VAL B 2 23  ? 12.777  -7.124  11.065  1.00 22.55  ? 237 VAL B CG1 1 
ATOM   1683 C CG2 . VAL B 2 23  ? 11.024  -8.444  9.849   1.00 38.88  ? 237 VAL B CG2 1 
ATOM   1684 N N   . GLU B 2 24  ? 15.378  -9.765  10.480  1.00 53.42  ? 238 GLU B N   1 
ATOM   1685 C CA  . GLU B 2 24  ? 16.727  -9.730  11.018  1.00 59.54  ? 238 GLU B CA  1 
ATOM   1686 C C   . GLU B 2 24  ? 17.788  -9.681  9.915   1.00 50.26  ? 238 GLU B C   1 
ATOM   1687 O O   . GLU B 2 24  ? 18.740  -8.911  10.000  1.00 62.05  ? 238 GLU B O   1 
ATOM   1688 C CB  . GLU B 2 24  ? 16.949  -10.954 11.903  1.00 71.49  ? 238 GLU B CB  1 
ATOM   1689 C CG  . GLU B 2 24  ? 18.317  -11.030 12.542  1.00 88.72  ? 238 GLU B CG  1 
ATOM   1690 C CD  . GLU B 2 24  ? 18.399  -12.150 13.553  1.00 100.97 ? 238 GLU B CD  1 
ATOM   1691 O OE1 . GLU B 2 24  ? 18.112  -13.308 13.179  1.00 99.41  ? 238 GLU B OE1 1 
ATOM   1692 O OE2 . GLU B 2 24  ? 18.748  -11.870 14.720  1.00 110.23 ? 238 GLU B OE2 1 
ATOM   1693 N N   . ASN B 2 25  ? 17.616  -10.494 8.877   1.00 53.07  ? 239 ASN B N   1 
ATOM   1694 C CA  . ASN B 2 25  ? 18.583  -10.543 7.781   1.00 64.27  ? 239 ASN B CA  1 
ATOM   1695 C C   . ASN B 2 25  ? 18.495  -9.395  6.781   1.00 59.39  ? 239 ASN B C   1 
ATOM   1696 O O   . ASN B 2 25  ? 19.516  -8.840  6.377   1.00 59.61  ? 239 ASN B O   1 
ATOM   1697 C CB  . ASN B 2 25  ? 18.465  -11.874 7.037   1.00 69.29  ? 239 ASN B CB  1 
ATOM   1698 C CG  . ASN B 2 25  ? 18.785  -13.061 7.920   1.00 81.61  ? 239 ASN B CG  1 
ATOM   1699 O OD1 . ASN B 2 25  ? 19.870  -13.141 8.502   1.00 77.08  ? 239 ASN B OD1 1 
ATOM   1700 N ND2 . ASN B 2 25  ? 17.843  -13.994 8.027   1.00 87.36  ? 239 ASN B ND2 1 
ATOM   1701 N N   . SER B 2 26  ? 17.283  -9.041  6.373   1.00 60.91  ? 240 SER B N   1 
ATOM   1702 C CA  . SER B 2 26  ? 17.112  -7.956  5.415   1.00 58.29  ? 240 SER B CA  1 
ATOM   1703 C C   . SER B 2 26  ? 15.878  -7.116  5.724   1.00 55.21  ? 240 SER B C   1 
ATOM   1704 O O   . SER B 2 26  ? 14.822  -7.291  5.115   1.00 51.66  ? 240 SER B O   1 
ATOM   1705 C CB  . SER B 2 26  ? 17.015  -8.519  3.995   1.00 59.09  ? 240 SER B CB  1 
ATOM   1706 O OG  . SER B 2 26  ? 17.002  -7.475  3.034   1.00 68.08  ? 240 SER B OG  1 
ATOM   1707 N N   . PRO B 2 27  ? 15.997  -6.190  6.686   1.00 55.93  ? 241 PRO B N   1 
ATOM   1708 C CA  . PRO B 2 27  ? 14.872  -5.329  7.059   1.00 48.69  ? 241 PRO B CA  1 
ATOM   1709 C C   . PRO B 2 27  ? 14.572  -4.391  5.898   1.00 49.45  ? 241 PRO B C   1 
ATOM   1710 O O   . PRO B 2 27  ? 15.458  -4.088  5.101   1.00 53.96  ? 241 PRO B O   1 
ATOM   1711 C CB  . PRO B 2 27  ? 15.399  -4.556  8.271   1.00 44.38  ? 241 PRO B CB  1 
ATOM   1712 C CG  . PRO B 2 27  ? 16.573  -5.366  8.752   1.00 51.54  ? 241 PRO B CG  1 
ATOM   1713 C CD  . PRO B 2 27  ? 17.188  -5.881  7.491   1.00 47.99  ? 241 PRO B CD  1 
ATOM   1714 N N   . VAL B 2 28  ? 13.332  -3.933  5.793   1.00 42.87  ? 242 VAL B N   1 
ATOM   1715 C CA  . VAL B 2 28  ? 12.981  -3.010  4.723   1.00 37.48  ? 242 VAL B CA  1 
ATOM   1716 C C   . VAL B 2 28  ? 13.218  -1.595  5.247   1.00 37.94  ? 242 VAL B C   1 
ATOM   1717 O O   . VAL B 2 28  ? 13.521  -0.681  4.486   1.00 34.40  ? 242 VAL B O   1 
ATOM   1718 C CB  . VAL B 2 28  ? 11.506  -3.192  4.286   1.00 29.06  ? 242 VAL B CB  1 
ATOM   1719 C CG1 . VAL B 2 28  ? 11.085  -2.064  3.360   1.00 28.84  ? 242 VAL B CG1 1 
ATOM   1720 C CG2 . VAL B 2 28  ? 11.348  -4.521  3.580   1.00 32.89  ? 242 VAL B CG2 1 
ATOM   1721 N N   . VAL B 2 29  ? 13.080  -1.432  6.561   1.00 45.52  ? 243 VAL B N   1 
ATOM   1722 C CA  . VAL B 2 29  ? 13.291  -0.148  7.217   1.00 47.13  ? 243 VAL B CA  1 
ATOM   1723 C C   . VAL B 2 29  ? 14.242  -0.371  8.391   1.00 58.57  ? 243 VAL B C   1 
ATOM   1724 O O   . VAL B 2 29  ? 13.885  -1.018  9.378   1.00 61.36  ? 243 VAL B O   1 
ATOM   1725 C CB  . VAL B 2 29  ? 11.965  0.436   7.751   1.00 54.12  ? 243 VAL B CB  1 
ATOM   1726 C CG1 . VAL B 2 29  ? 12.210  1.798   8.374   1.00 53.89  ? 243 VAL B CG1 1 
ATOM   1727 C CG2 . VAL B 2 29  ? 10.949  0.543   6.625   1.00 43.97  ? 243 VAL B CG2 1 
ATOM   1728 N N   . ALA B 2 30  ? 15.456  0.157   8.277   1.00 62.89  ? 244 ALA B N   1 
ATOM   1729 C CA  . ALA B 2 30  ? 16.456  0.000   9.327   1.00 69.58  ? 244 ALA B CA  1 
ATOM   1730 C C   . ALA B 2 30  ? 16.769  1.311   10.037  1.00 75.82  ? 244 ALA B C   1 
ATOM   1731 O O   . ALA B 2 30  ? 16.606  2.394   9.473   1.00 76.11  ? 244 ALA B O   1 
ATOM   1732 C CB  . ALA B 2 30  ? 17.734  -0.588  8.745   1.00 62.47  ? 244 ALA B CB  1 
ATOM   1733 N N   . THR B 2 31  ? 17.224  1.196   11.280  1.00 87.22  ? 245 THR B N   1 
ATOM   1734 C CA  . THR B 2 31  ? 17.576  2.356   12.088  1.00 94.42  ? 245 THR B CA  1 
ATOM   1735 C C   . THR B 2 31  ? 18.902  2.092   12.794  1.00 101.45 ? 245 THR B C   1 
ATOM   1736 O O   . THR B 2 31  ? 19.846  2.887   12.592  1.00 107.37 ? 245 THR B O   1 
ATOM   1737 C CB  . THR B 2 31  ? 16.498  2.643   13.150  1.00 93.40  ? 245 THR B CB  1 
ATOM   1738 O OG1 . THR B 2 31  ? 15.226  2.803   12.509  1.00 97.74  ? 245 THR B OG1 1 
ATOM   1739 C CG2 . THR B 2 31  ? 16.835  3.913   13.919  1.00 95.05  ? 245 THR B CG2 1 
HETATM 1740 O O   . HOH C 3 .   ? -1.944  5.801   -7.602  1.00 29.92  ? 2   HOH A O   1 
HETATM 1741 O O   . HOH C 3 .   ? -4.327  5.372   6.769   1.00 31.01  ? 3   HOH A O   1 
HETATM 1742 O O   . HOH C 3 .   ? 8.299   -0.629  -5.053  1.00 36.17  ? 4   HOH A O   1 
HETATM 1743 O O   . HOH C 3 .   ? 2.764   8.141   5.693   1.00 39.24  ? 5   HOH A O   1 
HETATM 1744 O O   . HOH C 3 .   ? -0.294  3.316   14.361  1.00 39.20  ? 6   HOH A O   1 
HETATM 1745 O O   . HOH C 3 .   ? 7.672   0.483   4.723   1.00 44.86  ? 7   HOH A O   1 
HETATM 1746 O O   . HOH C 3 .   ? -4.074  -11.041 -14.394 1.00 35.93  ? 8   HOH A O   1 
HETATM 1747 O O   . HOH C 3 .   ? 7.195   5.930   -7.218  1.00 36.30  ? 9   HOH A O   1 
HETATM 1748 O O   . HOH C 3 .   ? 2.328   -24.062 -7.119  1.00 42.47  ? 244 HOH A O   1 
HETATM 1749 O O   . HOH C 3 .   ? 8.279   -2.538  5.395   1.00 43.22  ? 245 HOH A O   1 
HETATM 1750 O O   . HOH C 3 .   ? -2.173  6.820   5.204   1.00 40.06  ? 246 HOH A O   1 
HETATM 1751 O O   . HOH C 3 .   ? 2.854   -16.895 -11.654 1.00 53.60  ? 247 HOH A O   1 
HETATM 1752 O O   . HOH C 3 .   ? -8.671  4.517   -6.899  1.00 47.90  ? 248 HOH A O   1 
HETATM 1753 O O   . HOH C 3 .   ? -7.057  3.754   -12.714 1.00 54.26  ? 249 HOH A O   1 
HETATM 1754 O O   . HOH C 3 .   ? -7.648  16.736  5.202   1.00 58.22  ? 250 HOH A O   1 
HETATM 1755 O O   . HOH C 3 .   ? 10.100  0.668   -7.353  1.00 56.08  ? 251 HOH A O   1 
HETATM 1756 O O   . HOH C 3 .   ? 6.713   0.587   22.075  1.00 44.11  ? 252 HOH A O   1 
HETATM 1757 O O   . HOH C 3 .   ? -0.194  -23.086 -8.353  1.00 48.40  ? 253 HOH A O   1 
HETATM 1758 O O   . HOH C 3 .   ? -11.450 1.532   -10.286 1.00 54.34  ? 254 HOH A O   1 
HETATM 1759 O O   . HOH C 3 .   ? 10.719  -0.193  17.270  1.00 52.96  ? 255 HOH A O   1 
HETATM 1760 O O   . HOH C 3 .   ? 6.346   -8.021  21.591  1.00 52.70  ? 256 HOH A O   1 
HETATM 1761 O O   . HOH C 3 .   ? 6.161   8.860   -4.390  1.00 55.33  ? 257 HOH A O   1 
HETATM 1762 O O   . HOH C 3 .   ? -7.450  1.135   15.462  1.00 57.48  ? 258 HOH A O   1 
HETATM 1763 O O   . HOH C 3 .   ? -7.809  -4.797  3.318   1.00 45.10  ? 259 HOH A O   1 
HETATM 1764 O O   . HOH C 3 .   ? 6.935   2.379   6.929   1.00 55.90  ? 260 HOH A O   1 
HETATM 1765 O O   . HOH C 3 .   ? -9.385  -5.401  14.447  1.00 51.63  ? 261 HOH A O   1 
HETATM 1766 O O   . HOH C 3 .   ? 4.792   -9.401  19.305  1.00 61.31  ? 262 HOH A O   1 
HETATM 1767 O O   . HOH C 3 .   ? 15.212  -7.062  19.401  1.00 59.96  ? 263 HOH A O   1 
HETATM 1768 O O   . HOH C 3 .   ? 16.686  -6.059  -7.966  1.00 55.88  ? 264 HOH A O   1 
HETATM 1769 O O   . HOH C 3 .   ? -1.857  -6.920  -15.570 1.00 48.32  ? 265 HOH A O   1 
HETATM 1770 O O   . HOH D 3 .   ? 12.236  -8.003  5.869   1.00 30.41  ? 1   HOH B O   1 
HETATM 1771 O O   . HOH D 3 .   ? 4.216   -21.481 8.056   1.00 40.93  ? 10  HOH B O   1 
HETATM 1772 O O   . HOH D 3 .   ? -4.165  -26.935 8.966   1.00 49.51  ? 43  HOH B O   1 
HETATM 1773 O O   . HOH D 3 .   ? 7.781   -19.485 16.980  1.00 57.03  ? 47  HOH B O   1 
# 
loop_
_pdbx_poly_seq_scheme.asym_id 
_pdbx_poly_seq_scheme.entity_id 
_pdbx_poly_seq_scheme.seq_id 
_pdbx_poly_seq_scheme.mon_id 
_pdbx_poly_seq_scheme.ndb_seq_num 
_pdbx_poly_seq_scheme.pdb_seq_num 
_pdbx_poly_seq_scheme.auth_seq_num 
_pdbx_poly_seq_scheme.pdb_mon_id 
_pdbx_poly_seq_scheme.auth_mon_id 
_pdbx_poly_seq_scheme.pdb_strand_id 
_pdbx_poly_seq_scheme.pdb_ins_code 
_pdbx_poly_seq_scheme.hetero 
A 1 1   ALA 1   11  ?   ?   ?   A . n 
A 1 2   HIS 2   12  ?   ?   ?   A . n 
A 1 3   LYS 3   13  13  LYS LYS A . n 
A 1 4   ASN 4   14  14  ASN ASN A . n 
A 1 5   ARG 5   15  15  ARG ARG A . n 
A 1 6   ILE 6   16  16  ILE ILE A . n 
A 1 7   PHE 7   17  17  PHE PHE A . n 
A 1 8   VAL 8   18  18  VAL VAL A . n 
A 1 9   SER 9   19  19  SER SER A . n 
A 1 10  SER 10  20  20  SER SER A . n 
A 1 11  SER 11  21  21  SER SER A . n 
A 1 12  LYS 12  22  22  LYS LYS A . n 
A 1 13  ASP 13  23  23  ASP ASP A . n 
A 1 14  PHE 14  24  24  PHE PHE A . n 
A 1 15  GLU 15  25  25  GLU GLU A . n 
A 1 16  GLY 16  26  26  GLY GLY A . n 
A 1 17  TYR 17  27  27  TYR TYR A . n 
A 1 18  PRO 18  28  28  PRO PRO A . n 
A 1 19  SER 19  29  29  SER SER A . n 
A 1 20  LYS 20  30  30  LYS LYS A . n 
A 1 21  ALA 21  31  31  ALA ALA A . n 
A 1 22  ILE 22  32  32  ILE ILE A . n 
A 1 23  VAL 23  33  33  VAL VAL A . n 
A 1 24  PRO 24  34  34  PRO PRO A . n 
A 1 25  VAL 25  35  35  VAL VAL A . n 
A 1 26  GLN 26  36  36  GLN GLN A . n 
A 1 27  PHE 27  37  37  PHE PHE A . n 
A 1 28  VAL 28  38  38  VAL VAL A . n 
A 1 29  ALA 29  39  39  ALA ALA A . n 
A 1 30  LEU 30  40  40  LEU LEU A . n 
A 1 31  LEU 31  41  41  LEU LEU A . n 
A 1 32  THR 32  42  42  THR THR A . n 
A 1 33  SER 33  43  43  SER SER A . n 
A 1 34  ILE 34  44  44  ILE ILE A . n 
A 1 35  HIS 35  45  45  HIS HIS A . n 
A 1 36  LEU 36  46  46  LEU LEU A . n 
A 1 37  THR 37  47  47  THR THR A . n 
A 1 38  GLU 38  48  48  GLU GLU A . n 
A 1 39  THR 39  49  49  THR THR A . n 
A 1 40  LYS 40  50  50  LYS LYS A . n 
A 1 41  CYS 41  51  51  CYS CYS A . n 
A 1 42  LEU 42  52  52  LEU LEU A . n 
A 1 43  LEU 43  53  53  LEU LEU A . n 
A 1 44  GLY 44  54  54  GLY GLY A . n 
A 1 45  PHE 45  55  55  PHE PHE A . n 
A 1 46  SER 46  56  56  SER SER A . n 
A 1 47  ASN 47  57  57  ASN ASN A . n 
A 1 48  PHE 48  58  58  PHE PHE A . n 
A 1 49  GLU 49  59  59  GLU GLU A . n 
A 1 50  ARG 50  60  ?   ?   ?   A . n 
A 1 51  ARG 51  61  ?   ?   ?   A . n 
A 1 52  GLY 52  62  ?   ?   ?   A . n 
A 1 53  ASP 53  63  ?   ?   ?   A . n 
A 1 54  GLN 54  64  ?   ?   ?   A . n 
A 1 55  SER 55  65  ?   ?   ?   A . n 
A 1 56  GLN 56  66  66  GLN GLN A . n 
A 1 57  GLU 57  67  67  GLU GLU A . n 
A 1 58  ASP 58  68  68  ASP ASP A . n 
A 1 59  GLN 59  69  69  GLN GLN A . n 
A 1 60  TYR 60  70  70  TYR TYR A . n 
A 1 61  LEU 61  71  71  LEU LEU A . n 
A 1 62  ILE 62  72  72  ILE ILE A . n 
A 1 63  LYS 63  73  73  LYS LYS A . n 
A 1 64  LEU 64  74  74  LEU LEU A . n 
A 1 65  LYS 65  75  75  LYS LYS A . n 
A 1 66  PHE 66  76  76  PHE PHE A . n 
A 1 67  LYS 67  77  77  LYS LYS A . n 
A 1 68  ASP 68  78  78  ASP ASP A . n 
A 1 69  ARG 69  79  79  ARG ARG A . n 
A 1 70  GLY 70  80  80  GLY GLY A . n 
A 1 71  SER 71  81  81  SER SER A . n 
A 1 72  GLU 72  82  82  GLU GLU A . n 
A 1 73  ARG 73  83  83  ARG ARG A . n 
A 1 74  LEU 74  84  84  LEU LEU A . n 
A 1 75  ALA 75  85  85  ALA ALA A . n 
A 1 76  ARG 76  86  86  ARG ARG A . n 
A 1 77  ILE 77  87  87  ILE ILE A . n 
A 1 78  THR 78  88  88  THR THR A . n 
A 1 79  ILE 79  89  89  ILE ILE A . n 
A 1 80  SER 80  90  90  SER SER A . n 
A 1 81  LEU 81  91  91  LEU LEU A . n 
A 1 82  LEU 82  92  92  LEU LEU A . n 
A 1 83  CYS 83  93  93  CYS CYS A . n 
A 1 84  GLN 84  94  94  GLN GLN A . n 
A 1 85  TYR 85  95  95  TYR TYR A . n 
A 1 86  PHE 86  96  96  PHE PHE A . n 
A 1 87  ASP 87  97  97  ASP ASP A . n 
A 1 88  ILE 88  98  98  ILE ILE A . n 
A 1 89  GLU 89  99  99  GLU GLU A . n 
A 1 90  LEU 90  100 100 LEU LEU A . n 
A 1 91  PRO 91  101 101 PRO PRO A . n 
A 1 92  ASP 92  102 102 ASP ASP A . n 
A 1 93  LEU 93  103 ?   ?   ?   A . n 
A 1 94  ASP 94  104 ?   ?   ?   A . n 
A 1 95  SER 95  105 ?   ?   ?   A . n 
A 1 96  ASP 96  106 ?   ?   ?   A . n 
A 1 97  SER 97  107 ?   ?   ?   A . n 
A 1 98  GLY 98  108 ?   ?   ?   A . n 
A 1 99  ALA 99  109 ?   ?   ?   A . n 
A 1 100 SER 100 110 ?   ?   ?   A . n 
A 1 101 PRO 101 111 111 PRO PRO A . n 
A 1 102 THR 102 112 112 THR THR A . n 
A 1 103 VAL 103 113 113 VAL VAL A . n 
A 1 104 ILE 104 114 114 ILE ILE A . n 
A 1 105 LEU 105 115 115 LEU LEU A . n 
A 1 106 ARG 106 116 116 ARG ARG A . n 
A 1 107 ASP 107 117 117 ASP ASP A . n 
A 1 108 ILE 108 118 118 ILE ILE A . n 
A 1 109 HIS 109 119 119 HIS HIS A . n 
A 1 110 LEU 110 120 120 LEU LEU A . n 
A 1 111 GLU 111 121 121 GLU GLU A . n 
A 1 112 ARG 112 122 122 ARG ARG A . n 
A 1 113 LEU 113 123 123 LEU LEU A . n 
A 1 114 CYS 114 124 124 CYS CYS A . n 
A 1 115 PHE 115 125 125 PHE PHE A . n 
A 1 116 SER 116 126 126 SER SER A . n 
A 1 117 SER 117 127 127 SER SER A . n 
A 1 118 CYS 118 128 128 CYS CYS A . n 
A 1 119 LYS 119 129 129 LYS LYS A . n 
A 1 120 ALA 120 130 130 ALA ALA A . n 
A 1 121 LEU 121 131 131 LEU LEU A . n 
A 1 122 TYR 122 132 132 TYR TYR A . n 
A 1 123 VAL 123 133 133 VAL VAL A . n 
A 1 124 SER 124 134 134 SER SER A . n 
A 1 125 LYS 125 135 135 LYS LYS A . n 
A 1 126 HIS 126 136 136 HIS HIS A . n 
A 1 127 GLY 127 137 137 GLY GLY A . n 
A 1 128 ASN 128 138 138 ASN ASN A . n 
A 1 129 TYR 129 139 139 TYR TYR A . n 
A 1 130 THR 130 140 140 THR THR A . n 
A 1 131 LEU 131 141 141 LEU LEU A . n 
A 1 132 PHE 132 142 142 PHE PHE A . n 
A 1 133 LEU 133 143 143 LEU LEU A . n 
A 1 134 GLU 134 144 144 GLU GLU A . n 
A 1 135 ASP 135 145 145 ASP ASP A . n 
A 1 136 ILE 136 146 146 ILE ILE A . n 
A 1 137 LYS 137 147 147 LYS LYS A . n 
A 1 138 PRO 138 148 148 PRO PRO A . n 
A 1 139 LEU 139 149 149 LEU LEU A . n 
A 1 140 ASP 140 150 150 ASP ASP A . n 
A 1 141 LEU 141 151 151 LEU LEU A . n 
A 1 142 VAL 142 152 152 VAL VAL A . n 
A 1 143 SER 143 153 153 SER SER A . n 
A 1 144 VAL 144 154 154 VAL VAL A . n 
A 1 145 ILE 145 155 155 ILE ILE A . n 
A 1 146 SER 146 156 156 SER SER A . n 
A 1 147 THR 147 157 157 THR THR A . n 
A 1 148 ILE 148 158 158 ILE ILE A . n 
A 1 149 SER 149 159 159 SER SER A . n 
A 1 150 THR 150 160 160 THR THR A . n 
A 1 151 LYS 151 161 161 LYS LYS A . n 
A 1 152 SER 152 162 ?   ?   ?   A . n 
A 1 153 THR 153 163 ?   ?   ?   A . n 
A 1 154 ASN 154 164 ?   ?   ?   A . n 
A 1 155 SER 155 165 ?   ?   ?   A . n 
A 1 156 SER 156 166 ?   ?   ?   A . n 
A 1 157 LYS 157 167 ?   ?   ?   A . n 
A 1 158 HIS 158 168 ?   ?   ?   A . n 
A 1 159 SER 159 169 ?   ?   ?   A . n 
A 1 160 SER 160 170 ?   ?   ?   A . n 
A 1 161 SER 161 171 ?   ?   ?   A . n 
A 1 162 GLU 162 172 ?   ?   ?   A . n 
A 1 163 LEU 163 173 ?   ?   ?   A . n 
A 1 164 ILE 164 174 ?   ?   ?   A . n 
A 1 165 SER 165 175 ?   ?   ?   A . n 
A 1 166 GLU 166 176 ?   ?   ?   A . n 
A 1 167 CYS 167 177 177 CYS CYS A . n 
A 1 168 ASP 168 178 178 ASP ASP A . n 
A 1 169 LEU 169 179 179 LEU LEU A . n 
A 1 170 ASN 170 180 180 ASN ASN A . n 
A 1 171 ASN 171 181 181 ASN ASN A . n 
A 1 172 SER 172 182 182 SER SER A . n 
A 1 173 LEU 173 183 183 LEU LEU A . n 
A 1 174 VAL 174 184 184 VAL VAL A . n 
A 1 175 ASP 175 185 185 ASP ASP A . n 
A 1 176 ILE 176 186 186 ILE ILE A . n 
A 1 177 PHE 177 187 187 PHE PHE A . n 
A 1 178 ASN 178 188 188 ASN ASN A . n 
A 1 179 ASN 179 189 189 ASN ASN A . n 
A 1 180 LEU 180 190 190 LEU LEU A . n 
A 1 181 ILE 181 191 191 ILE ILE A . n 
A 1 182 GLU 182 192 192 GLU GLU A . n 
A 1 183 MET 183 193 193 MET MET A . n 
A 1 184 ASN 184 194 194 ASN ASN A . n 
A 1 185 ARG 185 195 195 ARG ARG A . n 
A 1 186 ASP 186 196 196 ASP ASP A . n 
A 1 187 GLU 187 197 197 GLU GLU A . n 
A 1 188 LYS 188 198 198 LYS LYS A . n 
A 1 189 ASN 189 199 199 ASN ASN A . n 
A 1 190 ARG 190 200 200 ARG ARG A . n 
A 1 191 PHE 191 201 201 PHE PHE A . n 
A 1 192 LYS 192 202 202 LYS LYS A . n 
A 1 193 PHE 193 203 203 PHE PHE A . n 
A 1 194 VAL 194 204 204 VAL VAL A . n 
A 1 195 LYS 195 205 205 LYS LYS A . n 
A 1 196 LEU 196 206 206 LEU LEU A . n 
A 1 197 ILE 197 207 207 ILE ILE A . n 
A 1 198 HIS 198 208 208 HIS HIS A . n 
A 1 199 TYR 199 209 209 TYR TYR A . n 
A 1 200 ASP 200 210 210 ASP ASP A . n 
A 1 201 ILE 201 211 211 ILE ILE A . n 
A 1 202 GLU 202 212 212 GLU GLU A . n 
A 1 203 LEU 203 213 213 LEU LEU A . n 
A 1 204 LYS 204 214 214 LYS LYS A . n 
A 1 205 LYS 205 215 215 LYS LYS A . n 
A 1 206 PHE 206 216 216 PHE PHE A . n 
A 1 207 VAL 207 217 217 VAL VAL A . n 
A 1 208 GLN 208 218 218 GLN GLN A . n 
A 1 209 ASP 209 219 219 ASP ASP A . n 
A 1 210 GLN 210 220 220 GLN GLN A . n 
A 1 211 GLN 211 221 221 GLN GLN A . n 
A 1 212 LYS 212 222 222 LYS LYS A . n 
A 1 213 VAL 213 223 223 VAL VAL A . n 
A 1 214 LEU 214 224 224 LEU LEU A . n 
A 1 215 SER 215 225 ?   ?   ?   A . n 
A 1 216 GLN 216 226 ?   ?   ?   A . n 
A 1 217 LYS 217 227 ?   ?   ?   A . n 
A 1 218 SER 218 228 ?   ?   ?   A . n 
A 1 219 LYS 219 229 ?   ?   ?   A . n 
A 1 220 ALA 220 230 ?   ?   ?   A . n 
A 1 221 ALA 221 231 ?   ?   ?   A . n 
A 1 222 ALA 222 232 ?   ?   ?   A . n 
A 1 223 ILE 223 233 ?   ?   ?   A . n 
A 1 224 ASN 224 234 ?   ?   ?   A . n 
A 1 225 PRO 225 235 ?   ?   ?   A . n 
A 1 226 PHE 226 236 ?   ?   ?   A . n 
A 1 227 PHE 227 237 ?   ?   ?   A . n 
A 1 228 VAL 228 238 ?   ?   ?   A . n 
A 1 229 PRO 229 239 ?   ?   ?   A . n 
A 1 230 ASN 230 240 ?   ?   ?   A . n 
A 1 231 ARG 231 241 ?   ?   ?   A . n 
A 1 232 LEU 232 242 ?   ?   ?   A . n 
A 1 233 GLY 233 243 ?   ?   ?   A . n 
B 2 1   SER 1   215 ?   ?   ?   B . n 
B 2 2   PRO 2   216 216 PRO PRO B . n 
B 2 3   LEU 3   217 217 LEU LEU B . n 
B 2 4   LYS 4   218 218 LYS LYS B . n 
B 2 5   LEU 5   219 219 LEU LEU B . n 
B 2 6   GLN 6   220 220 GLN GLN B . n 
B 2 7   SER 7   221 221 SER SER B . n 
B 2 8   ARG 8   222 222 ARG ARG B . n 
B 2 9   LYS 9   223 223 LYS LYS B . n 
B 2 10  LEU 10  224 224 LEU LEU B . n 
B 2 11  ARG 11  225 225 ARG ARG B . n 
B 2 12  TYR 12  226 226 TYR TYR B . n 
B 2 13  ALA 13  227 227 ALA ALA B . n 
B 2 14  ASN 14  228 228 ASN ASN B . n 
B 2 15  ASP 15  229 229 ASP ASP B . n 
B 2 16  VAL 16  230 230 VAL VAL B . n 
B 2 17  GLN 17  231 231 GLN GLN B . n 
B 2 18  ASP 18  232 232 ASP ASP B . n 
B 2 19  LEU 19  233 233 LEU LEU B . n 
B 2 20  LEU 20  234 234 LEU LEU B . n 
B 2 21  ASP 21  235 235 ASP ASP B . n 
B 2 22  ASP 22  236 236 ASP ASP B . n 
B 2 23  VAL 23  237 237 VAL VAL B . n 
B 2 24  GLU 24  238 238 GLU GLU B . n 
B 2 25  ASN 25  239 239 ASN ASN B . n 
B 2 26  SER 26  240 240 SER SER B . n 
B 2 27  PRO 27  241 241 PRO PRO B . n 
B 2 28  VAL 28  242 242 VAL VAL B . n 
B 2 29  VAL 29  243 243 VAL VAL B . n 
B 2 30  ALA 30  244 244 ALA ALA B . n 
B 2 31  THR 31  245 245 THR THR B . n 
B 2 32  LYS 32  246 ?   ?   ?   B . n 
B 2 33  ARG 33  247 ?   ?   ?   B . n 
B 2 34  GLN 34  248 ?   ?   ?   B . n 
B 2 35  ASN 35  249 ?   ?   ?   B . n 
B 2 36  VAL 36  250 ?   ?   ?   B . n 
# 
loop_
_pdbx_nonpoly_scheme.asym_id 
_pdbx_nonpoly_scheme.entity_id 
_pdbx_nonpoly_scheme.mon_id 
_pdbx_nonpoly_scheme.ndb_seq_num 
_pdbx_nonpoly_scheme.pdb_seq_num 
_pdbx_nonpoly_scheme.auth_seq_num 
_pdbx_nonpoly_scheme.pdb_mon_id 
_pdbx_nonpoly_scheme.auth_mon_id 
_pdbx_nonpoly_scheme.pdb_strand_id 
_pdbx_nonpoly_scheme.pdb_ins_code 
C 3 HOH 1  2   2  HOH TIP A . 
C 3 HOH 2  3   3  HOH TIP A . 
C 3 HOH 3  4   4  HOH TIP A . 
C 3 HOH 4  5   5  HOH TIP A . 
C 3 HOH 5  6   6  HOH TIP A . 
C 3 HOH 6  7   7  HOH TIP A . 
C 3 HOH 7  8   8  HOH TIP A . 
C 3 HOH 8  9   9  HOH TIP A . 
C 3 HOH 9  244 11 HOH TIP A . 
C 3 HOH 10 245 12 HOH HOH A . 
C 3 HOH 11 246 13 HOH HOH A . 
C 3 HOH 12 247 14 HOH HOH A . 
C 3 HOH 13 248 16 HOH HOH A . 
C 3 HOH 14 249 17 HOH HOH A . 
C 3 HOH 15 250 18 HOH HOH A . 
C 3 HOH 16 251 19 HOH HOH A . 
C 3 HOH 17 252 20 HOH HOH A . 
C 3 HOH 18 253 21 HOH HOH A . 
C 3 HOH 19 254 26 HOH HOH A . 
C 3 HOH 20 255 28 HOH HOH A . 
C 3 HOH 21 256 31 HOH HOH A . 
C 3 HOH 22 257 33 HOH HOH A . 
C 3 HOH 23 258 34 HOH HOH A . 
C 3 HOH 24 259 36 HOH HOH A . 
C 3 HOH 25 260 39 HOH HOH A . 
C 3 HOH 26 261 40 HOH HOH A . 
C 3 HOH 27 262 44 HOH HOH A . 
C 3 HOH 28 263 50 HOH HOH A . 
C 3 HOH 29 264 51 HOH HOH A . 
C 3 HOH 30 265 55 HOH HOH A . 
D 3 HOH 1  1   1  HOH TIP B . 
D 3 HOH 2  10  10 HOH TIP B . 
D 3 HOH 3  43  43 HOH HOH B . 
D 3 HOH 4  47  47 HOH HOH B . 
# 
_pdbx_struct_assembly.id                   1 
_pdbx_struct_assembly.details              author_and_software_defined_assembly 
_pdbx_struct_assembly.method_details       PISA 
_pdbx_struct_assembly.oligomeric_details   tetrameric 
_pdbx_struct_assembly.oligomeric_count     4 
# 
_pdbx_struct_assembly_gen.assembly_id       1 
_pdbx_struct_assembly_gen.oper_expression   1,2 
_pdbx_struct_assembly_gen.asym_id_list      A,B,C,D 
# 
loop_
_pdbx_struct_assembly_prop.biol_id 
_pdbx_struct_assembly_prop.type 
_pdbx_struct_assembly_prop.value 
_pdbx_struct_assembly_prop.details 
1 'ABSA (A^2)' 5810  ? 
1 MORE         -19   ? 
1 'SSA (A^2)'  21750 ? 
# 
loop_
_pdbx_struct_oper_list.id 
_pdbx_struct_oper_list.type 
_pdbx_struct_oper_list.name 
_pdbx_struct_oper_list.symmetry_operation 
_pdbx_struct_oper_list.matrix[1][1] 
_pdbx_struct_oper_list.matrix[1][2] 
_pdbx_struct_oper_list.matrix[1][3] 
_pdbx_struct_oper_list.vector[1] 
_pdbx_struct_oper_list.matrix[2][1] 
_pdbx_struct_oper_list.matrix[2][2] 
_pdbx_struct_oper_list.matrix[2][3] 
_pdbx_struct_oper_list.vector[2] 
_pdbx_struct_oper_list.matrix[3][1] 
_pdbx_struct_oper_list.matrix[3][2] 
_pdbx_struct_oper_list.matrix[3][3] 
_pdbx_struct_oper_list.vector[3] 
1 'identity operation'         1_555 x,y,z   1.0000000000  0.0000000000  0.0000000000 0.0000000000   0.0000000000  1.0000000000  0.0000000000  0.0000000000   0.0000000000 0.0000000000  1.0000000000  0.0000000000   
2 'crystal symmetry operation' 2_555 -x,-y,z -0.1641815368 -0.7966490058 0.5817171000 -10.1119302651 -0.7966490058 -0.2406848300 -0.5544557459 -21.4738162892 0.5817171000 -0.5544557459 -0.5951336332 -14.8789787736 
# 
loop_
_pdbx_audit_revision_history.ordinal 
_pdbx_audit_revision_history.data_content_type 
_pdbx_audit_revision_history.major_revision 
_pdbx_audit_revision_history.minor_revision 
_pdbx_audit_revision_history.revision_date 
1 'Structure model' 1 0 2010-11-03 
2 'Structure model' 1 1 2011-07-13 
3 'Structure model' 1 2 2017-11-08 
4 'Structure model' 1 3 2023-07-26 
5 'Structure model' 1 4 2023-09-06 
# 
_pdbx_audit_revision_details.ordinal             1 
_pdbx_audit_revision_details.revision_ordinal    1 
_pdbx_audit_revision_details.data_content_type   'Structure model' 
_pdbx_audit_revision_details.provider            repository 
_pdbx_audit_revision_details.type                'Initial release' 
_pdbx_audit_revision_details.description         ? 
_pdbx_audit_revision_details.details             ? 
# 
loop_
_pdbx_audit_revision_group.ordinal 
_pdbx_audit_revision_group.revision_ordinal 
_pdbx_audit_revision_group.data_content_type 
_pdbx_audit_revision_group.group 
1 2 'Structure model' 'Version format compliance' 
2 3 'Structure model' 'Refinement description'    
3 4 'Structure model' 'Database references'       
4 5 'Structure model' 'Data collection'           
5 5 'Structure model' 'Refinement description'    
# 
loop_
_pdbx_audit_revision_category.ordinal 
_pdbx_audit_revision_category.revision_ordinal 
_pdbx_audit_revision_category.data_content_type 
_pdbx_audit_revision_category.category 
1 3 'Structure model' software                      
2 4 'Structure model' citation                      
3 4 'Structure model' citation_author               
4 4 'Structure model' database_2                    
5 4 'Structure model' struct_ref_seq_dif            
6 5 'Structure model' chem_comp_atom                
7 5 'Structure model' chem_comp_bond                
8 5 'Structure model' pdbx_initial_refinement_model 
# 
loop_
_pdbx_audit_revision_item.ordinal 
_pdbx_audit_revision_item.revision_ordinal 
_pdbx_audit_revision_item.data_content_type 
_pdbx_audit_revision_item.item 
1 4 'Structure model' '_citation.journal_volume'            
2 4 'Structure model' '_citation.page_first'                
3 4 'Structure model' '_citation.page_last'                 
4 4 'Structure model' '_citation.year'                      
5 4 'Structure model' '_citation_author.name'               
6 4 'Structure model' '_database_2.pdbx_DOI'                
7 4 'Structure model' '_database_2.pdbx_database_accession' 
8 4 'Structure model' '_struct_ref_seq_dif.details'         
# 
loop_
_software.name 
_software.classification 
_software.version 
_software.citation_id 
_software.pdbx_ordinal 
PHASER   phasing          .   ? 1 
CNS      refinement       1.1 ? 2 
HKL-2000 'data reduction' .   ? 3 
HKL-2000 'data scaling'   .   ? 4 
# 
loop_
_pdbx_validate_torsion.id 
_pdbx_validate_torsion.PDB_model_num 
_pdbx_validate_torsion.auth_comp_id 
_pdbx_validate_torsion.auth_asym_id 
_pdbx_validate_torsion.auth_seq_id 
_pdbx_validate_torsion.PDB_ins_code 
_pdbx_validate_torsion.label_alt_id 
_pdbx_validate_torsion.phi 
_pdbx_validate_torsion.psi 
1 1 ASN A 14  ? ? -149.00 49.59  
2 1 PHE A 24  ? ? -62.19  6.05   
3 1 GLN A 69  ? ? -134.80 -42.47 
4 1 TYR A 209 ? ? -56.35  99.37  
# 
loop_
_pdbx_unobs_or_zero_occ_residues.id 
_pdbx_unobs_or_zero_occ_residues.PDB_model_num 
_pdbx_unobs_or_zero_occ_residues.polymer_flag 
_pdbx_unobs_or_zero_occ_residues.occupancy_flag 
_pdbx_unobs_or_zero_occ_residues.auth_asym_id 
_pdbx_unobs_or_zero_occ_residues.auth_comp_id 
_pdbx_unobs_or_zero_occ_residues.auth_seq_id 
_pdbx_unobs_or_zero_occ_residues.PDB_ins_code 
_pdbx_unobs_or_zero_occ_residues.label_asym_id 
_pdbx_unobs_or_zero_occ_residues.label_comp_id 
_pdbx_unobs_or_zero_occ_residues.label_seq_id 
1  1 Y 1 A ALA 11  ? A ALA 1   
2  1 Y 1 A HIS 12  ? A HIS 2   
3  1 Y 1 A ARG 60  ? A ARG 50  
4  1 Y 1 A ARG 61  ? A ARG 51  
5  1 Y 1 A GLY 62  ? A GLY 52  
6  1 Y 1 A ASP 63  ? A ASP 53  
7  1 Y 1 A GLN 64  ? A GLN 54  
8  1 Y 1 A SER 65  ? A SER 55  
9  1 Y 1 A LEU 103 ? A LEU 93  
10 1 Y 1 A ASP 104 ? A ASP 94  
11 1 Y 1 A SER 105 ? A SER 95  
12 1 Y 1 A ASP 106 ? A ASP 96  
13 1 Y 1 A SER 107 ? A SER 97  
14 1 Y 1 A GLY 108 ? A GLY 98  
15 1 Y 1 A ALA 109 ? A ALA 99  
16 1 Y 1 A SER 110 ? A SER 100 
17 1 Y 1 A SER 162 ? A SER 152 
18 1 Y 1 A THR 163 ? A THR 153 
19 1 Y 1 A ASN 164 ? A ASN 154 
20 1 Y 1 A SER 165 ? A SER 155 
21 1 Y 1 A SER 166 ? A SER 156 
22 1 Y 1 A LYS 167 ? A LYS 157 
23 1 Y 1 A HIS 168 ? A HIS 158 
24 1 Y 1 A SER 169 ? A SER 159 
25 1 Y 1 A SER 170 ? A SER 160 
26 1 Y 1 A SER 171 ? A SER 161 
27 1 Y 1 A GLU 172 ? A GLU 162 
28 1 Y 1 A LEU 173 ? A LEU 163 
29 1 Y 1 A ILE 174 ? A ILE 164 
30 1 Y 1 A SER 175 ? A SER 165 
31 1 Y 1 A GLU 176 ? A GLU 166 
32 1 Y 1 A SER 225 ? A SER 215 
33 1 Y 1 A GLN 226 ? A GLN 216 
34 1 Y 1 A LYS 227 ? A LYS 217 
35 1 Y 1 A SER 228 ? A SER 218 
36 1 Y 1 A LYS 229 ? A LYS 219 
37 1 Y 1 A ALA 230 ? A ALA 220 
38 1 Y 1 A ALA 231 ? A ALA 221 
39 1 Y 1 A ALA 232 ? A ALA 222 
40 1 Y 1 A ILE 233 ? A ILE 223 
41 1 Y 1 A ASN 234 ? A ASN 224 
42 1 Y 1 A PRO 235 ? A PRO 225 
43 1 Y 1 A PHE 236 ? A PHE 226 
44 1 Y 1 A PHE 237 ? A PHE 227 
45 1 Y 1 A VAL 238 ? A VAL 228 
46 1 Y 1 A PRO 239 ? A PRO 229 
47 1 Y 1 A ASN 240 ? A ASN 230 
48 1 Y 1 A ARG 241 ? A ARG 231 
49 1 Y 1 A LEU 242 ? A LEU 232 
50 1 Y 1 A GLY 243 ? A GLY 233 
51 1 Y 1 B SER 215 ? B SER 1   
52 1 Y 1 B LYS 246 ? B LYS 32  
53 1 Y 1 B ARG 247 ? B ARG 33  
54 1 Y 1 B GLN 248 ? B GLN 34  
55 1 Y 1 B ASN 249 ? B ASN 35  
56 1 Y 1 B VAL 250 ? B VAL 36  
# 
loop_
_chem_comp_atom.comp_id 
_chem_comp_atom.atom_id 
_chem_comp_atom.type_symbol 
_chem_comp_atom.pdbx_aromatic_flag 
_chem_comp_atom.pdbx_stereo_config 
_chem_comp_atom.pdbx_ordinal 
ALA N    N N N 1   
ALA CA   C N S 2   
ALA C    C N N 3   
ALA O    O N N 4   
ALA CB   C N N 5   
ALA OXT  O N N 6   
ALA H    H N N 7   
ALA H2   H N N 8   
ALA HA   H N N 9   
ALA HB1  H N N 10  
ALA HB2  H N N 11  
ALA HB3  H N N 12  
ALA HXT  H N N 13  
ARG N    N N N 14  
ARG CA   C N S 15  
ARG C    C N N 16  
ARG O    O N N 17  
ARG CB   C N N 18  
ARG CG   C N N 19  
ARG CD   C N N 20  
ARG NE   N N N 21  
ARG CZ   C N N 22  
ARG NH1  N N N 23  
ARG NH2  N N N 24  
ARG OXT  O N N 25  
ARG H    H N N 26  
ARG H2   H N N 27  
ARG HA   H N N 28  
ARG HB2  H N N 29  
ARG HB3  H N N 30  
ARG HG2  H N N 31  
ARG HG3  H N N 32  
ARG HD2  H N N 33  
ARG HD3  H N N 34  
ARG HE   H N N 35  
ARG HH11 H N N 36  
ARG HH12 H N N 37  
ARG HH21 H N N 38  
ARG HH22 H N N 39  
ARG HXT  H N N 40  
ASN N    N N N 41  
ASN CA   C N S 42  
ASN C    C N N 43  
ASN O    O N N 44  
ASN CB   C N N 45  
ASN CG   C N N 46  
ASN OD1  O N N 47  
ASN ND2  N N N 48  
ASN OXT  O N N 49  
ASN H    H N N 50  
ASN H2   H N N 51  
ASN HA   H N N 52  
ASN HB2  H N N 53  
ASN HB3  H N N 54  
ASN HD21 H N N 55  
ASN HD22 H N N 56  
ASN HXT  H N N 57  
ASP N    N N N 58  
ASP CA   C N S 59  
ASP C    C N N 60  
ASP O    O N N 61  
ASP CB   C N N 62  
ASP CG   C N N 63  
ASP OD1  O N N 64  
ASP OD2  O N N 65  
ASP OXT  O N N 66  
ASP H    H N N 67  
ASP H2   H N N 68  
ASP HA   H N N 69  
ASP HB2  H N N 70  
ASP HB3  H N N 71  
ASP HD2  H N N 72  
ASP HXT  H N N 73  
CYS N    N N N 74  
CYS CA   C N R 75  
CYS C    C N N 76  
CYS O    O N N 77  
CYS CB   C N N 78  
CYS SG   S N N 79  
CYS OXT  O N N 80  
CYS H    H N N 81  
CYS H2   H N N 82  
CYS HA   H N N 83  
CYS HB2  H N N 84  
CYS HB3  H N N 85  
CYS HG   H N N 86  
CYS HXT  H N N 87  
GLN N    N N N 88  
GLN CA   C N S 89  
GLN C    C N N 90  
GLN O    O N N 91  
GLN CB   C N N 92  
GLN CG   C N N 93  
GLN CD   C N N 94  
GLN OE1  O N N 95  
GLN NE2  N N N 96  
GLN OXT  O N N 97  
GLN H    H N N 98  
GLN H2   H N N 99  
GLN HA   H N N 100 
GLN HB2  H N N 101 
GLN HB3  H N N 102 
GLN HG2  H N N 103 
GLN HG3  H N N 104 
GLN HE21 H N N 105 
GLN HE22 H N N 106 
GLN HXT  H N N 107 
GLU N    N N N 108 
GLU CA   C N S 109 
GLU C    C N N 110 
GLU O    O N N 111 
GLU CB   C N N 112 
GLU CG   C N N 113 
GLU CD   C N N 114 
GLU OE1  O N N 115 
GLU OE2  O N N 116 
GLU OXT  O N N 117 
GLU H    H N N 118 
GLU H2   H N N 119 
GLU HA   H N N 120 
GLU HB2  H N N 121 
GLU HB3  H N N 122 
GLU HG2  H N N 123 
GLU HG3  H N N 124 
GLU HE2  H N N 125 
GLU HXT  H N N 126 
GLY N    N N N 127 
GLY CA   C N N 128 
GLY C    C N N 129 
GLY O    O N N 130 
GLY OXT  O N N 131 
GLY H    H N N 132 
GLY H2   H N N 133 
GLY HA2  H N N 134 
GLY HA3  H N N 135 
GLY HXT  H N N 136 
HIS N    N N N 137 
HIS CA   C N S 138 
HIS C    C N N 139 
HIS O    O N N 140 
HIS CB   C N N 141 
HIS CG   C Y N 142 
HIS ND1  N Y N 143 
HIS CD2  C Y N 144 
HIS CE1  C Y N 145 
HIS NE2  N Y N 146 
HIS OXT  O N N 147 
HIS H    H N N 148 
HIS H2   H N N 149 
HIS HA   H N N 150 
HIS HB2  H N N 151 
HIS HB3  H N N 152 
HIS HD1  H N N 153 
HIS HD2  H N N 154 
HIS HE1  H N N 155 
HIS HE2  H N N 156 
HIS HXT  H N N 157 
HOH O    O N N 158 
HOH H1   H N N 159 
HOH H2   H N N 160 
ILE N    N N N 161 
ILE CA   C N S 162 
ILE C    C N N 163 
ILE O    O N N 164 
ILE CB   C N S 165 
ILE CG1  C N N 166 
ILE CG2  C N N 167 
ILE CD1  C N N 168 
ILE OXT  O N N 169 
ILE H    H N N 170 
ILE H2   H N N 171 
ILE HA   H N N 172 
ILE HB   H N N 173 
ILE HG12 H N N 174 
ILE HG13 H N N 175 
ILE HG21 H N N 176 
ILE HG22 H N N 177 
ILE HG23 H N N 178 
ILE HD11 H N N 179 
ILE HD12 H N N 180 
ILE HD13 H N N 181 
ILE HXT  H N N 182 
LEU N    N N N 183 
LEU CA   C N S 184 
LEU C    C N N 185 
LEU O    O N N 186 
LEU CB   C N N 187 
LEU CG   C N N 188 
LEU CD1  C N N 189 
LEU CD2  C N N 190 
LEU OXT  O N N 191 
LEU H    H N N 192 
LEU H2   H N N 193 
LEU HA   H N N 194 
LEU HB2  H N N 195 
LEU HB3  H N N 196 
LEU HG   H N N 197 
LEU HD11 H N N 198 
LEU HD12 H N N 199 
LEU HD13 H N N 200 
LEU HD21 H N N 201 
LEU HD22 H N N 202 
LEU HD23 H N N 203 
LEU HXT  H N N 204 
LYS N    N N N 205 
LYS CA   C N S 206 
LYS C    C N N 207 
LYS O    O N N 208 
LYS CB   C N N 209 
LYS CG   C N N 210 
LYS CD   C N N 211 
LYS CE   C N N 212 
LYS NZ   N N N 213 
LYS OXT  O N N 214 
LYS H    H N N 215 
LYS H2   H N N 216 
LYS HA   H N N 217 
LYS HB2  H N N 218 
LYS HB3  H N N 219 
LYS HG2  H N N 220 
LYS HG3  H N N 221 
LYS HD2  H N N 222 
LYS HD3  H N N 223 
LYS HE2  H N N 224 
LYS HE3  H N N 225 
LYS HZ1  H N N 226 
LYS HZ2  H N N 227 
LYS HZ3  H N N 228 
LYS HXT  H N N 229 
MET N    N N N 230 
MET CA   C N S 231 
MET C    C N N 232 
MET O    O N N 233 
MET CB   C N N 234 
MET CG   C N N 235 
MET SD   S N N 236 
MET CE   C N N 237 
MET OXT  O N N 238 
MET H    H N N 239 
MET H2   H N N 240 
MET HA   H N N 241 
MET HB2  H N N 242 
MET HB3  H N N 243 
MET HG2  H N N 244 
MET HG3  H N N 245 
MET HE1  H N N 246 
MET HE2  H N N 247 
MET HE3  H N N 248 
MET HXT  H N N 249 
PHE N    N N N 250 
PHE CA   C N S 251 
PHE C    C N N 252 
PHE O    O N N 253 
PHE CB   C N N 254 
PHE CG   C Y N 255 
PHE CD1  C Y N 256 
PHE CD2  C Y N 257 
PHE CE1  C Y N 258 
PHE CE2  C Y N 259 
PHE CZ   C Y N 260 
PHE OXT  O N N 261 
PHE H    H N N 262 
PHE H2   H N N 263 
PHE HA   H N N 264 
PHE HB2  H N N 265 
PHE HB3  H N N 266 
PHE HD1  H N N 267 
PHE HD2  H N N 268 
PHE HE1  H N N 269 
PHE HE2  H N N 270 
PHE HZ   H N N 271 
PHE HXT  H N N 272 
PRO N    N N N 273 
PRO CA   C N S 274 
PRO C    C N N 275 
PRO O    O N N 276 
PRO CB   C N N 277 
PRO CG   C N N 278 
PRO CD   C N N 279 
PRO OXT  O N N 280 
PRO H    H N N 281 
PRO HA   H N N 282 
PRO HB2  H N N 283 
PRO HB3  H N N 284 
PRO HG2  H N N 285 
PRO HG3  H N N 286 
PRO HD2  H N N 287 
PRO HD3  H N N 288 
PRO HXT  H N N 289 
SER N    N N N 290 
SER CA   C N S 291 
SER C    C N N 292 
SER O    O N N 293 
SER CB   C N N 294 
SER OG   O N N 295 
SER OXT  O N N 296 
SER H    H N N 297 
SER H2   H N N 298 
SER HA   H N N 299 
SER HB2  H N N 300 
SER HB3  H N N 301 
SER HG   H N N 302 
SER HXT  H N N 303 
THR N    N N N 304 
THR CA   C N S 305 
THR C    C N N 306 
THR O    O N N 307 
THR CB   C N R 308 
THR OG1  O N N 309 
THR CG2  C N N 310 
THR OXT  O N N 311 
THR H    H N N 312 
THR H2   H N N 313 
THR HA   H N N 314 
THR HB   H N N 315 
THR HG1  H N N 316 
THR HG21 H N N 317 
THR HG22 H N N 318 
THR HG23 H N N 319 
THR HXT  H N N 320 
TYR N    N N N 321 
TYR CA   C N S 322 
TYR C    C N N 323 
TYR O    O N N 324 
TYR CB   C N N 325 
TYR CG   C Y N 326 
TYR CD1  C Y N 327 
TYR CD2  C Y N 328 
TYR CE1  C Y N 329 
TYR CE2  C Y N 330 
TYR CZ   C Y N 331 
TYR OH   O N N 332 
TYR OXT  O N N 333 
TYR H    H N N 334 
TYR H2   H N N 335 
TYR HA   H N N 336 
TYR HB2  H N N 337 
TYR HB3  H N N 338 
TYR HD1  H N N 339 
TYR HD2  H N N 340 
TYR HE1  H N N 341 
TYR HE2  H N N 342 
TYR HH   H N N 343 
TYR HXT  H N N 344 
VAL N    N N N 345 
VAL CA   C N S 346 
VAL C    C N N 347 
VAL O    O N N 348 
VAL CB   C N N 349 
VAL CG1  C N N 350 
VAL CG2  C N N 351 
VAL OXT  O N N 352 
VAL H    H N N 353 
VAL H2   H N N 354 
VAL HA   H N N 355 
VAL HB   H N N 356 
VAL HG11 H N N 357 
VAL HG12 H N N 358 
VAL HG13 H N N 359 
VAL HG21 H N N 360 
VAL HG22 H N N 361 
VAL HG23 H N N 362 
VAL HXT  H N N 363 
# 
loop_
_chem_comp_bond.comp_id 
_chem_comp_bond.atom_id_1 
_chem_comp_bond.atom_id_2 
_chem_comp_bond.value_order 
_chem_comp_bond.pdbx_aromatic_flag 
_chem_comp_bond.pdbx_stereo_config 
_chem_comp_bond.pdbx_ordinal 
ALA N   CA   sing N N 1   
ALA N   H    sing N N 2   
ALA N   H2   sing N N 3   
ALA CA  C    sing N N 4   
ALA CA  CB   sing N N 5   
ALA CA  HA   sing N N 6   
ALA C   O    doub N N 7   
ALA C   OXT  sing N N 8   
ALA CB  HB1  sing N N 9   
ALA CB  HB2  sing N N 10  
ALA CB  HB3  sing N N 11  
ALA OXT HXT  sing N N 12  
ARG N   CA   sing N N 13  
ARG N   H    sing N N 14  
ARG N   H2   sing N N 15  
ARG CA  C    sing N N 16  
ARG CA  CB   sing N N 17  
ARG CA  HA   sing N N 18  
ARG C   O    doub N N 19  
ARG C   OXT  sing N N 20  
ARG CB  CG   sing N N 21  
ARG CB  HB2  sing N N 22  
ARG CB  HB3  sing N N 23  
ARG CG  CD   sing N N 24  
ARG CG  HG2  sing N N 25  
ARG CG  HG3  sing N N 26  
ARG CD  NE   sing N N 27  
ARG CD  HD2  sing N N 28  
ARG CD  HD3  sing N N 29  
ARG NE  CZ   sing N N 30  
ARG NE  HE   sing N N 31  
ARG CZ  NH1  sing N N 32  
ARG CZ  NH2  doub N N 33  
ARG NH1 HH11 sing N N 34  
ARG NH1 HH12 sing N N 35  
ARG NH2 HH21 sing N N 36  
ARG NH2 HH22 sing N N 37  
ARG OXT HXT  sing N N 38  
ASN N   CA   sing N N 39  
ASN N   H    sing N N 40  
ASN N   H2   sing N N 41  
ASN CA  C    sing N N 42  
ASN CA  CB   sing N N 43  
ASN CA  HA   sing N N 44  
ASN C   O    doub N N 45  
ASN C   OXT  sing N N 46  
ASN CB  CG   sing N N 47  
ASN CB  HB2  sing N N 48  
ASN CB  HB3  sing N N 49  
ASN CG  OD1  doub N N 50  
ASN CG  ND2  sing N N 51  
ASN ND2 HD21 sing N N 52  
ASN ND2 HD22 sing N N 53  
ASN OXT HXT  sing N N 54  
ASP N   CA   sing N N 55  
ASP N   H    sing N N 56  
ASP N   H2   sing N N 57  
ASP CA  C    sing N N 58  
ASP CA  CB   sing N N 59  
ASP CA  HA   sing N N 60  
ASP C   O    doub N N 61  
ASP C   OXT  sing N N 62  
ASP CB  CG   sing N N 63  
ASP CB  HB2  sing N N 64  
ASP CB  HB3  sing N N 65  
ASP CG  OD1  doub N N 66  
ASP CG  OD2  sing N N 67  
ASP OD2 HD2  sing N N 68  
ASP OXT HXT  sing N N 69  
CYS N   CA   sing N N 70  
CYS N   H    sing N N 71  
CYS N   H2   sing N N 72  
CYS CA  C    sing N N 73  
CYS CA  CB   sing N N 74  
CYS CA  HA   sing N N 75  
CYS C   O    doub N N 76  
CYS C   OXT  sing N N 77  
CYS CB  SG   sing N N 78  
CYS CB  HB2  sing N N 79  
CYS CB  HB3  sing N N 80  
CYS SG  HG   sing N N 81  
CYS OXT HXT  sing N N 82  
GLN N   CA   sing N N 83  
GLN N   H    sing N N 84  
GLN N   H2   sing N N 85  
GLN CA  C    sing N N 86  
GLN CA  CB   sing N N 87  
GLN CA  HA   sing N N 88  
GLN C   O    doub N N 89  
GLN C   OXT  sing N N 90  
GLN CB  CG   sing N N 91  
GLN CB  HB2  sing N N 92  
GLN CB  HB3  sing N N 93  
GLN CG  CD   sing N N 94  
GLN CG  HG2  sing N N 95  
GLN CG  HG3  sing N N 96  
GLN CD  OE1  doub N N 97  
GLN CD  NE2  sing N N 98  
GLN NE2 HE21 sing N N 99  
GLN NE2 HE22 sing N N 100 
GLN OXT HXT  sing N N 101 
GLU N   CA   sing N N 102 
GLU N   H    sing N N 103 
GLU N   H2   sing N N 104 
GLU CA  C    sing N N 105 
GLU CA  CB   sing N N 106 
GLU CA  HA   sing N N 107 
GLU C   O    doub N N 108 
GLU C   OXT  sing N N 109 
GLU CB  CG   sing N N 110 
GLU CB  HB2  sing N N 111 
GLU CB  HB3  sing N N 112 
GLU CG  CD   sing N N 113 
GLU CG  HG2  sing N N 114 
GLU CG  HG3  sing N N 115 
GLU CD  OE1  doub N N 116 
GLU CD  OE2  sing N N 117 
GLU OE2 HE2  sing N N 118 
GLU OXT HXT  sing N N 119 
GLY N   CA   sing N N 120 
GLY N   H    sing N N 121 
GLY N   H2   sing N N 122 
GLY CA  C    sing N N 123 
GLY CA  HA2  sing N N 124 
GLY CA  HA3  sing N N 125 
GLY C   O    doub N N 126 
GLY C   OXT  sing N N 127 
GLY OXT HXT  sing N N 128 
HIS N   CA   sing N N 129 
HIS N   H    sing N N 130 
HIS N   H2   sing N N 131 
HIS CA  C    sing N N 132 
HIS CA  CB   sing N N 133 
HIS CA  HA   sing N N 134 
HIS C   O    doub N N 135 
HIS C   OXT  sing N N 136 
HIS CB  CG   sing N N 137 
HIS CB  HB2  sing N N 138 
HIS CB  HB3  sing N N 139 
HIS CG  ND1  sing Y N 140 
HIS CG  CD2  doub Y N 141 
HIS ND1 CE1  doub Y N 142 
HIS ND1 HD1  sing N N 143 
HIS CD2 NE2  sing Y N 144 
HIS CD2 HD2  sing N N 145 
HIS CE1 NE2  sing Y N 146 
HIS CE1 HE1  sing N N 147 
HIS NE2 HE2  sing N N 148 
HIS OXT HXT  sing N N 149 
HOH O   H1   sing N N 150 
HOH O   H2   sing N N 151 
ILE N   CA   sing N N 152 
ILE N   H    sing N N 153 
ILE N   H2   sing N N 154 
ILE CA  C    sing N N 155 
ILE CA  CB   sing N N 156 
ILE CA  HA   sing N N 157 
ILE C   O    doub N N 158 
ILE C   OXT  sing N N 159 
ILE CB  CG1  sing N N 160 
ILE CB  CG2  sing N N 161 
ILE CB  HB   sing N N 162 
ILE CG1 CD1  sing N N 163 
ILE CG1 HG12 sing N N 164 
ILE CG1 HG13 sing N N 165 
ILE CG2 HG21 sing N N 166 
ILE CG2 HG22 sing N N 167 
ILE CG2 HG23 sing N N 168 
ILE CD1 HD11 sing N N 169 
ILE CD1 HD12 sing N N 170 
ILE CD1 HD13 sing N N 171 
ILE OXT HXT  sing N N 172 
LEU N   CA   sing N N 173 
LEU N   H    sing N N 174 
LEU N   H2   sing N N 175 
LEU CA  C    sing N N 176 
LEU CA  CB   sing N N 177 
LEU CA  HA   sing N N 178 
LEU C   O    doub N N 179 
LEU C   OXT  sing N N 180 
LEU CB  CG   sing N N 181 
LEU CB  HB2  sing N N 182 
LEU CB  HB3  sing N N 183 
LEU CG  CD1  sing N N 184 
LEU CG  CD2  sing N N 185 
LEU CG  HG   sing N N 186 
LEU CD1 HD11 sing N N 187 
LEU CD1 HD12 sing N N 188 
LEU CD1 HD13 sing N N 189 
LEU CD2 HD21 sing N N 190 
LEU CD2 HD22 sing N N 191 
LEU CD2 HD23 sing N N 192 
LEU OXT HXT  sing N N 193 
LYS N   CA   sing N N 194 
LYS N   H    sing N N 195 
LYS N   H2   sing N N 196 
LYS CA  C    sing N N 197 
LYS CA  CB   sing N N 198 
LYS CA  HA   sing N N 199 
LYS C   O    doub N N 200 
LYS C   OXT  sing N N 201 
LYS CB  CG   sing N N 202 
LYS CB  HB2  sing N N 203 
LYS CB  HB3  sing N N 204 
LYS CG  CD   sing N N 205 
LYS CG  HG2  sing N N 206 
LYS CG  HG3  sing N N 207 
LYS CD  CE   sing N N 208 
LYS CD  HD2  sing N N 209 
LYS CD  HD3  sing N N 210 
LYS CE  NZ   sing N N 211 
LYS CE  HE2  sing N N 212 
LYS CE  HE3  sing N N 213 
LYS NZ  HZ1  sing N N 214 
LYS NZ  HZ2  sing N N 215 
LYS NZ  HZ3  sing N N 216 
LYS OXT HXT  sing N N 217 
MET N   CA   sing N N 218 
MET N   H    sing N N 219 
MET N   H2   sing N N 220 
MET CA  C    sing N N 221 
MET CA  CB   sing N N 222 
MET CA  HA   sing N N 223 
MET C   O    doub N N 224 
MET C   OXT  sing N N 225 
MET CB  CG   sing N N 226 
MET CB  HB2  sing N N 227 
MET CB  HB3  sing N N 228 
MET CG  SD   sing N N 229 
MET CG  HG2  sing N N 230 
MET CG  HG3  sing N N 231 
MET SD  CE   sing N N 232 
MET CE  HE1  sing N N 233 
MET CE  HE2  sing N N 234 
MET CE  HE3  sing N N 235 
MET OXT HXT  sing N N 236 
PHE N   CA   sing N N 237 
PHE N   H    sing N N 238 
PHE N   H2   sing N N 239 
PHE CA  C    sing N N 240 
PHE CA  CB   sing N N 241 
PHE CA  HA   sing N N 242 
PHE C   O    doub N N 243 
PHE C   OXT  sing N N 244 
PHE CB  CG   sing N N 245 
PHE CB  HB2  sing N N 246 
PHE CB  HB3  sing N N 247 
PHE CG  CD1  doub Y N 248 
PHE CG  CD2  sing Y N 249 
PHE CD1 CE1  sing Y N 250 
PHE CD1 HD1  sing N N 251 
PHE CD2 CE2  doub Y N 252 
PHE CD2 HD2  sing N N 253 
PHE CE1 CZ   doub Y N 254 
PHE CE1 HE1  sing N N 255 
PHE CE2 CZ   sing Y N 256 
PHE CE2 HE2  sing N N 257 
PHE CZ  HZ   sing N N 258 
PHE OXT HXT  sing N N 259 
PRO N   CA   sing N N 260 
PRO N   CD   sing N N 261 
PRO N   H    sing N N 262 
PRO CA  C    sing N N 263 
PRO CA  CB   sing N N 264 
PRO CA  HA   sing N N 265 
PRO C   O    doub N N 266 
PRO C   OXT  sing N N 267 
PRO CB  CG   sing N N 268 
PRO CB  HB2  sing N N 269 
PRO CB  HB3  sing N N 270 
PRO CG  CD   sing N N 271 
PRO CG  HG2  sing N N 272 
PRO CG  HG3  sing N N 273 
PRO CD  HD2  sing N N 274 
PRO CD  HD3  sing N N 275 
PRO OXT HXT  sing N N 276 
SER N   CA   sing N N 277 
SER N   H    sing N N 278 
SER N   H2   sing N N 279 
SER CA  C    sing N N 280 
SER CA  CB   sing N N 281 
SER CA  HA   sing N N 282 
SER C   O    doub N N 283 
SER C   OXT  sing N N 284 
SER CB  OG   sing N N 285 
SER CB  HB2  sing N N 286 
SER CB  HB3  sing N N 287 
SER OG  HG   sing N N 288 
SER OXT HXT  sing N N 289 
THR N   CA   sing N N 290 
THR N   H    sing N N 291 
THR N   H2   sing N N 292 
THR CA  C    sing N N 293 
THR CA  CB   sing N N 294 
THR CA  HA   sing N N 295 
THR C   O    doub N N 296 
THR C   OXT  sing N N 297 
THR CB  OG1  sing N N 298 
THR CB  CG2  sing N N 299 
THR CB  HB   sing N N 300 
THR OG1 HG1  sing N N 301 
THR CG2 HG21 sing N N 302 
THR CG2 HG22 sing N N 303 
THR CG2 HG23 sing N N 304 
THR OXT HXT  sing N N 305 
TYR N   CA   sing N N 306 
TYR N   H    sing N N 307 
TYR N   H2   sing N N 308 
TYR CA  C    sing N N 309 
TYR CA  CB   sing N N 310 
TYR CA  HA   sing N N 311 
TYR C   O    doub N N 312 
TYR C   OXT  sing N N 313 
TYR CB  CG   sing N N 314 
TYR CB  HB2  sing N N 315 
TYR CB  HB3  sing N N 316 
TYR CG  CD1  doub Y N 317 
TYR CG  CD2  sing Y N 318 
TYR CD1 CE1  sing Y N 319 
TYR CD1 HD1  sing N N 320 
TYR CD2 CE2  doub Y N 321 
TYR CD2 HD2  sing N N 322 
TYR CE1 CZ   doub Y N 323 
TYR CE1 HE1  sing N N 324 
TYR CE2 CZ   sing Y N 325 
TYR CE2 HE2  sing N N 326 
TYR CZ  OH   sing N N 327 
TYR OH  HH   sing N N 328 
TYR OXT HXT  sing N N 329 
VAL N   CA   sing N N 330 
VAL N   H    sing N N 331 
VAL N   H2   sing N N 332 
VAL CA  C    sing N N 333 
VAL CA  CB   sing N N 334 
VAL CA  HA   sing N N 335 
VAL C   O    doub N N 336 
VAL C   OXT  sing N N 337 
VAL CB  CG1  sing N N 338 
VAL CB  CG2  sing N N 339 
VAL CB  HB   sing N N 340 
VAL CG1 HG11 sing N N 341 
VAL CG1 HG12 sing N N 342 
VAL CG1 HG13 sing N N 343 
VAL CG2 HG21 sing N N 344 
VAL CG2 HG22 sing N N 345 
VAL CG2 HG23 sing N N 346 
VAL OXT HXT  sing N N 347 
# 
_pdbx_entity_nonpoly.entity_id   3 
_pdbx_entity_nonpoly.name        water 
_pdbx_entity_nonpoly.comp_id     HOH 
# 
_pdbx_initial_refinement_model.id               1 
_pdbx_initial_refinement_model.entity_id_list   ? 
_pdbx_initial_refinement_model.type             'experimental model' 
_pdbx_initial_refinement_model.source_name      PDB 
_pdbx_initial_refinement_model.accession_code   3OIP 
_pdbx_initial_refinement_model.details          'PDB ENTRY 3OIP' 
# 
